data_7W0D
#
_entry.id   7W0D
#
_cell.length_a   1.00
_cell.length_b   1.00
_cell.length_c   1.00
_cell.angle_alpha   90.00
_cell.angle_beta   90.00
_cell.angle_gamma   90.00
#
_symmetry.space_group_name_H-M   'P 1'
#
loop_
_entity.id
_entity.type
_entity.pdbx_description
1 polymer 'Loquacious, isoform D'
2 polymer dsRNA
3 polymer 'Dicer-2, isoform A'
4 non-polymer 'MAGNESIUM ION'
5 non-polymer "ADENOSINE-5'-DIPHOSPHATE"
#
loop_
_entity_poly.entity_id
_entity_poly.type
_entity_poly.pdbx_seq_one_letter_code
_entity_poly.pdbx_strand_id
1 'polypeptide(L)'
;MDQENFHGSSLPQQLQNLHIQPQQASPNPVQTGFAPRRHYNNLVGLGNGNAVSGSPVKGAPLGQRHVKLKKEKISAQVAQ
LSQPGQLQLSDVGDPALAGGSGLQGGVGLMGVILPSDEALKFVSETDANGLAMKTPVSILQELLSRRGITPGYELVQIEG
AIHEPTFRFRVSFKDKDTPFTAMGAGRSKKEAKHAAARALIDKLIGAQLPESPSSSAGPSVTGLTVAGSGGDGNANATGG
GDASDKTVGNPIGWLQEMCMQRRWPPPSYETETEVGLPHERLFTIACSILNYREMGKGKSKKIAKRLAAHRMWMRLQETP
IDSGKISDSICGELEGEVSIIQDIDRYEQVSKDFEFIKI
;
B,G
2 'polyribonucleotide' GAGACUUGGGCAAUGUGACUGCUGAUCAGCAGUCACAUUGCCCAAGUCUCUU D,C
3 'polypeptide(L)'
;MEDVEIKPRGYQLRLVDHLTKSNGIVYLPTGSGKTFVAILVLKRFSQDFDKPIESGGKRALFMCNTVELARQQAMAVRRC
TNFKVGFYVGEQGVDDWTRGMWSDEIKKNQVLVGTAQVFLDMVTQTYVALSSLSVVIIDECHHGTGHHPFREFMRLFTIA
NQTKLPRVVGLTGVLIKGNEITNVATKLKELEITYRGNIITVSDTKEMENVMLYATKPTEVMVSFPHQEQVLTVTRLISA
EIEKFYVSLDLMNIGVQPIRRSKSLQCLRDPSKKSFVKQLFNDFLYQMKEYGIYAASIAIISLIVEFDIKRRQAETLSVK
LMHRTALTLCEKIRHLLVQKLQDMTYDDDDDNVNTEEVIMNFSTPKVQRFLMSLKVSFADKDPKDICCLVFVERRYTCKC
IYGLLLNYIQSTPELRNVLTPQFMVGRNNISPDFESVLERKWQKSAIQQFRDGNANLMICSSVLEEGIDVQACNHVFILD
PVKTFNMYVQSKGRARTTEAKFVLFTADKEREKTIQQIYQYRKAHNDIAEYLKDRVLEKTEPELYEIKGHFQDDIDPFTN
ENGAVLLPNNALAILHRYCQTIPTDAFGFVIPWFHVLQEDERDRIFGVSAKGKHVISINMPVNCMLRDTIYSDPMDNVKT
AKISAAFKACKVLYSLGELNERFVPKTLKERVASIADVHFEHWNKYGDSVTATVNKADKSKDRTYKTECPLEFYDALPRV
GEICYAYEIFLEPQFESCEYTEHMYLNLQTPRNYAILLRNKLPRLAEMPLFSNQGKLHVRVANAPLEVIIQNSEQLELLH
QFHGMVFRDILKIWHPFFVLDRRSKENSYLVVPLILGAGEQKCFDWELMTNFRRLPQSHGSNVQQREQQPAPRPEDFEGK
IVTQWYANYDKPMLVTKVHRELTPLSYMEKNQQDKTYYEFTMSKYGNRIGDVVHKDKFMIEVRDLTEQLTFYVHNRGKFN
AKSKAKMKVILIPELCFNFNFPGDLWLKLIFLPSILNRMYFLLHAEALRKRFNTYLNLHLLPFNGTDYMPRPLEIDYSLK
RNVDPLGNVIPTEDIEEPKSLLEPMPTKSIEASVANLEITEFENPWQKYMEPVDLSRNLLSTYPVELDYYYHFSVGNVCE
MNEMDFEDKEYWAKNQFHMPTGNIYGNRTPAKTNANVPALMPSKPTVRGKVKPLLILQKTVSKEHITPAEQGEFLAAITA
SSAADVFDMERLEILGNSFLKLSATLYLASKYSDWNEGTLTEVKSKLVSNRNLLFCLIDADIPKTLNTIQFTPRYTWLPP
GISLPHNVLALWRENPEFAKIIGPHNLRDLALGDEESLVKGNCSDINYNRFVEGCRANGQSFYAGADFSSEVNFCVGLVT
IPNKVIADTLEALLGVIVKNYGLQHAFKMLEYFKICRADIDKPLTQLLNLELGGKKMRANVNTTEIDGFLINHYYLEKNL
GYTFKDRRYLLQALTHPSYPTNRITGSYQELEFIGNAILDFLISAYIFENNTKMNPGALTDLRSALVNNTTLACICVRHR
LHFFILAENAKLSEIISKFVNFQESQGHRVTNYVRILLEEADVQPTPLDLDDELDMTELPHANKCISQEAEKGVPPKGEF
NMSTNVDVPKALGDVLEALIAAVYLDCRDLQRTWEVIFNLFEPELQEFTRKVPINHIRQLVEHKHAKPVFSSPIVEGETV
MVSCQFTCMEKTIKVYGFGSNKDQAKLSAAKHALQQLSKCDA
;
A,F
#
loop_
_chem_comp.id
_chem_comp.type
_chem_comp.name
_chem_comp.formula
A RNA linking ADENOSINE-5'-MONOPHOSPHATE 'C10 H14 N5 O7 P'
ADP non-polymer ADENOSINE-5'-DIPHOSPHATE 'C10 H15 N5 O10 P2'
C RNA linking CYTIDINE-5'-MONOPHOSPHATE 'C9 H14 N3 O8 P'
G RNA linking GUANOSINE-5'-MONOPHOSPHATE 'C10 H14 N5 O8 P'
MG non-polymer 'MAGNESIUM ION' 'Mg 2'
U RNA linking URIDINE-5'-MONOPHOSPHATE 'C9 H13 N2 O9 P'
#
# COMPACT_ATOMS: atom_id res chain seq x y z
N ILE A 344 -40.60 -30.97 -8.55
CA ILE A 344 -40.84 -31.64 -9.83
C ILE A 344 -40.19 -33.01 -9.80
N ASP A 345 -39.37 -33.25 -8.77
CA ASP A 345 -38.61 -34.49 -8.63
C ASP A 345 -37.66 -34.66 -9.81
N ARG A 346 -38.21 -34.83 -11.01
CA ARG A 346 -37.43 -34.99 -12.22
C ARG A 346 -37.59 -33.77 -13.11
N TYR A 347 -36.46 -33.19 -13.52
CA TYR A 347 -36.49 -32.12 -14.51
C TYR A 347 -37.06 -32.66 -15.82
N GLU A 348 -38.06 -31.98 -16.37
CA GLU A 348 -38.64 -32.41 -17.62
C GLU A 348 -37.59 -32.37 -18.74
N GLN A 349 -37.64 -33.37 -19.61
CA GLN A 349 -36.62 -33.51 -20.64
C GLN A 349 -36.89 -32.58 -21.82
N VAL A 350 -35.82 -31.97 -22.32
CA VAL A 350 -35.89 -31.13 -23.51
C VAL A 350 -36.11 -32.01 -24.73
N SER A 351 -36.43 -31.38 -25.86
CA SER A 351 -36.64 -32.13 -27.10
C SER A 351 -35.36 -32.82 -27.51
N LYS A 352 -35.42 -34.14 -27.69
CA LYS A 352 -34.26 -34.89 -28.15
C LYS A 352 -33.80 -34.39 -29.51
N ASP A 353 -34.74 -34.18 -30.43
CA ASP A 353 -34.44 -33.60 -31.73
C ASP A 353 -34.42 -32.08 -31.64
N PHE A 354 -33.31 -31.48 -32.07
CA PHE A 354 -33.17 -30.03 -32.12
C PHE A 354 -31.98 -29.70 -33.00
N GLU A 355 -32.13 -28.64 -33.80
CA GLU A 355 -31.11 -28.22 -34.76
C GLU A 355 -30.73 -26.78 -34.48
N PHE A 356 -29.67 -26.32 -35.14
CA PHE A 356 -29.08 -25.01 -34.87
C PHE A 356 -29.68 -24.00 -35.85
N ILE A 357 -30.50 -23.09 -35.34
CA ILE A 357 -31.07 -22.04 -36.19
C ILE A 357 -30.00 -21.00 -36.47
N LYS A 358 -30.10 -20.38 -37.65
CA LYS A 358 -29.08 -19.43 -38.11
C LYS A 358 -29.60 -18.01 -37.96
N ILE A 359 -28.83 -17.17 -37.27
CA ILE A 359 -29.21 -15.77 -37.08
C ILE A 359 -29.11 -15.02 -38.40
N TYR C 347 -18.43 39.39 -11.28
CA TYR C 347 -19.77 39.62 -11.81
C TYR C 347 -19.78 40.86 -12.70
N GLU C 348 -19.14 40.76 -13.86
CA GLU C 348 -18.91 41.88 -14.75
C GLU C 348 -19.83 41.81 -15.96
N GLN C 349 -19.60 42.70 -16.93
CA GLN C 349 -20.48 42.85 -18.08
C GLN C 349 -20.05 41.89 -19.20
N VAL C 350 -20.60 42.11 -20.39
CA VAL C 350 -20.39 41.25 -21.54
C VAL C 350 -19.76 42.07 -22.66
N SER C 351 -18.94 41.40 -23.47
CA SER C 351 -18.46 42.02 -24.69
C SER C 351 -19.64 42.39 -25.59
N LYS C 352 -19.62 43.60 -26.12
CA LYS C 352 -20.73 44.10 -26.92
C LYS C 352 -20.92 43.33 -28.22
N ASP C 353 -19.91 42.59 -28.67
CA ASP C 353 -19.97 41.84 -29.91
C ASP C 353 -20.18 40.36 -29.60
N PHE C 354 -21.03 39.71 -30.39
CA PHE C 354 -21.27 38.29 -30.28
C PHE C 354 -21.41 37.71 -31.68
N GLU C 355 -21.17 36.40 -31.80
CA GLU C 355 -21.12 35.74 -33.09
C GLU C 355 -22.45 35.05 -33.37
N PHE C 356 -23.08 35.41 -34.49
CA PHE C 356 -24.38 34.88 -34.88
C PHE C 356 -24.18 33.78 -35.92
N ILE C 357 -23.64 32.65 -35.45
CA ILE C 357 -23.17 31.62 -36.37
C ILE C 357 -24.36 30.85 -36.98
N LYS C 358 -24.07 30.17 -38.09
CA LYS C 358 -25.04 29.36 -38.81
C LYS C 358 -24.83 27.89 -38.46
N ILE C 359 -25.88 27.22 -38.02
CA ILE C 359 -25.80 25.81 -37.68
C ILE C 359 -26.81 24.99 -38.46
N GLU D 2 11.69 -16.86 -34.78
CA GLU D 2 11.56 -17.15 -36.21
C GLU D 2 12.76 -16.63 -36.99
N ASP D 3 12.56 -16.38 -38.28
CA ASP D 3 13.62 -15.91 -39.15
C ASP D 3 12.99 -14.93 -40.15
N VAL D 4 13.72 -14.59 -41.21
CA VAL D 4 13.35 -13.51 -42.10
C VAL D 4 12.39 -13.96 -43.21
N GLU D 5 11.87 -15.19 -43.12
CA GLU D 5 10.89 -15.59 -44.14
C GLU D 5 9.54 -14.90 -43.97
N ILE D 6 9.42 -13.98 -43.02
CA ILE D 6 8.18 -13.24 -42.79
C ILE D 6 8.08 -12.16 -43.86
N LYS D 7 7.08 -12.28 -44.73
CA LYS D 7 6.91 -11.37 -45.86
C LYS D 7 5.67 -10.51 -45.66
N PRO D 8 5.79 -9.19 -45.62
CA PRO D 8 4.63 -8.34 -45.38
C PRO D 8 3.57 -8.49 -46.48
N ARG D 9 2.31 -8.39 -46.07
CA ARG D 9 1.19 -8.46 -46.99
C ARG D 9 0.98 -7.12 -47.68
N GLY D 10 -0.08 -7.05 -48.50
CA GLY D 10 -0.34 -5.84 -49.27
C GLY D 10 -0.84 -4.67 -48.46
N TYR D 11 -1.43 -4.92 -47.28
CA TYR D 11 -1.92 -3.84 -46.44
C TYR D 11 -0.94 -3.41 -45.37
N GLN D 12 -0.07 -4.33 -44.92
CA GLN D 12 0.93 -3.98 -43.91
C GLN D 12 1.92 -2.96 -44.44
N LEU D 13 2.34 -3.09 -45.70
CA LEU D 13 3.34 -2.18 -46.25
C LEU D 13 2.82 -0.75 -46.29
N ARG D 14 1.59 -0.55 -46.78
CA ARG D 14 1.04 0.80 -46.81
C ARG D 14 0.75 1.31 -45.40
N LEU D 15 0.39 0.40 -44.48
CA LEU D 15 0.15 0.81 -43.11
C LEU D 15 1.42 1.37 -42.46
N VAL D 16 2.53 0.64 -42.59
CA VAL D 16 3.78 1.11 -42.02
C VAL D 16 4.27 2.36 -42.75
N ASP D 17 4.06 2.41 -44.07
CA ASP D 17 4.46 3.59 -44.83
C ASP D 17 3.73 4.84 -44.34
N HIS D 18 2.42 4.73 -44.07
CA HIS D 18 1.68 5.87 -43.56
C HIS D 18 2.08 6.18 -42.12
N LEU D 19 2.25 5.16 -41.29
CA LEU D 19 2.61 5.39 -39.89
C LEU D 19 3.97 6.06 -39.76
N THR D 20 4.87 5.83 -40.71
CA THR D 20 6.14 6.55 -40.71
C THR D 20 5.91 8.06 -40.87
N LYS D 21 5.00 8.45 -41.77
CA LYS D 21 4.77 9.86 -42.02
C LYS D 21 4.10 10.54 -40.83
N SER D 22 3.09 9.91 -40.24
CA SER D 22 2.31 10.57 -39.20
C SER D 22 1.88 9.54 -38.16
N ASN D 23 1.56 10.06 -36.98
CA ASN D 23 1.03 9.22 -35.90
C ASN D 23 -0.39 8.79 -36.24
N GLY D 24 -0.74 7.58 -35.78
CA GLY D 24 -2.07 7.06 -36.03
C GLY D 24 -2.30 5.76 -35.29
N ILE D 25 -3.57 5.37 -35.22
CA ILE D 25 -4.00 4.15 -34.59
C ILE D 25 -4.48 3.18 -35.68
N VAL D 26 -4.08 1.93 -35.58
CA VAL D 26 -4.49 0.90 -36.52
C VAL D 26 -5.69 0.17 -35.94
N TYR D 27 -6.60 -0.25 -36.82
CA TYR D 27 -7.82 -0.95 -36.43
C TYR D 27 -8.02 -2.09 -37.42
N LEU D 28 -7.51 -3.26 -37.09
CA LEU D 28 -7.61 -4.44 -37.94
C LEU D 28 -8.19 -5.59 -37.12
N PRO D 29 -8.90 -6.51 -37.78
CA PRO D 29 -9.46 -7.66 -37.05
C PRO D 29 -8.36 -8.51 -36.45
N THR D 30 -8.71 -9.18 -35.33
CA THR D 30 -7.73 -10.02 -34.64
C THR D 30 -7.23 -11.12 -35.57
N GLY D 31 -5.94 -11.41 -35.46
CA GLY D 31 -5.31 -12.42 -36.31
C GLY D 31 -4.94 -11.95 -37.69
N SER D 32 -5.07 -10.65 -37.98
CA SER D 32 -4.70 -10.11 -39.27
C SER D 32 -3.23 -9.70 -39.35
N GLY D 33 -2.41 -10.17 -38.41
CA GLY D 33 -1.00 -9.84 -38.43
C GLY D 33 -0.69 -8.38 -38.18
N LYS D 34 -1.46 -7.72 -37.31
CA LYS D 34 -1.20 -6.31 -37.04
C LYS D 34 0.01 -6.13 -36.13
N THR D 35 0.29 -7.09 -35.25
CA THR D 35 1.51 -7.00 -34.46
C THR D 35 2.74 -7.14 -35.35
N PHE D 36 2.63 -7.85 -36.47
CA PHE D 36 3.74 -7.97 -37.39
C PHE D 36 4.05 -6.64 -38.06
N VAL D 37 3.02 -5.92 -38.53
CA VAL D 37 3.26 -4.60 -39.10
C VAL D 37 3.71 -3.63 -38.00
N ALA D 38 3.28 -3.84 -36.76
CA ALA D 38 3.81 -3.05 -35.66
C ALA D 38 5.31 -3.29 -35.50
N ILE D 39 5.75 -4.55 -35.64
CA ILE D 39 7.17 -4.85 -35.61
C ILE D 39 7.90 -4.13 -36.72
N LEU D 40 7.35 -4.17 -37.94
CA LEU D 40 7.96 -3.44 -39.05
C LEU D 40 8.05 -1.95 -38.76
N VAL D 41 7.02 -1.39 -38.11
CA VAL D 41 7.10 0.00 -37.67
C VAL D 41 8.27 0.18 -36.71
N LEU D 42 8.44 -0.78 -35.79
CA LEU D 42 9.59 -0.74 -34.89
C LEU D 42 10.91 -0.86 -35.65
N LYS D 43 10.87 -1.40 -36.86
CA LYS D 43 12.07 -1.54 -37.69
C LYS D 43 12.36 -0.29 -38.51
N ARG D 44 11.54 0.75 -38.41
CA ARG D 44 11.79 2.01 -39.09
C ARG D 44 12.17 3.13 -38.14
N PHE D 45 12.17 2.87 -36.83
CA PHE D 45 12.50 3.87 -35.83
C PHE D 45 13.63 3.40 -34.92
N SER D 46 14.53 2.58 -35.47
CA SER D 46 15.63 2.00 -34.72
C SER D 46 16.96 2.72 -34.96
N GLN D 47 16.92 3.90 -35.56
CA GLN D 47 18.16 4.61 -35.91
C GLN D 47 18.97 4.96 -34.66
N ASP D 48 18.30 5.35 -33.59
CA ASP D 48 18.98 5.79 -32.38
C ASP D 48 19.08 4.71 -31.32
N PHE D 49 18.77 3.45 -31.66
CA PHE D 49 18.80 2.38 -30.66
C PHE D 49 20.22 2.12 -30.16
N ASP D 50 21.20 2.12 -31.07
CA ASP D 50 22.54 1.65 -30.73
C ASP D 50 23.24 2.58 -29.75
N LYS D 51 23.24 3.88 -30.03
CA LYS D 51 24.05 4.80 -29.25
C LYS D 51 23.49 4.98 -27.84
N PRO D 52 24.35 5.29 -26.88
CA PRO D 52 23.86 5.55 -25.50
C PRO D 52 23.01 6.80 -25.44
N ILE D 53 22.39 6.99 -24.28
CA ILE D 53 21.37 8.04 -24.11
C ILE D 53 21.99 9.42 -24.30
N GLU D 54 23.09 9.69 -23.60
CA GLU D 54 23.67 11.04 -23.63
C GLU D 54 24.36 11.34 -24.95
N SER D 55 24.92 10.32 -25.60
CA SER D 55 25.58 10.52 -26.89
C SER D 55 24.62 10.89 -28.00
N GLY D 56 23.31 10.76 -27.77
CA GLY D 56 22.31 11.02 -28.79
C GLY D 56 21.47 9.80 -29.16
N GLY D 57 21.77 8.63 -28.62
CA GLY D 57 20.95 7.46 -28.88
C GLY D 57 19.67 7.47 -28.09
N LYS D 58 18.76 6.58 -28.48
CA LYS D 58 17.43 6.50 -27.88
C LYS D 58 17.03 5.04 -27.78
N ARG D 59 15.78 4.81 -27.37
CA ARG D 59 15.20 3.47 -27.31
C ARG D 59 13.76 3.58 -27.77
N ALA D 60 13.00 2.51 -27.55
CA ALA D 60 11.59 2.49 -27.88
C ALA D 60 10.85 1.68 -26.83
N LEU D 61 9.64 2.12 -26.51
CA LEU D 61 8.81 1.46 -25.52
C LEU D 61 7.64 0.78 -26.22
N PHE D 62 7.53 -0.52 -26.03
CA PHE D 62 6.33 -1.25 -26.43
C PHE D 62 5.46 -1.41 -25.20
N MET D 63 4.15 -1.26 -25.39
CA MET D 63 3.22 -1.14 -24.29
C MET D 63 2.29 -2.35 -24.26
N CYS D 64 1.85 -2.70 -23.05
CA CYS D 64 0.90 -3.78 -22.86
C CYS D 64 0.06 -3.49 -21.63
N ASN D 65 -1.11 -4.14 -21.56
CA ASN D 65 -1.98 -3.98 -20.40
C ASN D 65 -1.75 -5.02 -19.32
N THR D 66 -1.42 -6.25 -19.69
CA THR D 66 -1.28 -7.34 -18.75
C THR D 66 0.09 -8.00 -18.88
N VAL D 67 0.48 -8.71 -17.82
CA VAL D 67 1.83 -9.27 -17.74
C VAL D 67 2.04 -10.34 -18.80
N GLU D 68 1.07 -11.27 -18.92
CA GLU D 68 1.27 -12.43 -19.78
C GLU D 68 1.34 -12.03 -21.26
N LEU D 69 0.46 -11.13 -21.69
CA LEU D 69 0.54 -10.64 -23.06
C LEU D 69 1.85 -9.89 -23.30
N ALA D 70 2.30 -9.14 -22.30
CA ALA D 70 3.59 -8.45 -22.42
C ALA D 70 4.72 -9.44 -22.64
N ARG D 71 4.75 -10.52 -21.85
CA ARG D 71 5.80 -11.52 -22.00
C ARG D 71 5.73 -12.20 -23.36
N GLN D 72 4.51 -12.59 -23.77
CA GLN D 72 4.36 -13.29 -25.05
C GLN D 72 4.82 -12.41 -26.20
N GLN D 73 4.37 -11.15 -26.23
CA GLN D 73 4.81 -10.25 -27.28
C GLN D 73 6.30 -9.94 -27.16
N ALA D 74 6.86 -10.03 -25.96
CA ALA D 74 8.30 -9.83 -25.79
C ALA D 74 9.08 -10.95 -26.48
N MET D 75 8.70 -12.20 -26.25
CA MET D 75 9.33 -13.28 -27.01
C MET D 75 9.07 -13.13 -28.50
N ALA D 76 7.87 -12.66 -28.88
CA ALA D 76 7.55 -12.48 -30.29
C ALA D 76 8.50 -11.48 -30.95
N VAL D 77 8.67 -10.31 -30.34
CA VAL D 77 9.55 -9.30 -30.93
C VAL D 77 11.00 -9.76 -30.88
N ARG D 78 11.39 -10.46 -29.81
CA ARG D 78 12.77 -10.97 -29.73
C ARG D 78 13.07 -11.95 -30.84
N ARG D 79 12.13 -12.86 -31.13
CA ARG D 79 12.36 -13.84 -32.18
C ARG D 79 12.16 -13.25 -33.57
N CYS D 80 11.43 -12.15 -33.68
CA CYS D 80 11.19 -11.53 -34.98
C CYS D 80 12.24 -10.48 -35.35
N THR D 81 12.99 -9.98 -34.38
CA THR D 81 14.00 -8.95 -34.63
C THR D 81 15.36 -9.42 -34.11
N ASN D 82 16.32 -8.51 -34.14
CA ASN D 82 17.68 -8.76 -33.66
C ASN D 82 18.13 -7.66 -32.72
N PHE D 83 17.25 -7.27 -31.79
CA PHE D 83 17.51 -6.20 -30.85
C PHE D 83 17.45 -6.74 -29.43
N LYS D 84 18.19 -6.09 -28.53
CA LYS D 84 18.18 -6.44 -27.12
C LYS D 84 16.88 -5.93 -26.51
N VAL D 85 15.89 -6.81 -26.39
CA VAL D 85 14.55 -6.45 -25.95
C VAL D 85 14.49 -6.60 -24.44
N GLY D 86 14.35 -5.47 -23.74
CA GLY D 86 14.22 -5.48 -22.29
C GLY D 86 12.79 -5.72 -21.87
N PHE D 87 12.59 -6.70 -21.00
CA PHE D 87 11.27 -7.06 -20.48
C PHE D 87 11.25 -6.80 -18.99
N TYR D 88 10.30 -5.97 -18.55
CA TYR D 88 10.20 -5.57 -17.14
C TYR D 88 8.73 -5.46 -16.75
N VAL D 89 8.38 -6.01 -15.59
CA VAL D 89 7.04 -5.89 -15.03
C VAL D 89 7.16 -5.57 -13.55
N GLY D 90 6.01 -5.35 -12.92
CA GLY D 90 6.01 -5.01 -11.50
C GLY D 90 6.52 -6.13 -10.61
N GLU D 91 6.10 -7.36 -10.90
CA GLU D 91 6.54 -8.50 -10.11
C GLU D 91 7.98 -8.90 -10.41
N GLN D 92 8.53 -8.45 -11.55
CA GLN D 92 9.90 -8.78 -11.92
C GLN D 92 10.91 -8.30 -10.88
N GLY D 93 10.59 -7.25 -10.13
CA GLY D 93 11.45 -6.74 -9.11
C GLY D 93 12.12 -5.40 -9.40
N VAL D 94 11.56 -4.59 -10.30
CA VAL D 94 12.14 -3.29 -10.64
C VAL D 94 11.67 -2.25 -9.65
N ASP D 95 10.89 -2.67 -8.65
CA ASP D 95 10.37 -1.74 -7.65
C ASP D 95 11.50 -1.12 -6.82
N ASP D 96 12.50 -1.92 -6.45
CA ASP D 96 13.60 -1.46 -5.60
C ASP D 96 14.84 -1.11 -6.41
N TRP D 97 14.72 -0.99 -7.72
CA TRP D 97 15.87 -0.68 -8.56
C TRP D 97 16.32 0.76 -8.36
N THR D 98 17.57 0.95 -7.98
CA THR D 98 18.12 2.27 -7.76
C THR D 98 18.50 2.90 -9.10
N ARG D 99 19.13 4.07 -9.03
CA ARG D 99 19.44 4.83 -10.25
C ARG D 99 20.42 4.08 -11.14
N GLY D 100 21.49 3.51 -10.55
CA GLY D 100 22.50 2.85 -11.35
C GLY D 100 22.01 1.59 -12.03
N MET D 101 21.28 0.75 -11.29
CA MET D 101 20.76 -0.50 -11.83
C MET D 101 19.42 -0.32 -12.54
N TRP D 102 19.00 0.93 -12.73
CA TRP D 102 18.07 1.29 -13.79
C TRP D 102 18.79 1.76 -15.04
N SER D 103 19.84 2.58 -14.84
CA SER D 103 20.59 3.14 -15.96
C SER D 103 21.27 2.04 -16.77
N ASP D 104 21.78 1.01 -16.10
CA ASP D 104 22.42 -0.07 -16.83
C ASP D 104 21.43 -0.74 -17.78
N GLU D 105 20.23 -1.03 -17.29
CA GLU D 105 19.20 -1.62 -18.14
C GLU D 105 18.79 -0.69 -19.26
N ILE D 106 18.68 0.61 -18.98
CA ILE D 106 18.30 1.57 -20.00
C ILE D 106 19.37 1.61 -21.11
N LYS D 107 20.64 1.52 -20.73
CA LYS D 107 21.74 1.61 -21.68
C LYS D 107 22.13 0.27 -22.29
N LYS D 108 21.53 -0.83 -21.84
CA LYS D 108 21.87 -2.15 -22.37
C LYS D 108 20.77 -2.74 -23.25
N ASN D 109 19.80 -1.93 -23.66
CA ASN D 109 18.67 -2.44 -24.43
C ASN D 109 18.34 -1.46 -25.56
N GLN D 110 17.69 -1.98 -26.60
CA GLN D 110 17.24 -1.16 -27.71
C GLN D 110 15.73 -0.98 -27.76
N VAL D 111 14.98 -1.74 -26.99
CA VAL D 111 13.52 -1.62 -26.96
C VAL D 111 13.03 -2.23 -25.66
N LEU D 112 12.03 -1.59 -25.05
CA LEU D 112 11.52 -1.99 -23.75
C LEU D 112 10.06 -2.40 -23.87
N VAL D 113 9.68 -3.42 -23.09
CA VAL D 113 8.31 -3.92 -23.05
C VAL D 113 7.93 -4.10 -21.59
N GLY D 114 6.62 -4.09 -21.33
CA GLY D 114 6.13 -4.32 -19.99
C GLY D 114 4.75 -3.74 -19.80
N THR D 115 4.30 -3.80 -18.55
CA THR D 115 2.98 -3.33 -18.18
C THR D 115 2.94 -1.81 -18.16
N ALA D 116 1.74 -1.26 -17.95
CA ALA D 116 1.56 0.19 -18.00
C ALA D 116 2.12 0.86 -16.76
N GLN D 117 1.87 0.27 -15.57
CA GLN D 117 2.27 0.92 -14.33
C GLN D 117 3.77 1.11 -14.24
N VAL D 118 4.54 0.08 -14.62
CA VAL D 118 5.99 0.16 -14.49
C VAL D 118 6.56 1.27 -15.37
N PHE D 119 6.17 1.27 -16.65
CA PHE D 119 6.66 2.30 -17.56
C PHE D 119 6.21 3.69 -17.14
N LEU D 120 4.94 3.83 -16.75
CA LEU D 120 4.46 5.15 -16.33
C LEU D 120 5.23 5.66 -15.12
N ASP D 121 5.45 4.79 -14.13
CA ASP D 121 6.17 5.20 -12.93
C ASP D 121 7.61 5.57 -13.26
N MET D 122 8.29 4.75 -14.06
CA MET D 122 9.70 5.02 -14.33
C MET D 122 9.88 6.25 -15.22
N VAL D 123 8.87 6.59 -16.02
CA VAL D 123 8.88 7.88 -16.71
C VAL D 123 8.70 9.01 -15.71
N THR D 124 7.75 8.86 -14.78
CA THR D 124 7.53 9.90 -13.78
C THR D 124 8.68 10.01 -12.79
N GLN D 125 9.47 8.94 -12.61
CA GLN D 125 10.61 8.95 -11.71
C GLN D 125 11.89 9.45 -12.36
N THR D 126 11.79 10.20 -13.45
CA THR D 126 12.90 10.87 -14.14
C THR D 126 13.92 9.89 -14.71
N TYR D 127 13.62 8.59 -14.71
CA TYR D 127 14.57 7.61 -15.25
C TYR D 127 14.79 7.84 -16.73
N VAL D 128 13.72 8.06 -17.49
CA VAL D 128 13.81 8.52 -18.87
C VAL D 128 12.84 9.69 -19.05
N ALA D 129 13.08 10.44 -20.12
CA ALA D 129 12.23 11.57 -20.48
C ALA D 129 11.53 11.27 -21.80
N LEU D 130 10.38 11.91 -22.02
CA LEU D 130 9.65 11.74 -23.27
C LEU D 130 10.55 12.09 -24.46
N SER D 131 11.38 13.13 -24.32
CA SER D 131 12.29 13.49 -25.38
C SER D 131 13.32 12.41 -25.65
N SER D 132 13.58 11.53 -24.68
CA SER D 132 14.57 10.48 -24.81
C SER D 132 14.01 9.20 -25.42
N LEU D 133 12.89 9.28 -26.14
CA LEU D 133 12.26 8.11 -26.73
C LEU D 133 12.02 8.34 -28.22
N SER D 134 12.08 7.25 -28.98
CA SER D 134 11.91 7.31 -30.43
C SER D 134 10.46 7.03 -30.84
N VAL D 135 9.93 5.87 -30.47
CA VAL D 135 8.58 5.48 -30.85
C VAL D 135 7.97 4.67 -29.72
N VAL D 136 6.67 4.88 -29.49
CA VAL D 136 5.90 4.14 -28.50
C VAL D 136 4.76 3.44 -29.20
N ILE D 137 4.60 2.14 -28.93
CA ILE D 137 3.60 1.31 -29.59
C ILE D 137 2.58 0.87 -28.56
N ILE D 138 1.31 1.11 -28.85
CA ILE D 138 0.21 0.76 -27.97
C ILE D 138 -0.54 -0.42 -28.58
N ASP D 139 -0.91 -1.38 -27.73
CA ASP D 139 -1.82 -2.44 -28.12
C ASP D 139 -3.07 -2.37 -27.25
N GLU D 140 -4.12 -3.06 -27.70
CA GLU D 140 -5.45 -2.99 -27.08
C GLU D 140 -5.76 -1.57 -26.62
N CYS D 141 -5.58 -0.62 -27.56
CA CYS D 141 -5.69 0.80 -27.25
C CYS D 141 -7.06 1.19 -26.74
N HIS D 142 -8.08 0.36 -27.00
CA HIS D 142 -9.43 0.66 -26.53
C HIS D 142 -9.52 0.71 -25.01
N HIS D 143 -8.53 0.18 -24.30
CA HIS D 143 -8.49 0.31 -22.85
C HIS D 143 -8.24 1.75 -22.39
N GLY D 144 -7.85 2.64 -23.29
CA GLY D 144 -7.48 3.99 -22.91
C GLY D 144 -8.66 4.91 -22.63
N THR D 145 -9.35 4.67 -21.53
CA THR D 145 -10.47 5.51 -21.11
C THR D 145 -10.51 5.59 -19.60
N GLY D 146 -11.10 6.67 -19.09
CA GLY D 146 -11.17 6.87 -17.66
C GLY D 146 -9.79 7.05 -17.05
N HIS D 147 -9.64 6.56 -15.82
CA HIS D 147 -8.37 6.64 -15.10
C HIS D 147 -7.42 5.50 -15.47
N HIS D 148 -7.62 4.86 -16.62
CA HIS D 148 -6.76 3.77 -17.03
C HIS D 148 -5.33 4.27 -17.22
N PRO D 149 -4.34 3.44 -16.89
CA PRO D 149 -2.94 3.90 -16.97
C PRO D 149 -2.50 4.33 -18.36
N PHE D 150 -3.13 3.83 -19.43
CA PHE D 150 -2.77 4.28 -20.77
C PHE D 150 -3.05 5.77 -20.94
N ARG D 151 -4.24 6.21 -20.52
CA ARG D 151 -4.58 7.63 -20.60
C ARG D 151 -3.70 8.47 -19.67
N GLU D 152 -3.39 7.95 -18.49
CA GLU D 152 -2.49 8.66 -17.58
C GLU D 152 -1.12 8.86 -18.23
N PHE D 153 -0.58 7.81 -18.84
CA PHE D 153 0.69 7.93 -19.55
C PHE D 153 0.59 8.90 -20.72
N MET D 154 -0.54 8.90 -21.42
CA MET D 154 -0.72 9.84 -22.53
C MET D 154 -0.74 11.28 -22.04
N ARG D 155 -1.32 11.53 -20.86
CA ARG D 155 -1.36 12.88 -20.32
C ARG D 155 0.04 13.45 -20.12
N LEU D 156 1.03 12.57 -19.90
CA LEU D 156 2.41 13.03 -19.81
C LEU D 156 2.85 13.69 -21.10
N PHE D 157 2.32 13.25 -22.24
CA PHE D 157 2.62 13.95 -23.50
C PHE D 157 2.11 15.38 -23.46
N THR D 158 0.96 15.62 -22.82
CA THR D 158 0.46 16.98 -22.70
C THR D 158 1.29 17.81 -21.73
N ILE D 159 1.66 17.23 -20.59
CA ILE D 159 2.38 18.01 -19.60
C ILE D 159 3.84 18.22 -19.99
N ALA D 160 4.45 17.26 -20.69
CA ALA D 160 5.87 17.34 -21.01
C ALA D 160 6.08 18.24 -22.23
N ASN D 161 7.29 18.18 -22.79
CA ASN D 161 7.66 19.01 -23.93
C ASN D 161 6.72 18.76 -25.11
N GLN D 162 6.55 19.79 -25.94
CA GLN D 162 5.67 19.74 -27.09
C GLN D 162 6.44 19.78 -28.41
N THR D 163 7.72 19.47 -28.37
CA THR D 163 8.53 19.39 -29.59
C THR D 163 9.42 18.16 -29.51
N LYS D 164 9.84 17.69 -30.69
CA LYS D 164 10.59 16.44 -30.87
C LYS D 164 10.08 15.34 -29.95
N LEU D 165 8.75 15.18 -29.95
CA LEU D 165 7.88 14.31 -29.17
C LEU D 165 7.84 12.92 -29.80
N PRO D 166 7.92 11.86 -28.98
CA PRO D 166 7.96 10.50 -29.53
C PRO D 166 6.66 10.11 -30.22
N ARG D 167 6.79 9.24 -31.21
CA ARG D 167 5.64 8.75 -31.94
C ARG D 167 4.76 7.86 -31.06
N VAL D 168 3.47 7.82 -31.39
CA VAL D 168 2.51 6.96 -30.72
C VAL D 168 1.69 6.21 -31.77
N VAL D 169 1.55 4.91 -31.58
CA VAL D 169 0.74 4.08 -32.47
C VAL D 169 -0.04 3.08 -31.63
N GLY D 170 -1.31 2.89 -31.97
CA GLY D 170 -2.18 2.01 -31.20
C GLY D 170 -2.63 0.78 -31.96
N LEU D 171 -2.55 -0.38 -31.32
CA LEU D 171 -2.93 -1.66 -31.90
C LEU D 171 -4.24 -2.12 -31.28
N THR D 172 -5.21 -2.48 -32.11
CA THR D 172 -6.51 -2.89 -31.60
C THR D 172 -7.30 -3.59 -32.69
N GLY D 173 -8.36 -4.28 -32.26
CA GLY D 173 -9.31 -4.89 -33.17
C GLY D 173 -10.73 -4.59 -32.75
N VAL D 174 -10.88 -3.98 -31.59
CA VAL D 174 -12.16 -3.50 -31.08
C VAL D 174 -11.95 -2.10 -30.54
N LEU D 175 -12.90 -1.20 -30.83
CA LEU D 175 -12.73 0.21 -30.50
C LEU D 175 -13.56 0.69 -29.33
N ILE D 176 -14.57 -0.07 -28.91
CA ILE D 176 -15.50 0.36 -27.86
C ILE D 176 -15.48 -0.67 -26.75
N LYS D 177 -15.40 -0.20 -25.51
CA LYS D 177 -15.38 -1.04 -24.32
C LYS D 177 -16.66 -0.78 -23.53
N GLY D 178 -17.63 -1.69 -23.64
CA GLY D 178 -18.83 -1.60 -22.84
C GLY D 178 -20.12 -1.53 -23.63
N ASN D 179 -21.19 -1.08 -22.98
CA ASN D 179 -22.50 -0.96 -23.61
C ASN D 179 -22.80 0.48 -24.01
N GLU D 180 -21.78 1.25 -24.37
CA GLU D 180 -21.93 2.62 -24.86
C GLU D 180 -21.86 2.67 -26.39
N ILE D 181 -22.46 1.68 -27.04
CA ILE D 181 -22.52 1.65 -28.51
C ILE D 181 -23.14 2.91 -29.05
N THR D 182 -24.04 3.53 -28.28
CA THR D 182 -24.71 4.75 -28.73
C THR D 182 -23.69 5.84 -29.06
N ASN D 183 -23.89 6.48 -30.21
CA ASN D 183 -23.05 7.60 -30.66
C ASN D 183 -21.58 7.17 -30.75
N VAL D 184 -21.33 6.27 -31.70
CA VAL D 184 -19.98 5.75 -31.90
C VAL D 184 -19.01 6.88 -32.28
N ALA D 185 -19.50 7.91 -32.97
CA ALA D 185 -18.62 8.94 -33.51
C ALA D 185 -17.88 9.67 -32.40
N THR D 186 -18.58 10.02 -31.32
CA THR D 186 -17.91 10.74 -30.23
C THR D 186 -16.90 9.86 -29.52
N LYS D 187 -17.18 8.56 -29.36
CA LYS D 187 -16.19 7.65 -28.78
C LYS D 187 -14.96 7.55 -29.66
N LEU D 188 -15.17 7.46 -30.99
CA LEU D 188 -14.03 7.44 -31.90
C LEU D 188 -13.21 8.71 -31.80
N LYS D 189 -13.88 9.87 -31.73
CA LYS D 189 -13.15 11.13 -31.61
C LYS D 189 -12.36 11.20 -30.30
N GLU D 190 -12.96 10.73 -29.21
CA GLU D 190 -12.25 10.71 -27.94
C GLU D 190 -11.02 9.80 -28.00
N LEU D 191 -11.16 8.66 -28.67
CA LEU D 191 -10.00 7.78 -28.87
C LEU D 191 -8.95 8.47 -29.73
N GLU D 192 -9.39 9.21 -30.76
CA GLU D 192 -8.44 9.95 -31.60
C GLU D 192 -7.63 10.92 -30.77
N ILE D 193 -8.30 11.71 -29.93
CA ILE D 193 -7.61 12.77 -29.20
C ILE D 193 -6.84 12.24 -28.00
N THR D 194 -7.25 11.11 -27.42
CA THR D 194 -6.52 10.56 -26.29
C THR D 194 -5.12 10.12 -26.70
N TYR D 195 -4.99 9.57 -27.91
CA TYR D 195 -3.71 9.13 -28.44
C TYR D 195 -3.15 10.07 -29.51
N ARG D 196 -3.73 11.27 -29.64
CA ARG D 196 -3.30 12.30 -30.58
C ARG D 196 -2.87 11.71 -31.92
N GLY D 197 -3.78 10.96 -32.53
CA GLY D 197 -3.52 10.35 -33.82
C GLY D 197 -4.80 10.23 -34.63
N ASN D 198 -4.64 9.76 -35.86
CA ASN D 198 -5.75 9.52 -36.77
C ASN D 198 -5.84 8.03 -37.06
N ILE D 199 -7.02 7.44 -36.82
CA ILE D 199 -7.20 6.02 -37.07
C ILE D 199 -7.11 5.74 -38.57
N ILE D 200 -6.34 4.73 -38.94
CA ILE D 200 -6.17 4.31 -40.31
C ILE D 200 -6.66 2.88 -40.44
N THR D 201 -7.48 2.62 -41.46
CA THR D 201 -8.18 1.35 -41.55
C THR D 201 -8.23 0.93 -43.03
N VAL D 202 -8.47 -0.37 -43.24
CA VAL D 202 -8.49 -0.94 -44.57
C VAL D 202 -9.48 -0.20 -45.47
N SER D 203 -9.08 0.02 -46.73
CA SER D 203 -9.93 0.78 -47.64
C SER D 203 -10.17 0.14 -49.00
N ASP D 204 -9.15 -0.48 -49.61
CA ASP D 204 -9.22 -0.92 -51.01
C ASP D 204 -9.76 -2.34 -51.07
N THR D 205 -11.04 -2.48 -51.40
CA THR D 205 -11.79 -3.70 -51.11
C THR D 205 -11.17 -4.94 -51.73
N LYS D 206 -11.19 -5.02 -53.07
CA LYS D 206 -11.03 -6.31 -53.75
C LYS D 206 -9.63 -6.88 -53.55
N GLU D 207 -8.60 -6.06 -53.72
CA GLU D 207 -7.24 -6.56 -53.61
C GLU D 207 -6.87 -6.92 -52.18
N MET D 208 -7.38 -6.17 -51.21
CA MET D 208 -6.73 -6.14 -49.90
C MET D 208 -7.61 -6.61 -48.75
N GLU D 209 -8.88 -6.20 -48.64
CA GLU D 209 -9.72 -6.82 -47.61
C GLU D 209 -9.96 -8.30 -47.90
N ASN D 210 -10.02 -8.68 -49.18
CA ASN D 210 -10.14 -10.10 -49.50
C ASN D 210 -8.93 -10.88 -49.00
N VAL D 211 -7.73 -10.33 -49.18
CA VAL D 211 -6.53 -10.97 -48.66
C VAL D 211 -6.55 -11.01 -47.14
N MET D 212 -6.92 -9.88 -46.51
CA MET D 212 -6.93 -9.80 -45.05
C MET D 212 -7.98 -10.74 -44.45
N LEU D 213 -9.02 -11.05 -45.20
CA LEU D 213 -10.12 -11.90 -44.73
C LEU D 213 -9.74 -13.34 -44.58
N TYR D 214 -8.45 -13.68 -44.68
CA TYR D 214 -8.02 -15.02 -44.28
C TYR D 214 -8.39 -15.29 -42.83
N ALA D 215 -8.54 -14.25 -42.02
CA ALA D 215 -9.22 -14.33 -40.73
C ALA D 215 -10.72 -14.36 -40.99
N THR D 216 -11.19 -15.51 -41.44
CA THR D 216 -12.56 -15.65 -41.94
C THR D 216 -13.57 -15.42 -40.82
N LYS D 217 -14.71 -14.82 -41.20
CA LYS D 217 -15.79 -14.63 -40.25
C LYS D 217 -16.48 -15.96 -39.99
N PRO D 218 -16.59 -16.39 -38.73
CA PRO D 218 -17.24 -17.68 -38.45
C PRO D 218 -18.73 -17.64 -38.71
N THR D 219 -19.28 -18.80 -39.03
CA THR D 219 -20.72 -18.95 -39.14
C THR D 219 -21.34 -19.00 -37.75
N GLU D 220 -22.43 -18.27 -37.58
CA GLU D 220 -23.05 -18.11 -36.26
C GLU D 220 -24.42 -18.78 -36.24
N VAL D 221 -24.69 -19.51 -35.17
CA VAL D 221 -25.95 -20.19 -34.95
C VAL D 221 -26.35 -20.01 -33.48
N MET D 222 -27.55 -20.43 -33.15
CA MET D 222 -28.07 -20.27 -31.80
C MET D 222 -29.14 -21.32 -31.54
N VAL D 223 -29.28 -21.69 -30.27
CA VAL D 223 -30.25 -22.70 -29.85
C VAL D 223 -31.03 -22.17 -28.66
N SER D 224 -32.35 -22.36 -28.69
CA SER D 224 -33.23 -21.93 -27.62
C SER D 224 -33.71 -23.14 -26.82
N PHE D 225 -34.03 -22.89 -25.56
CA PHE D 225 -34.50 -23.93 -24.65
C PHE D 225 -35.61 -23.36 -23.76
N PRO D 226 -36.55 -24.18 -23.34
CA PRO D 226 -37.62 -23.69 -22.46
C PRO D 226 -37.11 -23.38 -21.07
N HIS D 227 -37.79 -22.43 -20.42
CA HIS D 227 -37.50 -22.11 -19.03
C HIS D 227 -37.91 -23.25 -18.11
N GLN D 228 -37.11 -23.47 -17.07
CA GLN D 228 -37.49 -24.33 -15.96
C GLN D 228 -37.95 -23.44 -14.81
N GLU D 229 -39.17 -23.67 -14.34
CA GLU D 229 -39.79 -22.77 -13.37
C GLU D 229 -39.96 -23.37 -11.98
N GLN D 230 -40.25 -24.66 -11.88
CA GLN D 230 -40.48 -25.26 -10.58
C GLN D 230 -39.17 -25.39 -9.81
N VAL D 231 -39.24 -25.27 -8.50
CA VAL D 231 -38.06 -25.31 -7.63
C VAL D 231 -38.15 -26.55 -6.75
N LEU D 232 -37.04 -27.30 -6.67
CA LEU D 232 -37.04 -28.56 -5.96
C LEU D 232 -37.21 -28.34 -4.46
N THR D 233 -37.79 -29.35 -3.80
CA THR D 233 -38.09 -29.24 -2.38
C THR D 233 -36.82 -29.15 -1.54
N VAL D 234 -35.81 -29.96 -1.87
CA VAL D 234 -34.58 -29.98 -1.07
C VAL D 234 -33.87 -28.63 -1.12
N THR D 235 -34.11 -27.86 -2.20
CA THR D 235 -33.45 -26.56 -2.33
C THR D 235 -33.86 -25.61 -1.20
N ARG D 236 -35.15 -25.58 -0.86
CA ARG D 236 -35.58 -24.67 0.20
C ARG D 236 -35.07 -25.13 1.57
N LEU D 237 -34.94 -26.45 1.78
CA LEU D 237 -34.31 -26.94 3.00
C LEU D 237 -32.86 -26.47 3.08
N ILE D 238 -32.13 -26.59 1.98
CA ILE D 238 -30.74 -26.14 1.97
C ILE D 238 -30.67 -24.64 2.21
N SER D 239 -31.59 -23.89 1.62
CA SER D 239 -31.62 -22.44 1.83
C SER D 239 -31.92 -22.10 3.28
N ALA D 240 -32.82 -22.85 3.93
CA ALA D 240 -33.11 -22.61 5.34
C ALA D 240 -31.89 -22.88 6.20
N GLU D 241 -31.19 -24.00 5.92
CA GLU D 241 -29.96 -24.26 6.66
C GLU D 241 -28.93 -23.17 6.45
N ILE D 242 -28.81 -22.67 5.21
CA ILE D 242 -27.84 -21.64 4.91
C ILE D 242 -28.21 -20.32 5.61
N GLU D 243 -29.50 -19.99 5.66
CA GLU D 243 -29.88 -18.73 6.30
C GLU D 243 -29.73 -18.80 7.81
N LYS D 244 -30.02 -19.95 8.42
CA LYS D 244 -29.75 -20.05 9.86
C LYS D 244 -28.26 -20.08 10.14
N PHE D 245 -27.46 -20.64 9.23
CA PHE D 245 -26.02 -20.54 9.34
C PHE D 245 -25.57 -19.09 9.25
N TYR D 246 -26.18 -18.31 8.36
CA TYR D 246 -25.89 -16.89 8.27
C TYR D 246 -26.20 -16.19 9.59
N VAL D 247 -27.35 -16.51 10.17
CA VAL D 247 -27.76 -15.88 11.43
C VAL D 247 -26.76 -16.22 12.53
N SER D 248 -26.37 -17.50 12.61
CA SER D 248 -25.38 -17.90 13.61
C SER D 248 -24.04 -17.22 13.38
N LEU D 249 -23.59 -17.15 12.13
CA LEU D 249 -22.31 -16.55 11.80
C LEU D 249 -22.28 -15.09 12.19
N ASP D 250 -23.33 -14.34 11.86
CA ASP D 250 -23.39 -12.94 12.29
C ASP D 250 -23.54 -12.84 13.80
N LEU D 251 -24.13 -13.85 14.44
CA LEU D 251 -24.30 -13.82 15.89
C LEU D 251 -23.00 -14.13 16.62
N MET D 252 -22.24 -15.10 16.09
CA MET D 252 -21.02 -15.51 16.78
C MET D 252 -19.95 -14.44 16.70
N ASN D 253 -19.05 -14.44 17.68
CA ASN D 253 -18.21 -13.28 17.99
C ASN D 253 -16.73 -13.63 17.79
N ILE D 254 -16.08 -12.92 16.88
CA ILE D 254 -14.62 -12.92 16.78
C ILE D 254 -14.11 -11.58 17.25
N GLY D 255 -12.79 -11.47 17.41
CA GLY D 255 -12.19 -10.26 17.92
C GLY D 255 -12.35 -9.09 16.97
N VAL D 256 -11.68 -7.99 17.33
CA VAL D 256 -11.79 -6.77 16.53
C VAL D 256 -11.21 -7.00 15.14
N GLN D 257 -11.91 -6.49 14.13
CA GLN D 257 -11.54 -6.66 12.74
C GLN D 257 -11.59 -5.31 12.06
N PRO D 258 -10.74 -5.07 11.05
CA PRO D 258 -10.77 -3.78 10.35
C PRO D 258 -12.15 -3.51 9.76
N ILE D 259 -12.56 -2.25 9.85
CA ILE D 259 -13.90 -1.85 9.41
C ILE D 259 -13.88 -1.63 7.91
N ARG D 260 -14.65 -2.43 7.18
CA ARG D 260 -14.82 -2.28 5.74
C ARG D 260 -16.20 -1.70 5.50
N ARG D 261 -16.27 -0.58 4.78
CA ARG D 261 -17.54 0.08 4.54
C ARG D 261 -17.77 0.32 3.06
N SER D 262 -18.81 1.08 2.73
CA SER D 262 -19.18 1.31 1.35
C SER D 262 -18.07 2.04 0.60
N LYS D 263 -18.02 1.82 -0.71
CA LYS D 263 -16.98 2.46 -1.53
C LYS D 263 -17.13 3.97 -1.58
N SER D 264 -18.30 4.49 -1.25
CA SER D 264 -18.51 5.93 -1.10
C SER D 264 -18.56 6.35 0.37
N LEU D 265 -18.21 5.46 1.29
CA LEU D 265 -18.20 5.72 2.73
C LEU D 265 -19.57 6.14 3.25
N GLN D 266 -20.64 5.78 2.53
CA GLN D 266 -21.98 6.20 2.93
C GLN D 266 -22.50 5.39 4.12
N CYS D 267 -22.18 4.09 4.19
CA CYS D 267 -22.67 3.26 5.27
C CYS D 267 -21.73 2.08 5.46
N LEU D 268 -22.03 1.25 6.45
CA LEU D 268 -21.17 0.17 6.88
C LEU D 268 -21.33 -1.05 5.97
N ARG D 269 -20.48 -2.04 6.20
CA ARG D 269 -20.54 -3.33 5.52
C ARG D 269 -20.11 -4.42 6.50
N ASP D 270 -20.35 -5.66 6.09
CA ASP D 270 -19.91 -6.78 6.90
C ASP D 270 -18.39 -6.89 6.87
N PRO D 271 -17.78 -7.51 7.88
CA PRO D 271 -16.33 -7.72 7.86
C PRO D 271 -15.90 -8.56 6.66
N SER D 272 -14.67 -8.32 6.20
CA SER D 272 -14.23 -8.87 4.92
C SER D 272 -14.31 -10.39 4.89
N LYS D 273 -13.97 -11.06 6.01
CA LYS D 273 -14.02 -12.51 6.03
C LYS D 273 -15.46 -13.02 5.99
N LYS D 274 -16.34 -12.41 6.77
CA LYS D 274 -17.75 -12.78 6.74
C LYS D 274 -18.37 -12.49 5.38
N SER D 275 -18.05 -11.34 4.79
CA SER D 275 -18.52 -11.05 3.44
C SER D 275 -18.00 -12.07 2.45
N PHE D 276 -16.76 -12.50 2.62
CA PHE D 276 -16.17 -13.49 1.71
C PHE D 276 -16.89 -14.82 1.79
N VAL D 277 -17.10 -15.33 3.01
CA VAL D 277 -17.77 -16.62 3.16
C VAL D 277 -19.21 -16.55 2.68
N LYS D 278 -19.90 -15.44 2.97
CA LYS D 278 -21.26 -15.29 2.46
C LYS D 278 -21.27 -15.19 0.94
N GLN D 279 -20.25 -14.58 0.34
CA GLN D 279 -20.14 -14.55 -1.10
C GLN D 279 -19.99 -15.95 -1.67
N LEU D 280 -19.13 -16.77 -1.05
CA LEU D 280 -19.02 -18.18 -1.44
C LEU D 280 -20.38 -18.86 -1.41
N PHE D 281 -21.10 -18.72 -0.30
CA PHE D 281 -22.37 -19.45 -0.17
C PHE D 281 -23.41 -18.95 -1.16
N ASN D 282 -23.50 -17.63 -1.37
CA ASN D 282 -24.47 -17.10 -2.33
C ASN D 282 -24.13 -17.50 -3.75
N ASP D 283 -22.84 -17.50 -4.10
CA ASP D 283 -22.45 -17.95 -5.43
C ASP D 283 -22.81 -19.42 -5.64
N PHE D 284 -22.56 -20.25 -4.62
CA PHE D 284 -22.93 -21.66 -4.75
C PHE D 284 -24.43 -21.83 -4.88
N LEU D 285 -25.21 -21.01 -4.16
CA LEU D 285 -26.66 -21.07 -4.29
C LEU D 285 -27.12 -20.69 -5.69
N TYR D 286 -26.52 -19.65 -6.26
CA TYR D 286 -26.85 -19.28 -7.64
C TYR D 286 -26.49 -20.43 -8.58
N GLN D 287 -25.34 -21.06 -8.37
CA GLN D 287 -24.98 -22.25 -9.13
C GLN D 287 -26.07 -23.31 -9.03
N MET D 288 -26.58 -23.56 -7.83
CA MET D 288 -27.55 -24.61 -7.64
C MET D 288 -28.85 -24.32 -8.39
N LYS D 289 -29.41 -23.12 -8.20
CA LYS D 289 -30.65 -22.80 -8.89
C LYS D 289 -30.46 -22.73 -10.41
N GLU D 290 -29.33 -22.18 -10.87
CA GLU D 290 -29.14 -22.02 -12.30
C GLU D 290 -28.90 -23.36 -12.99
N TYR D 291 -28.14 -24.26 -12.36
CA TYR D 291 -27.65 -25.45 -13.03
C TYR D 291 -28.15 -26.75 -12.41
N GLY D 292 -29.09 -26.68 -11.47
CA GLY D 292 -29.69 -27.89 -10.94
C GLY D 292 -28.92 -28.46 -9.74
N ILE D 293 -29.01 -29.78 -9.59
CA ILE D 293 -28.51 -30.46 -8.41
C ILE D 293 -27.17 -31.14 -8.66
N TYR D 294 -27.02 -31.83 -9.79
CA TYR D 294 -25.76 -32.48 -10.10
C TYR D 294 -24.61 -31.46 -10.15
N ALA D 295 -24.85 -30.33 -10.80
CA ALA D 295 -23.87 -29.25 -10.80
C ALA D 295 -23.62 -28.74 -9.39
N ALA D 296 -24.68 -28.66 -8.58
CA ALA D 296 -24.51 -28.29 -7.18
C ALA D 296 -23.68 -29.32 -6.44
N SER D 297 -23.88 -30.61 -6.76
CA SER D 297 -23.06 -31.65 -6.16
C SER D 297 -21.60 -31.51 -6.55
N ILE D 298 -21.33 -31.05 -7.77
CA ILE D 298 -19.95 -30.81 -8.18
C ILE D 298 -19.38 -29.61 -7.44
N ALA D 299 -20.17 -28.55 -7.29
CA ALA D 299 -19.65 -27.30 -6.72
C ALA D 299 -19.47 -27.40 -5.21
N ILE D 300 -20.26 -28.24 -4.55
CA ILE D 300 -20.14 -28.35 -3.10
C ILE D 300 -18.78 -28.93 -2.72
N ILE D 301 -18.22 -29.81 -3.55
CA ILE D 301 -16.88 -30.32 -3.30
C ILE D 301 -15.85 -29.20 -3.37
N SER D 302 -15.98 -28.32 -4.37
CA SER D 302 -15.08 -27.19 -4.46
C SER D 302 -15.20 -26.28 -3.25
N LEU D 303 -16.44 -26.06 -2.78
CA LEU D 303 -16.61 -25.29 -1.55
C LEU D 303 -15.97 -25.98 -0.36
N ILE D 304 -16.08 -27.31 -0.27
CA ILE D 304 -15.44 -28.05 0.80
C ILE D 304 -13.94 -27.83 0.78
N VAL D 305 -13.31 -27.98 -0.39
CA VAL D 305 -11.86 -27.87 -0.45
C VAL D 305 -11.42 -26.43 -0.17
N GLU D 306 -12.18 -25.44 -0.66
CA GLU D 306 -11.83 -24.05 -0.40
C GLU D 306 -11.94 -23.72 1.09
N PHE D 307 -13.00 -24.19 1.74
CA PHE D 307 -13.16 -23.95 3.17
C PHE D 307 -12.06 -24.64 3.96
N ASP D 308 -11.68 -25.86 3.56
CA ASP D 308 -10.59 -26.56 4.24
C ASP D 308 -9.28 -25.81 4.09
N ILE D 309 -8.99 -25.32 2.88
CA ILE D 309 -7.76 -24.55 2.67
C ILE D 309 -7.76 -23.29 3.52
N LYS D 310 -8.89 -22.57 3.54
CA LYS D 310 -8.97 -21.33 4.31
C LYS D 310 -8.79 -21.61 5.80
N ARG D 311 -9.41 -22.68 6.31
CA ARG D 311 -9.23 -23.05 7.71
C ARG D 311 -7.78 -23.40 7.99
N ARG D 312 -7.13 -24.10 7.06
CA ARG D 312 -5.72 -24.43 7.21
C ARG D 312 -4.87 -23.18 7.32
N GLN D 313 -5.13 -22.19 6.48
CA GLN D 313 -4.42 -20.91 6.55
C GLN D 313 -5.05 -19.92 7.52
N ALA D 314 -6.15 -20.29 8.17
CA ALA D 314 -6.78 -19.42 9.17
C ALA D 314 -5.87 -19.33 10.39
N GLU D 315 -5.23 -18.18 10.58
CA GLU D 315 -4.31 -18.02 11.70
C GLU D 315 -5.02 -18.09 13.04
N THR D 316 -6.10 -17.31 13.20
CA THR D 316 -6.79 -17.20 14.48
C THR D 316 -7.68 -18.40 14.70
N LEU D 317 -7.74 -18.86 15.96
CA LEU D 317 -8.54 -20.03 16.31
C LEU D 317 -10.02 -19.79 16.04
N SER D 318 -10.51 -18.58 16.30
CA SER D 318 -11.92 -18.28 16.07
C SER D 318 -12.27 -18.38 14.59
N VAL D 319 -11.38 -17.91 13.72
CA VAL D 319 -11.61 -18.05 12.28
C VAL D 319 -11.61 -19.52 11.89
N LYS D 320 -10.76 -20.32 12.54
CA LYS D 320 -10.77 -21.76 12.30
C LYS D 320 -12.09 -22.37 12.70
N LEU D 321 -12.65 -21.94 13.84
CA LEU D 321 -13.96 -22.43 14.25
C LEU D 321 -15.04 -22.04 13.26
N MET D 322 -14.97 -20.81 12.75
CA MET D 322 -15.93 -20.36 11.74
C MET D 322 -15.86 -21.23 10.49
N HIS D 323 -14.65 -21.46 9.97
CA HIS D 323 -14.50 -22.28 8.78
C HIS D 323 -14.89 -23.73 9.06
N ARG D 324 -14.67 -24.21 10.28
CA ARG D 324 -15.07 -25.57 10.64
C ARG D 324 -16.59 -25.70 10.62
N THR D 325 -17.30 -24.71 11.17
CA THR D 325 -18.76 -24.74 11.13
C THR D 325 -19.26 -24.68 9.69
N ALA D 326 -18.63 -23.83 8.86
CA ALA D 326 -19.00 -23.78 7.45
C ALA D 326 -18.78 -25.12 6.78
N LEU D 327 -17.67 -25.79 7.11
CA LEU D 327 -17.37 -27.10 6.55
C LEU D 327 -18.42 -28.12 6.98
N THR D 328 -18.84 -28.08 8.24
CA THR D 328 -19.87 -29.01 8.70
C THR D 328 -21.18 -28.81 7.95
N LEU D 329 -21.60 -27.55 7.78
CA LEU D 329 -22.82 -27.29 7.02
C LEU D 329 -22.68 -27.73 5.57
N CYS D 330 -21.53 -27.46 4.95
CA CYS D 330 -21.32 -27.89 3.57
C CYS D 330 -21.31 -29.41 3.46
N GLU D 331 -20.76 -30.09 4.45
CA GLU D 331 -20.77 -31.56 4.46
C GLU D 331 -22.20 -32.10 4.56
N LYS D 332 -23.03 -31.48 5.41
CA LYS D 332 -24.43 -31.89 5.49
C LYS D 332 -25.13 -31.67 4.15
N ILE D 333 -24.87 -30.53 3.51
CA ILE D 333 -25.45 -30.26 2.20
C ILE D 333 -25.00 -31.31 1.19
N ARG D 334 -23.71 -31.68 1.23
CA ARG D 334 -23.19 -32.70 0.33
C ARG D 334 -23.86 -34.04 0.57
N HIS D 335 -24.07 -34.40 1.83
CA HIS D 335 -24.76 -35.65 2.14
C HIS D 335 -26.17 -35.66 1.57
N LEU D 336 -26.91 -34.58 1.78
CA LEU D 336 -28.27 -34.51 1.23
C LEU D 336 -28.25 -34.58 -0.29
N LEU D 337 -27.32 -33.86 -0.92
CA LEU D 337 -27.26 -33.84 -2.38
C LEU D 337 -26.93 -35.21 -2.95
N VAL D 338 -25.95 -35.90 -2.36
CA VAL D 338 -25.60 -37.22 -2.88
C VAL D 338 -26.72 -38.22 -2.63
N GLN D 339 -27.43 -38.10 -1.50
CA GLN D 339 -28.58 -38.96 -1.28
C GLN D 339 -29.64 -38.74 -2.34
N LYS D 340 -29.94 -37.48 -2.64
CA LYS D 340 -30.94 -37.19 -3.68
C LYS D 340 -30.48 -37.69 -5.05
N LEU D 341 -29.19 -37.54 -5.35
CA LEU D 341 -28.68 -38.02 -6.63
C LEU D 341 -28.78 -39.53 -6.74
N GLN D 342 -28.43 -40.25 -5.67
CA GLN D 342 -28.54 -41.70 -5.66
C GLN D 342 -29.98 -42.19 -5.56
N ASP D 343 -30.92 -41.30 -5.23
CA ASP D 343 -32.32 -41.73 -5.05
C ASP D 343 -32.91 -42.29 -6.34
N MET D 344 -32.41 -41.86 -7.51
CA MET D 344 -32.93 -42.35 -8.77
C MET D 344 -32.10 -43.49 -9.36
N THR D 345 -30.86 -43.66 -8.90
CA THR D 345 -29.96 -44.66 -9.47
C THR D 345 -30.41 -46.10 -9.20
N TYR D 346 -31.40 -46.31 -8.33
CA TYR D 346 -31.83 -47.67 -8.01
C TYR D 346 -32.37 -48.40 -9.24
N ASP D 347 -33.20 -47.73 -10.04
CA ASP D 347 -33.96 -48.42 -11.08
C ASP D 347 -33.05 -49.04 -12.14
N ASP D 348 -32.03 -48.30 -12.59
CA ASP D 348 -31.13 -48.79 -13.61
C ASP D 348 -29.78 -49.19 -13.01
N ASP D 349 -29.10 -50.12 -13.69
CA ASP D 349 -27.85 -50.65 -13.17
C ASP D 349 -26.77 -50.78 -14.23
N ASP D 350 -26.76 -49.92 -15.25
CA ASP D 350 -25.69 -49.87 -16.25
C ASP D 350 -24.85 -48.63 -15.95
N ASP D 351 -23.70 -48.83 -15.30
CA ASP D 351 -23.01 -47.76 -14.60
C ASP D 351 -22.74 -46.56 -15.51
N ASN D 352 -22.20 -46.80 -16.70
CA ASN D 352 -21.92 -45.69 -17.62
C ASN D 352 -23.21 -45.02 -18.06
N VAL D 353 -24.18 -45.81 -18.53
CA VAL D 353 -25.46 -45.25 -18.97
C VAL D 353 -26.23 -44.70 -17.78
N ASN D 354 -26.11 -45.34 -16.61
CA ASN D 354 -26.77 -44.82 -15.42
C ASN D 354 -26.25 -43.43 -15.07
N THR D 355 -24.93 -43.24 -15.09
CA THR D 355 -24.37 -41.92 -14.80
C THR D 355 -24.78 -40.91 -15.87
N GLU D 356 -24.77 -41.33 -17.14
CA GLU D 356 -25.18 -40.42 -18.21
C GLU D 356 -26.62 -39.95 -18.02
N GLU D 357 -27.53 -40.89 -17.75
CA GLU D 357 -28.92 -40.51 -17.60
C GLU D 357 -29.17 -39.74 -16.30
N VAL D 358 -28.39 -40.01 -15.26
CA VAL D 358 -28.49 -39.22 -14.04
C VAL D 358 -28.08 -37.78 -14.32
N ILE D 359 -27.00 -37.60 -15.08
CA ILE D 359 -26.58 -36.25 -15.47
C ILE D 359 -27.70 -35.57 -16.26
N MET D 360 -28.26 -36.28 -17.24
CA MET D 360 -29.35 -35.69 -18.02
C MET D 360 -30.57 -35.39 -17.17
N ASN D 361 -30.78 -36.17 -16.10
CA ASN D 361 -32.05 -36.15 -15.39
C ASN D 361 -32.13 -35.01 -14.38
N PHE D 362 -31.09 -34.83 -13.58
CA PHE D 362 -31.09 -33.81 -12.53
C PHE D 362 -30.52 -32.47 -13.00
N SER D 363 -30.27 -32.32 -14.28
CA SER D 363 -29.68 -31.10 -14.81
C SER D 363 -30.75 -30.11 -15.25
N THR D 364 -30.40 -28.84 -15.23
CA THR D 364 -31.27 -27.81 -15.80
C THR D 364 -31.38 -28.00 -17.30
N PRO D 365 -32.51 -27.63 -17.90
CA PRO D 365 -32.68 -27.83 -19.35
C PRO D 365 -31.60 -27.17 -20.18
N LYS D 366 -31.06 -26.03 -19.73
CA LYS D 366 -29.99 -25.37 -20.49
C LYS D 366 -28.77 -26.27 -20.60
N VAL D 367 -28.32 -26.84 -19.49
CA VAL D 367 -27.15 -27.71 -19.51
C VAL D 367 -27.44 -28.99 -20.30
N GLN D 368 -28.66 -29.50 -20.21
CA GLN D 368 -29.02 -30.67 -21.00
C GLN D 368 -28.89 -30.37 -22.50
N ARG D 369 -29.46 -29.24 -22.94
CA ARG D 369 -29.29 -28.81 -24.32
C ARG D 369 -27.83 -28.65 -24.67
N PHE D 370 -27.04 -28.10 -23.74
CA PHE D 370 -25.60 -27.90 -24.00
C PHE D 370 -24.91 -29.24 -24.26
N LEU D 371 -25.16 -30.23 -23.41
CA LEU D 371 -24.49 -31.51 -23.55
C LEU D 371 -24.95 -32.25 -24.81
N MET D 372 -26.24 -32.22 -25.11
CA MET D 372 -26.71 -32.82 -26.36
C MET D 372 -26.14 -32.11 -27.57
N SER D 373 -26.01 -30.78 -27.50
CA SER D 373 -25.36 -30.04 -28.59
C SER D 373 -23.92 -30.46 -28.77
N LEU D 374 -23.19 -30.64 -27.66
CA LEU D 374 -21.83 -31.15 -27.76
C LEU D 374 -21.79 -32.52 -28.40
N LYS D 375 -22.69 -33.41 -27.99
CA LYS D 375 -22.71 -34.76 -28.55
C LYS D 375 -22.97 -34.73 -30.05
N VAL D 376 -23.94 -33.92 -30.48
CA VAL D 376 -24.28 -33.88 -31.90
C VAL D 376 -23.30 -33.03 -32.71
N SER D 377 -22.46 -32.23 -32.06
CA SER D 377 -21.50 -31.41 -32.80
C SER D 377 -20.18 -32.14 -32.96
N PHE D 378 -19.60 -32.64 -31.86
CA PHE D 378 -18.36 -33.39 -31.96
C PHE D 378 -18.55 -34.64 -32.79
N ALA D 379 -19.69 -35.32 -32.62
CA ALA D 379 -20.08 -36.44 -33.48
C ALA D 379 -19.02 -37.54 -33.53
N ASP D 380 -18.39 -37.81 -32.38
CA ASP D 380 -17.46 -38.92 -32.22
C ASP D 380 -16.35 -38.89 -33.28
N LYS D 381 -15.78 -37.70 -33.47
CA LYS D 381 -14.73 -37.50 -34.45
C LYS D 381 -13.36 -37.74 -33.81
N ASP D 382 -12.29 -37.38 -34.53
CA ASP D 382 -10.94 -37.53 -34.00
C ASP D 382 -10.68 -36.51 -32.92
N PRO D 383 -9.83 -36.85 -31.93
CA PRO D 383 -9.53 -35.88 -30.86
C PRO D 383 -8.52 -34.82 -31.22
N LYS D 384 -7.69 -35.05 -32.24
CA LYS D 384 -6.65 -34.09 -32.57
C LYS D 384 -7.21 -32.85 -33.25
N ASP D 385 -8.18 -33.04 -34.15
CA ASP D 385 -8.67 -31.91 -34.95
C ASP D 385 -9.56 -30.97 -34.15
N ILE D 386 -10.25 -31.47 -33.14
CA ILE D 386 -11.23 -30.66 -32.42
C ILE D 386 -10.52 -29.79 -31.40
N CYS D 387 -10.80 -28.48 -31.46
CA CYS D 387 -10.27 -27.52 -30.49
C CYS D 387 -11.35 -26.46 -30.29
N CYS D 388 -12.14 -26.61 -29.24
CA CYS D 388 -13.33 -25.79 -29.03
C CYS D 388 -13.23 -25.01 -27.73
N LEU D 389 -13.95 -23.89 -27.69
CA LEU D 389 -14.00 -23.00 -26.54
C LEU D 389 -15.42 -22.87 -26.02
N VAL D 390 -15.53 -22.60 -24.73
CA VAL D 390 -16.81 -22.31 -24.08
C VAL D 390 -16.61 -21.14 -23.14
N PHE D 391 -17.53 -20.20 -23.16
CA PHE D 391 -17.47 -19.02 -22.29
C PHE D 391 -18.62 -19.07 -21.30
N VAL D 392 -18.30 -18.93 -20.01
CA VAL D 392 -19.28 -18.79 -18.95
C VAL D 392 -18.84 -17.62 -18.07
N GLU D 393 -19.79 -17.07 -17.32
CA GLU D 393 -19.59 -15.77 -16.72
C GLU D 393 -18.96 -15.87 -15.32
N ARG D 394 -19.57 -16.66 -14.43
CA ARG D 394 -19.03 -16.81 -13.09
C ARG D 394 -17.74 -17.63 -13.11
N ARG D 395 -16.86 -17.35 -12.15
CA ARG D 395 -15.62 -18.11 -12.04
C ARG D 395 -15.88 -19.56 -11.63
N TYR D 396 -16.67 -19.74 -10.57
CA TYR D 396 -16.93 -21.10 -10.10
C TYR D 396 -17.77 -21.89 -11.08
N THR D 397 -18.56 -21.21 -11.91
CA THR D 397 -19.28 -21.89 -12.98
C THR D 397 -18.30 -22.64 -13.88
N CYS D 398 -17.12 -22.05 -14.12
CA CYS D 398 -16.12 -22.70 -14.95
C CYS D 398 -15.71 -24.04 -14.36
N LYS D 399 -15.32 -24.06 -13.09
CA LYS D 399 -14.88 -25.29 -12.46
C LYS D 399 -16.00 -26.31 -12.38
N CYS D 400 -17.21 -25.85 -12.04
CA CYS D 400 -18.34 -26.76 -11.92
C CYS D 400 -18.66 -27.42 -13.26
N ILE D 401 -18.71 -26.64 -14.33
CA ILE D 401 -19.02 -27.21 -15.63
C ILE D 401 -17.87 -28.07 -16.12
N TYR D 402 -16.63 -27.74 -15.75
CA TYR D 402 -15.50 -28.60 -16.08
C TYR D 402 -15.66 -29.97 -15.43
N GLY D 403 -16.05 -30.00 -14.16
CA GLY D 403 -16.31 -31.28 -13.51
C GLY D 403 -17.47 -32.02 -14.14
N LEU D 404 -18.52 -31.29 -14.54
CA LEU D 404 -19.67 -31.93 -15.18
C LEU D 404 -19.27 -32.56 -16.51
N LEU D 405 -18.47 -31.85 -17.31
CA LEU D 405 -17.96 -32.43 -18.56
C LEU D 405 -17.06 -33.62 -18.29
N LEU D 406 -16.24 -33.56 -17.24
CA LEU D 406 -15.44 -34.73 -16.87
C LEU D 406 -16.32 -35.94 -16.65
N ASN D 407 -17.35 -35.78 -15.82
CA ASN D 407 -18.23 -36.91 -15.50
C ASN D 407 -18.97 -37.39 -16.74
N TYR D 408 -19.47 -36.47 -17.55
CA TYR D 408 -20.26 -36.86 -18.72
C TYR D 408 -19.40 -37.55 -19.77
N ILE D 409 -18.18 -37.04 -20.00
CA ILE D 409 -17.26 -37.69 -20.92
C ILE D 409 -16.91 -39.09 -20.42
N GLN D 410 -16.76 -39.23 -19.10
CA GLN D 410 -16.64 -40.58 -18.55
C GLN D 410 -17.92 -41.38 -18.71
N SER D 411 -19.04 -40.74 -19.05
CA SER D 411 -20.32 -41.42 -19.16
C SER D 411 -20.73 -41.71 -20.59
N THR D 412 -19.88 -41.41 -21.58
CA THR D 412 -20.22 -41.72 -22.97
C THR D 412 -19.00 -42.27 -23.69
N PRO D 413 -19.10 -43.48 -24.26
CA PRO D 413 -17.95 -44.04 -24.98
C PRO D 413 -17.53 -43.23 -26.19
N GLU D 414 -18.48 -42.61 -26.89
CA GLU D 414 -18.13 -41.79 -28.05
C GLU D 414 -17.27 -40.60 -27.65
N LEU D 415 -17.63 -39.94 -26.56
CA LEU D 415 -16.90 -38.76 -26.09
C LEU D 415 -15.75 -39.10 -25.16
N ARG D 416 -15.67 -40.35 -24.68
CA ARG D 416 -14.66 -40.71 -23.70
C ARG D 416 -13.25 -40.68 -24.29
N ASN D 417 -13.12 -40.70 -25.61
CA ASN D 417 -11.83 -40.81 -26.26
C ASN D 417 -11.49 -39.62 -27.14
N VAL D 418 -12.33 -38.59 -27.17
CA VAL D 418 -12.14 -37.50 -28.12
C VAL D 418 -12.08 -36.14 -27.41
N LEU D 419 -12.69 -36.01 -26.24
CA LEU D 419 -12.69 -34.77 -25.48
C LEU D 419 -11.81 -34.88 -24.24
N THR D 420 -10.99 -33.86 -24.01
CA THR D 420 -10.14 -33.74 -22.83
C THR D 420 -10.41 -32.38 -22.19
N PRO D 421 -11.38 -32.31 -21.29
CA PRO D 421 -11.77 -31.00 -20.73
C PRO D 421 -10.70 -30.41 -19.83
N GLN D 422 -10.67 -29.08 -19.79
CA GLN D 422 -9.78 -28.34 -18.90
C GLN D 422 -10.31 -26.91 -18.78
N PHE D 423 -10.10 -26.30 -17.62
CA PHE D 423 -10.63 -24.97 -17.34
C PHE D 423 -9.55 -24.10 -16.72
N MET D 424 -9.73 -22.79 -16.88
CA MET D 424 -8.86 -21.80 -16.26
C MET D 424 -9.62 -20.50 -16.11
N VAL D 425 -9.22 -19.70 -15.11
CA VAL D 425 -9.93 -18.48 -14.76
C VAL D 425 -8.97 -17.30 -14.72
N GLY D 426 -9.46 -16.14 -14.30
CA GLY D 426 -8.67 -14.93 -14.22
C GLY D 426 -7.57 -14.95 -13.18
N ARG D 427 -7.07 -13.77 -12.79
CA ARG D 427 -5.94 -13.72 -11.87
C ARG D 427 -6.29 -14.23 -10.49
N ASN D 428 -7.51 -13.98 -10.01
CA ASN D 428 -7.92 -14.55 -8.73
C ASN D 428 -8.14 -16.04 -8.91
N ASN D 429 -7.05 -16.78 -9.08
CA ASN D 429 -7.12 -18.18 -9.46
C ASN D 429 -7.69 -19.02 -8.33
N ILE D 430 -8.47 -20.03 -8.70
CA ILE D 430 -9.03 -21.00 -7.78
C ILE D 430 -8.39 -22.35 -8.06
N SER D 431 -8.03 -23.07 -7.01
CA SER D 431 -7.28 -24.30 -7.17
C SER D 431 -8.08 -25.31 -7.99
N PRO D 432 -7.50 -25.87 -9.06
CA PRO D 432 -8.25 -26.84 -9.88
C PRO D 432 -8.45 -28.18 -9.21
N ASP D 433 -8.00 -28.34 -7.97
CA ASP D 433 -8.10 -29.62 -7.27
C ASP D 433 -9.52 -29.88 -6.80
N PHE D 434 -9.76 -31.11 -6.38
CA PHE D 434 -11.00 -31.50 -5.71
C PHE D 434 -10.79 -32.19 -4.38
N GLU D 435 -9.55 -32.51 -4.02
CA GLU D 435 -9.26 -33.27 -2.81
C GLU D 435 -8.50 -32.46 -1.78
N SER D 436 -7.33 -31.92 -2.14
CA SER D 436 -6.49 -31.21 -1.18
C SER D 436 -5.55 -30.29 -1.94
N VAL D 437 -5.02 -29.29 -1.22
CA VAL D 437 -4.15 -28.30 -1.84
C VAL D 437 -2.88 -28.98 -2.35
N LEU D 438 -2.49 -28.63 -3.58
CA LEU D 438 -1.34 -29.22 -4.26
C LEU D 438 -1.39 -30.75 -4.20
N GLU D 439 -2.47 -31.31 -4.74
CA GLU D 439 -2.59 -32.75 -4.84
C GLU D 439 -1.43 -33.35 -5.62
N ARG D 440 -0.91 -32.60 -6.59
CA ARG D 440 0.33 -32.95 -7.27
C ARG D 440 0.94 -31.67 -7.80
N LYS D 441 2.28 -31.59 -7.76
CA LYS D 441 2.95 -30.44 -8.34
C LYS D 441 2.88 -30.51 -9.86
N TRP D 442 2.57 -29.39 -10.48
CA TRP D 442 2.39 -29.33 -11.93
C TRP D 442 3.11 -28.12 -12.48
N GLN D 443 3.48 -28.20 -13.76
CA GLN D 443 4.31 -27.19 -14.40
C GLN D 443 3.73 -26.64 -15.69
N LYS D 444 2.63 -27.19 -16.20
CA LYS D 444 2.02 -26.75 -17.45
C LYS D 444 0.77 -25.94 -17.15
N SER D 445 0.72 -24.73 -17.67
CA SER D 445 -0.51 -23.95 -17.62
C SER D 445 -1.58 -24.61 -18.48
N ALA D 446 -2.85 -24.43 -18.07
CA ALA D 446 -3.95 -24.98 -18.85
C ALA D 446 -3.92 -24.46 -20.29
N ILE D 447 -3.51 -23.20 -20.47
CA ILE D 447 -3.43 -22.63 -21.82
C ILE D 447 -2.40 -23.39 -22.65
N GLN D 448 -1.24 -23.67 -22.06
CA GLN D 448 -0.20 -24.39 -22.79
C GLN D 448 -0.66 -25.80 -23.16
N GLN D 449 -1.31 -26.49 -22.22
CA GLN D 449 -1.86 -27.80 -22.53
C GLN D 449 -2.89 -27.72 -23.65
N PHE D 450 -3.66 -26.63 -23.68
CA PHE D 450 -4.59 -26.41 -24.78
C PHE D 450 -3.83 -26.23 -26.09
N ARG D 451 -2.68 -25.56 -26.06
CA ARG D 451 -1.93 -25.28 -27.27
C ARG D 451 -1.25 -26.54 -27.82
N ASP D 452 -0.84 -27.45 -26.94
CA ASP D 452 -0.13 -28.65 -27.34
C ASP D 452 -1.05 -29.82 -27.63
N GLY D 453 -2.37 -29.60 -27.62
CA GLY D 453 -3.32 -30.65 -27.87
C GLY D 453 -3.66 -31.51 -26.68
N ASN D 454 -3.08 -31.24 -25.51
CA ASN D 454 -3.41 -32.01 -24.32
C ASN D 454 -4.87 -31.81 -23.92
N ALA D 455 -5.36 -30.58 -24.01
CA ALA D 455 -6.75 -30.24 -23.69
C ALA D 455 -7.39 -29.63 -24.93
N ASN D 456 -8.29 -30.38 -25.56
CA ASN D 456 -8.98 -29.89 -26.74
C ASN D 456 -10.18 -29.01 -26.42
N LEU D 457 -10.65 -29.02 -25.17
CA LEU D 457 -11.79 -28.23 -24.76
C LEU D 457 -11.37 -27.38 -23.58
N MET D 458 -11.67 -26.08 -23.64
CA MET D 458 -11.34 -25.15 -22.58
C MET D 458 -12.58 -24.48 -22.04
N ILE D 459 -12.61 -24.26 -20.73
CA ILE D 459 -13.65 -23.50 -20.06
C ILE D 459 -12.98 -22.27 -19.45
N CYS D 460 -13.52 -21.09 -19.75
CA CYS D 460 -12.87 -19.87 -19.30
C CYS D 460 -13.84 -18.70 -19.37
N SER D 461 -13.60 -17.71 -18.51
CA SER D 461 -14.26 -16.42 -18.58
C SER D 461 -13.55 -15.56 -19.62
N SER D 462 -13.82 -14.25 -19.59
CA SER D 462 -13.17 -13.31 -20.51
C SER D 462 -11.66 -13.26 -20.31
N VAL D 463 -11.12 -14.06 -19.38
CA VAL D 463 -9.68 -14.12 -19.16
C VAL D 463 -8.96 -14.55 -20.43
N LEU D 464 -9.53 -15.52 -21.16
CA LEU D 464 -8.95 -15.99 -22.41
C LEU D 464 -9.61 -15.36 -23.62
N GLU D 465 -10.38 -14.28 -23.41
CA GLU D 465 -11.04 -13.59 -24.51
C GLU D 465 -10.03 -13.08 -25.54
N GLU D 466 -9.03 -12.33 -25.10
CA GLU D 466 -8.25 -11.49 -26.01
C GLU D 466 -6.80 -11.42 -25.55
N GLY D 467 -5.94 -10.98 -26.47
CA GLY D 467 -4.54 -10.76 -26.15
C GLY D 467 -3.69 -12.00 -26.29
N ILE D 468 -3.93 -12.98 -25.41
CA ILE D 468 -3.15 -14.21 -25.44
C ILE D 468 -3.38 -14.93 -26.75
N ASP D 469 -2.29 -15.22 -27.46
CA ASP D 469 -2.41 -15.80 -28.79
C ASP D 469 -2.86 -17.26 -28.71
N VAL D 470 -3.89 -17.59 -29.48
CA VAL D 470 -4.43 -18.94 -29.56
C VAL D 470 -4.67 -19.27 -31.03
N GLN D 471 -4.39 -20.52 -31.40
CA GLN D 471 -4.60 -20.97 -32.77
C GLN D 471 -6.06 -20.80 -33.17
N ALA D 472 -6.29 -20.80 -34.48
CA ALA D 472 -7.62 -20.58 -35.03
C ALA D 472 -8.61 -21.65 -34.57
N CYS D 473 -9.53 -21.27 -33.69
CA CYS D 473 -10.53 -22.21 -33.21
C CYS D 473 -11.60 -22.45 -34.27
N ASN D 474 -12.31 -23.56 -34.11
CA ASN D 474 -13.35 -23.96 -35.04
C ASN D 474 -14.74 -24.04 -34.43
N HIS D 475 -14.86 -24.17 -33.12
CA HIS D 475 -16.16 -24.22 -32.45
C HIS D 475 -16.06 -23.41 -31.16
N VAL D 476 -16.94 -22.41 -31.03
CA VAL D 476 -17.00 -21.58 -29.84
C VAL D 476 -18.43 -21.58 -29.32
N PHE D 477 -18.58 -21.76 -28.00
CA PHE D 477 -19.88 -21.83 -27.36
C PHE D 477 -19.97 -20.77 -26.27
N ILE D 478 -21.15 -20.19 -26.12
CA ILE D 478 -21.42 -19.21 -25.08
C ILE D 478 -22.69 -19.63 -24.37
N LEU D 479 -22.60 -19.88 -23.06
CA LEU D 479 -23.74 -20.34 -22.28
C LEU D 479 -24.46 -19.18 -21.60
N ASP D 480 -23.76 -18.43 -20.77
CA ASP D 480 -24.37 -17.26 -20.14
C ASP D 480 -24.55 -16.15 -21.18
N PRO D 481 -25.56 -15.29 -21.00
CA PRO D 481 -25.88 -14.31 -22.04
C PRO D 481 -24.73 -13.36 -22.32
N VAL D 482 -24.63 -12.95 -23.60
CA VAL D 482 -23.62 -11.98 -24.01
C VAL D 482 -23.83 -10.68 -23.25
N LYS D 483 -22.74 -10.14 -22.71
CA LYS D 483 -22.85 -8.97 -21.84
C LYS D 483 -22.59 -7.65 -22.56
N THR D 484 -21.54 -7.57 -23.38
CA THR D 484 -21.15 -6.33 -24.01
C THR D 484 -20.92 -6.53 -25.50
N PHE D 485 -20.53 -5.43 -26.17
CA PHE D 485 -20.09 -5.47 -27.55
C PHE D 485 -18.67 -6.01 -27.69
N ASN D 486 -17.76 -5.56 -26.82
CA ASN D 486 -16.35 -5.90 -26.97
C ASN D 486 -16.13 -7.40 -26.85
N MET D 487 -16.73 -8.02 -25.83
CA MET D 487 -16.51 -9.45 -25.65
C MET D 487 -17.14 -10.26 -26.77
N TYR D 488 -18.32 -9.84 -27.26
CA TYR D 488 -18.93 -10.53 -28.39
C TYR D 488 -18.03 -10.49 -29.62
N VAL D 489 -17.55 -9.30 -29.98
CA VAL D 489 -16.75 -9.21 -31.20
C VAL D 489 -15.41 -9.90 -31.03
N GLN D 490 -14.79 -9.80 -29.86
CA GLN D 490 -13.51 -10.47 -29.64
C GLN D 490 -13.66 -11.98 -29.65
N SER D 491 -14.75 -12.50 -29.08
CA SER D 491 -15.01 -13.93 -29.13
C SER D 491 -15.23 -14.40 -30.56
N LYS D 492 -16.07 -13.68 -31.32
CA LYS D 492 -16.32 -14.08 -32.69
C LYS D 492 -15.07 -13.95 -33.56
N GLY D 493 -14.11 -13.12 -33.17
CA GLY D 493 -12.85 -13.08 -33.87
C GLY D 493 -11.97 -14.30 -33.61
N ARG D 494 -12.17 -14.98 -32.49
CA ARG D 494 -11.34 -16.14 -32.17
C ARG D 494 -11.56 -17.29 -33.15
N ALA D 495 -12.81 -17.52 -33.55
CA ALA D 495 -13.12 -18.62 -34.46
C ALA D 495 -12.65 -18.26 -35.87
N ARG D 496 -11.34 -18.32 -36.08
CA ARG D 496 -10.72 -17.79 -37.28
C ARG D 496 -10.63 -18.77 -38.44
N THR D 497 -10.64 -20.08 -38.17
CA THR D 497 -10.44 -21.05 -39.23
C THR D 497 -11.61 -21.07 -40.20
N THR D 498 -11.42 -21.80 -41.30
CA THR D 498 -12.46 -21.89 -42.31
C THR D 498 -13.68 -22.62 -41.79
N GLU D 499 -14.86 -22.20 -42.25
CA GLU D 499 -16.17 -22.69 -41.81
C GLU D 499 -16.23 -22.88 -40.28
N ALA D 500 -15.59 -21.98 -39.55
CA ALA D 500 -15.66 -22.01 -38.10
C ALA D 500 -17.09 -21.76 -37.64
N LYS D 501 -17.47 -22.42 -36.56
CA LYS D 501 -18.83 -22.36 -36.04
C LYS D 501 -18.87 -21.47 -34.80
N PHE D 502 -19.76 -20.47 -34.83
CA PHE D 502 -20.06 -19.65 -33.67
C PHE D 502 -21.39 -20.10 -33.10
N VAL D 503 -21.42 -20.44 -31.82
CA VAL D 503 -22.59 -21.00 -31.18
C VAL D 503 -22.84 -20.26 -29.86
N LEU D 504 -24.10 -19.93 -29.61
CA LEU D 504 -24.48 -19.34 -28.34
C LEU D 504 -25.88 -19.82 -27.98
N PHE D 505 -26.19 -19.77 -26.69
CA PHE D 505 -27.44 -20.31 -26.17
C PHE D 505 -28.20 -19.24 -25.41
N THR D 506 -29.53 -19.31 -25.50
CA THR D 506 -30.40 -18.41 -24.75
C THR D 506 -31.71 -19.12 -24.48
N ALA D 507 -32.42 -18.63 -23.45
CA ALA D 507 -33.69 -19.23 -23.06
C ALA D 507 -34.79 -18.87 -24.05
N ASP D 508 -35.93 -19.53 -23.90
CA ASP D 508 -37.05 -19.32 -24.82
C ASP D 508 -37.57 -17.89 -24.75
N LYS D 509 -37.72 -17.36 -23.55
CA LYS D 509 -38.28 -16.03 -23.37
C LYS D 509 -37.24 -14.92 -23.48
N GLU D 510 -35.99 -15.26 -23.83
CA GLU D 510 -34.93 -14.27 -23.96
C GLU D 510 -34.41 -14.15 -25.40
N ARG D 511 -34.83 -15.05 -26.30
CA ARG D 511 -34.36 -15.00 -27.67
C ARG D 511 -34.69 -13.67 -28.34
N GLU D 512 -35.92 -13.20 -28.15
CA GLU D 512 -36.34 -11.95 -28.80
C GLU D 512 -35.50 -10.78 -28.34
N LYS D 513 -35.16 -10.70 -27.05
CA LYS D 513 -34.26 -9.65 -26.59
C LYS D 513 -32.89 -9.78 -27.26
N THR D 514 -32.31 -10.98 -27.24
CA THR D 514 -30.99 -11.18 -27.83
C THR D 514 -30.95 -10.80 -29.30
N ILE D 515 -32.09 -10.84 -29.98
CA ILE D 515 -32.12 -10.39 -31.37
C ILE D 515 -31.67 -8.92 -31.48
N GLN D 516 -32.17 -8.06 -30.60
CA GLN D 516 -31.75 -6.65 -30.68
C GLN D 516 -30.27 -6.49 -30.38
N GLN D 517 -29.73 -7.20 -29.38
CA GLN D 517 -28.30 -7.07 -29.09
C GLN D 517 -27.46 -7.52 -30.28
N ILE D 518 -27.82 -8.64 -30.90
CA ILE D 518 -26.99 -9.13 -32.01
C ILE D 518 -27.08 -8.19 -33.21
N TYR D 519 -28.29 -7.70 -33.53
CA TYR D 519 -28.41 -6.82 -34.67
C TYR D 519 -27.73 -5.47 -34.40
N GLN D 520 -27.83 -4.97 -33.17
CA GLN D 520 -27.15 -3.74 -32.80
C GLN D 520 -25.64 -3.89 -32.89
N TYR D 521 -25.11 -5.03 -32.43
CA TYR D 521 -23.68 -5.24 -32.51
C TYR D 521 -23.21 -5.31 -33.96
N ARG D 522 -23.98 -5.98 -34.82
CA ARG D 522 -23.62 -6.01 -36.24
C ARG D 522 -23.66 -4.61 -36.85
N LYS D 523 -24.69 -3.83 -36.53
CA LYS D 523 -24.74 -2.46 -37.02
C LYS D 523 -23.59 -1.62 -36.49
N ALA D 524 -23.19 -1.86 -35.23
CA ALA D 524 -22.07 -1.13 -34.66
C ALA D 524 -20.76 -1.52 -35.33
N HIS D 525 -20.64 -2.77 -35.78
CA HIS D 525 -19.46 -3.12 -36.54
C HIS D 525 -19.48 -2.49 -37.93
N ASN D 526 -20.67 -2.39 -38.53
CA ASN D 526 -20.76 -1.86 -39.89
C ASN D 526 -20.52 -0.36 -39.92
N ASP D 527 -21.31 0.40 -39.16
CA ASP D 527 -21.26 1.85 -39.26
C ASP D 527 -19.87 2.40 -38.98
N ILE D 528 -19.09 1.69 -38.16
CA ILE D 528 -17.67 2.04 -38.01
C ILE D 528 -16.97 1.94 -39.35
N ALA D 529 -17.21 0.86 -40.10
CA ALA D 529 -16.57 0.68 -41.38
C ALA D 529 -16.94 1.80 -42.34
N GLU D 530 -18.24 2.08 -42.47
CA GLU D 530 -18.63 3.17 -43.38
C GLU D 530 -18.07 4.51 -42.93
N TYR D 531 -18.13 4.83 -41.63
CA TYR D 531 -17.72 6.15 -41.18
C TYR D 531 -16.23 6.35 -41.34
N LEU D 532 -15.43 5.35 -40.97
CA LEU D 532 -13.98 5.48 -41.15
C LEU D 532 -13.61 5.48 -42.62
N LYS D 533 -14.36 4.73 -43.44
CA LYS D 533 -14.14 4.77 -44.89
C LYS D 533 -14.42 6.15 -45.46
N ASP D 534 -15.29 6.93 -44.81
CA ASP D 534 -15.74 8.21 -45.34
C ASP D 534 -15.45 9.38 -44.41
N ARG D 535 -14.53 9.20 -43.45
CA ARG D 535 -14.27 10.26 -42.48
C ARG D 535 -13.57 11.44 -43.15
N VAL D 536 -13.51 12.55 -42.40
CA VAL D 536 -12.86 13.76 -42.89
C VAL D 536 -11.35 13.55 -42.95
N LEU D 537 -10.74 13.96 -44.05
CA LEU D 537 -9.31 13.76 -44.28
C LEU D 537 -8.53 14.84 -43.55
N GLU D 538 -8.29 14.63 -42.26
CA GLU D 538 -7.46 15.50 -41.46
C GLU D 538 -6.16 14.79 -41.11
N LYS D 539 -5.15 15.57 -40.75
CA LYS D 539 -3.79 15.03 -40.71
C LYS D 539 -3.50 14.26 -39.42
N THR D 540 -3.46 14.95 -38.28
CA THR D 540 -3.05 14.31 -37.05
C THR D 540 -3.83 14.81 -35.84
N GLU D 541 -5.06 15.29 -36.04
CA GLU D 541 -5.81 15.99 -35.02
C GLU D 541 -4.97 17.10 -34.40
N PRO D 542 -4.57 18.12 -35.19
CA PRO D 542 -3.66 19.14 -34.67
C PRO D 542 -4.35 20.16 -33.78
N GLU D 543 -5.58 19.85 -33.35
CA GLU D 543 -6.36 20.74 -32.51
C GLU D 543 -5.85 20.64 -31.07
N LEU D 544 -4.75 21.36 -30.81
CA LEU D 544 -4.17 21.37 -29.47
C LEU D 544 -5.13 21.96 -28.44
N TYR D 545 -6.04 22.85 -28.87
CA TYR D 545 -6.97 23.44 -27.91
C TYR D 545 -7.84 22.38 -27.26
N GLU D 546 -8.43 21.49 -28.05
CA GLU D 546 -9.21 20.41 -27.45
C GLU D 546 -8.31 19.38 -26.78
N ILE D 547 -7.07 19.23 -27.23
CA ILE D 547 -6.15 18.31 -26.58
C ILE D 547 -5.93 18.74 -25.12
N LYS D 548 -5.70 20.03 -24.90
CA LYS D 548 -5.56 20.52 -23.54
C LYS D 548 -6.91 20.69 -22.85
N GLY D 549 -8.01 20.79 -23.59
CA GLY D 549 -9.34 20.81 -23.03
C GLY D 549 -9.93 19.45 -22.73
N HIS D 550 -9.21 18.38 -23.04
CA HIS D 550 -9.62 17.02 -22.74
C HIS D 550 -9.41 16.68 -21.25
N PHE D 551 -8.28 17.09 -20.67
CA PHE D 551 -7.87 16.67 -19.33
C PHE D 551 -7.97 17.74 -18.26
N GLN D 552 -8.10 19.02 -18.63
CA GLN D 552 -7.92 20.10 -17.65
C GLN D 552 -8.92 20.02 -16.51
N ASP D 553 -10.05 19.34 -16.71
CA ASP D 553 -11.14 19.35 -15.74
C ASP D 553 -10.77 18.66 -14.44
N ASP D 554 -9.69 17.91 -14.39
CA ASP D 554 -9.25 17.26 -13.17
C ASP D 554 -8.30 18.19 -12.43
N ILE D 555 -7.65 17.66 -11.40
CA ILE D 555 -6.65 18.42 -10.65
C ILE D 555 -5.37 18.47 -11.46
N ASP D 556 -4.82 19.67 -11.63
CA ASP D 556 -3.60 19.83 -12.41
C ASP D 556 -2.46 19.07 -11.75
N PRO D 557 -1.79 18.17 -12.46
CA PRO D 557 -0.65 17.46 -11.86
C PRO D 557 0.46 18.42 -11.47
N PHE D 558 1.09 18.15 -10.33
CA PHE D 558 2.12 19.00 -9.76
C PHE D 558 3.49 18.37 -9.98
N THR D 559 4.43 19.17 -10.48
CA THR D 559 5.80 18.73 -10.69
C THR D 559 6.74 19.64 -9.90
N ASN D 560 7.79 19.04 -9.34
CA ASN D 560 8.80 19.75 -8.59
C ASN D 560 10.07 19.89 -9.43
N GLU D 561 11.15 20.34 -8.81
CA GLU D 561 12.44 20.34 -9.49
C GLU D 561 12.89 18.91 -9.75
N ASN D 562 14.01 18.79 -10.48
CA ASN D 562 14.56 17.53 -10.97
C ASN D 562 13.70 16.89 -12.04
N GLY D 563 12.60 17.52 -12.45
CA GLY D 563 11.76 17.02 -13.51
C GLY D 563 10.74 15.99 -13.10
N ALA D 564 10.70 15.58 -11.84
CA ALA D 564 9.73 14.59 -11.40
C ALA D 564 8.32 15.17 -11.45
N VAL D 565 7.37 14.35 -11.90
CA VAL D 565 5.98 14.75 -12.05
C VAL D 565 5.10 13.81 -11.24
N LEU D 566 4.13 14.38 -10.53
CA LEU D 566 3.20 13.63 -9.71
C LEU D 566 1.82 13.64 -10.37
N LEU D 567 1.25 12.46 -10.58
CA LEU D 567 -0.07 12.35 -11.20
C LEU D 567 -1.14 12.32 -10.11
N PRO D 568 -2.14 13.20 -10.16
CA PRO D 568 -3.18 13.20 -9.12
C PRO D 568 -3.94 11.89 -9.04
N ASN D 569 -4.16 11.21 -10.16
CA ASN D 569 -4.89 9.94 -10.13
C ASN D 569 -4.07 8.83 -9.49
N ASN D 570 -2.76 8.99 -9.38
CA ASN D 570 -1.91 8.02 -8.70
C ASN D 570 -1.69 8.39 -7.23
N ALA D 571 -2.36 9.43 -6.74
CA ALA D 571 -2.15 9.87 -5.37
C ALA D 571 -2.57 8.79 -4.37
N LEU D 572 -3.70 8.13 -4.62
CA LEU D 572 -4.15 7.09 -3.71
C LEU D 572 -3.14 5.95 -3.64
N ALA D 573 -2.64 5.52 -4.81
CA ALA D 573 -1.67 4.44 -4.84
C ALA D 573 -0.38 4.83 -4.12
N ILE D 574 0.10 6.04 -4.36
CA ILE D 574 1.33 6.50 -3.73
C ILE D 574 1.16 6.57 -2.21
N LEU D 575 0.02 7.12 -1.77
CA LEU D 575 -0.22 7.24 -0.33
C LEU D 575 -0.31 5.87 0.33
N HIS D 576 -1.04 4.93 -0.28
CA HIS D 576 -1.15 3.59 0.29
C HIS D 576 0.20 2.89 0.29
N ARG D 577 0.98 3.04 -0.78
CA ARG D 577 2.29 2.42 -0.83
C ARG D 577 3.22 2.97 0.25
N TYR D 578 3.19 4.29 0.46
CA TYR D 578 3.97 4.87 1.55
C TYR D 578 3.50 4.34 2.89
N CYS D 579 2.20 4.23 3.09
CA CYS D 579 1.67 3.70 4.34
C CYS D 579 2.18 2.29 4.60
N GLN D 580 2.18 1.45 3.57
CA GLN D 580 2.68 0.08 3.73
C GLN D 580 4.14 0.04 4.15
N THR D 581 4.91 1.11 3.88
CA THR D 581 6.32 1.12 4.27
C THR D 581 6.50 1.14 5.78
N ILE D 582 5.60 1.77 6.52
CA ILE D 582 5.70 1.82 7.97
C ILE D 582 5.56 0.41 8.53
N PRO D 583 6.55 -0.09 9.28
CA PRO D 583 6.44 -1.44 9.84
C PRO D 583 5.28 -1.52 10.81
N THR D 584 4.59 -2.68 10.80
CA THR D 584 3.44 -2.88 11.66
C THR D 584 3.18 -4.37 11.80
N ASP D 585 2.36 -4.72 12.79
CA ASP D 585 1.88 -6.09 12.94
C ASP D 585 0.68 -6.31 12.03
N ALA D 586 -0.07 -7.38 12.27
CA ALA D 586 -1.15 -7.76 11.36
C ALA D 586 -2.25 -6.70 11.34
N PHE D 587 -2.94 -6.52 12.46
CA PHE D 587 -4.08 -5.61 12.50
C PHE D 587 -3.65 -4.13 12.57
N GLY D 588 -2.39 -3.85 12.91
CA GLY D 588 -1.93 -2.48 12.89
C GLY D 588 -2.10 -1.90 11.50
N PHE D 589 -3.09 -1.01 11.35
CA PHE D 589 -3.50 -0.56 10.04
C PHE D 589 -2.54 0.50 9.53
N VAL D 590 -2.19 0.39 8.25
CA VAL D 590 -1.42 1.42 7.59
C VAL D 590 -2.29 2.31 6.71
N ILE D 591 -3.42 1.79 6.21
CA ILE D 591 -4.28 2.57 5.31
C ILE D 591 -4.84 3.77 6.07
N PRO D 592 -4.82 4.97 5.49
CA PRO D 592 -5.36 6.15 6.18
C PRO D 592 -6.88 6.08 6.25
N TRP D 593 -7.41 6.04 7.46
CA TRP D 593 -8.85 5.96 7.65
C TRP D 593 -9.49 7.28 7.24
N PHE D 594 -10.17 7.27 6.09
CA PHE D 594 -10.83 8.46 5.60
C PHE D 594 -12.07 8.77 6.43
N HIS D 595 -12.60 9.97 6.24
CA HIS D 595 -13.82 10.38 6.93
C HIS D 595 -14.48 11.49 6.15
N VAL D 596 -15.73 11.29 5.77
CA VAL D 596 -16.49 12.31 5.04
C VAL D 596 -16.96 13.36 6.03
N LEU D 597 -16.80 14.63 5.65
CA LEU D 597 -17.20 15.72 6.53
C LEU D 597 -18.71 15.86 6.58
N GLN D 598 -19.19 16.57 7.60
CA GLN D 598 -20.60 16.87 7.76
C GLN D 598 -20.86 18.33 7.40
N GLU D 599 -22.03 18.58 6.80
CA GLU D 599 -22.32 19.90 6.24
C GLU D 599 -22.19 21.00 7.29
N ASP D 600 -22.72 20.76 8.49
CA ASP D 600 -22.55 21.74 9.56
C ASP D 600 -21.09 21.94 9.90
N GLU D 601 -20.32 20.85 9.99
CA GLU D 601 -18.88 20.99 10.14
C GLU D 601 -18.25 21.58 8.89
N ARG D 602 -18.80 21.28 7.71
CA ARG D 602 -18.25 21.80 6.46
C ARG D 602 -18.23 23.32 6.47
N ASP D 603 -19.37 23.96 6.78
CA ASP D 603 -19.33 25.41 6.85
C ASP D 603 -18.81 25.93 8.19
N ARG D 604 -18.68 25.06 9.20
CA ARG D 604 -17.95 25.45 10.40
C ARG D 604 -16.46 25.60 10.14
N ILE D 605 -15.93 24.94 9.10
CA ILE D 605 -14.50 25.03 8.81
C ILE D 605 -14.27 25.77 7.51
N PHE D 606 -15.21 25.67 6.56
CA PHE D 606 -15.06 26.26 5.25
C PHE D 606 -16.11 27.35 5.03
N GLY D 607 -16.06 27.96 3.86
CA GLY D 607 -16.90 29.09 3.53
C GLY D 607 -18.29 28.69 3.09
N VAL D 608 -18.94 29.62 2.39
CA VAL D 608 -20.32 29.40 1.94
C VAL D 608 -20.39 28.27 0.91
N SER D 609 -19.33 28.05 0.15
CA SER D 609 -19.30 26.99 -0.85
C SER D 609 -19.31 25.60 -0.22
N ALA D 610 -19.12 25.49 1.10
CA ALA D 610 -19.11 24.20 1.75
C ALA D 610 -20.46 23.49 1.63
N LYS D 611 -21.56 24.23 1.71
CA LYS D 611 -22.88 23.62 1.60
C LYS D 611 -23.08 22.98 0.22
N GLY D 612 -22.57 23.63 -0.83
CA GLY D 612 -22.84 23.15 -2.18
C GLY D 612 -22.19 21.82 -2.48
N LYS D 613 -20.96 21.61 -2.01
CA LYS D 613 -20.16 20.46 -2.40
C LYS D 613 -19.46 19.84 -1.21
N HIS D 614 -19.11 18.56 -1.35
CA HIS D 614 -18.66 17.72 -0.26
C HIS D 614 -17.15 17.85 -0.03
N VAL D 615 -16.74 17.49 1.18
CA VAL D 615 -15.33 17.47 1.58
C VAL D 615 -15.07 16.21 2.39
N ILE D 616 -13.91 15.59 2.17
CA ILE D 616 -13.48 14.41 2.91
C ILE D 616 -12.21 14.75 3.67
N SER D 617 -12.05 14.15 4.86
CA SER D 617 -10.90 14.38 5.72
C SER D 617 -10.05 13.11 5.81
N ILE D 618 -8.74 13.31 5.96
CA ILE D 618 -7.78 12.22 6.09
C ILE D 618 -7.20 12.23 7.50
N ASN D 619 -7.08 11.05 8.09
CA ASN D 619 -6.34 10.85 9.33
C ASN D 619 -5.24 9.83 9.08
N MET D 620 -4.19 9.89 9.88
CA MET D 620 -2.99 9.11 9.65
C MET D 620 -2.70 8.26 10.88
N PRO D 621 -2.16 7.05 10.70
CA PRO D 621 -1.78 6.25 11.87
C PRO D 621 -0.73 6.96 12.71
N VAL D 622 -0.78 6.70 14.02
CA VAL D 622 0.02 7.44 14.98
C VAL D 622 1.51 7.36 14.68
N ASN D 623 1.96 6.30 14.01
CA ASN D 623 3.37 6.19 13.67
C ASN D 623 3.79 7.23 12.63
N CYS D 624 2.93 7.54 11.67
CA CYS D 624 3.26 8.56 10.69
C CYS D 624 3.34 9.92 11.36
N MET D 625 4.30 10.73 10.91
CA MET D 625 4.56 12.00 11.56
C MET D 625 3.56 13.08 11.16
N LEU D 626 2.74 12.82 10.14
CA LEU D 626 1.65 13.72 9.77
C LEU D 626 0.49 13.54 10.75
N ARG D 627 0.75 13.91 11.99
CA ARG D 627 -0.27 13.77 13.03
C ARG D 627 -1.47 14.68 12.74
N ASP D 628 -1.21 15.90 12.31
CA ASP D 628 -2.29 16.83 11.98
C ASP D 628 -3.07 16.32 10.78
N THR D 629 -4.40 16.38 10.88
CA THR D 629 -5.25 15.95 9.79
C THR D 629 -5.23 16.97 8.66
N ILE D 630 -5.53 16.49 7.45
CA ILE D 630 -5.55 17.31 6.26
C ILE D 630 -6.94 17.24 5.65
N TYR D 631 -7.52 18.40 5.36
CA TYR D 631 -8.86 18.50 4.80
C TYR D 631 -8.76 18.68 3.29
N SER D 632 -9.50 17.86 2.55
CA SER D 632 -9.46 17.92 1.10
C SER D 632 -10.07 19.22 0.58
N ASP D 633 -9.71 19.58 -0.64
CA ASP D 633 -10.40 20.66 -1.32
C ASP D 633 -11.85 20.28 -1.55
N PRO D 634 -12.78 21.23 -1.46
CA PRO D 634 -14.19 20.91 -1.75
C PRO D 634 -14.40 20.53 -3.20
N MET D 635 -14.72 19.26 -3.45
CA MET D 635 -15.09 18.75 -4.76
C MET D 635 -16.57 18.37 -4.76
N ASP D 636 -17.05 17.98 -5.95
CA ASP D 636 -18.47 17.70 -6.11
C ASP D 636 -18.81 16.32 -5.58
N ASN D 637 -18.23 15.28 -6.17
CA ASN D 637 -18.49 13.91 -5.74
C ASN D 637 -17.39 13.43 -4.79
N VAL D 638 -17.69 12.33 -4.09
CA VAL D 638 -16.75 11.79 -3.11
C VAL D 638 -15.48 11.28 -3.79
N LYS D 639 -15.58 10.87 -5.06
CA LYS D 639 -14.40 10.36 -5.77
C LYS D 639 -13.35 11.45 -5.94
N THR D 640 -13.74 12.60 -6.49
CA THR D 640 -12.80 13.70 -6.63
C THR D 640 -12.35 14.23 -5.28
N ALA D 641 -13.22 14.15 -4.27
CA ALA D 641 -12.82 14.53 -2.92
C ALA D 641 -11.68 13.65 -2.41
N LYS D 642 -11.80 12.34 -2.59
CA LYS D 642 -10.73 11.43 -2.19
C LYS D 642 -9.46 11.69 -2.99
N ILE D 643 -9.61 11.94 -4.30
CA ILE D 643 -8.43 12.20 -5.14
C ILE D 643 -7.70 13.45 -4.65
N SER D 644 -8.45 14.53 -4.40
CA SER D 644 -7.83 15.76 -3.91
C SER D 644 -7.21 15.58 -2.54
N ALA D 645 -7.89 14.85 -1.65
CA ALA D 645 -7.34 14.59 -0.33
C ALA D 645 -6.01 13.86 -0.41
N ALA D 646 -5.96 12.79 -1.20
CA ALA D 646 -4.72 12.03 -1.33
C ALA D 646 -3.63 12.87 -2.00
N PHE D 647 -3.99 13.65 -3.02
CA PHE D 647 -3.00 14.48 -3.70
C PHE D 647 -2.39 15.51 -2.75
N LYS D 648 -3.23 16.21 -1.99
CA LYS D 648 -2.71 17.19 -1.04
C LYS D 648 -1.89 16.52 0.05
N ALA D 649 -2.34 15.37 0.56
CA ALA D 649 -1.61 14.68 1.60
C ALA D 649 -0.22 14.25 1.11
N CYS D 650 -0.16 13.67 -0.09
CA CYS D 650 1.15 13.24 -0.61
C CYS D 650 2.03 14.44 -0.92
N LYS D 651 1.43 15.58 -1.30
CA LYS D 651 2.21 16.79 -1.47
C LYS D 651 2.83 17.23 -0.14
N VAL D 652 2.05 17.15 0.94
CA VAL D 652 2.57 17.51 2.26
C VAL D 652 3.69 16.56 2.67
N LEU D 653 3.51 15.26 2.43
CA LEU D 653 4.58 14.29 2.67
C LEU D 653 5.84 14.63 1.89
N TYR D 654 5.70 14.98 0.61
CA TYR D 654 6.88 15.32 -0.18
C TYR D 654 7.55 16.56 0.36
N SER D 655 6.76 17.57 0.75
CA SER D 655 7.33 18.77 1.35
C SER D 655 8.08 18.45 2.63
N LEU D 656 7.53 17.54 3.45
CA LEU D 656 8.20 17.11 4.67
C LEU D 656 9.42 16.23 4.40
N GLY D 657 9.62 15.79 3.15
CA GLY D 657 10.77 14.99 2.80
C GLY D 657 10.60 13.49 2.94
N GLU D 658 9.48 13.02 3.50
CA GLU D 658 9.24 11.58 3.53
C GLU D 658 9.21 11.00 2.12
N LEU D 659 8.45 11.62 1.22
CA LEU D 659 8.49 11.25 -0.18
C LEU D 659 9.76 11.80 -0.82
N ASN D 660 10.43 10.97 -1.60
CA ASN D 660 11.73 11.33 -2.15
C ASN D 660 11.56 12.28 -3.34
N GLU D 661 12.68 12.62 -3.99
CA GLU D 661 12.62 13.48 -5.17
C GLU D 661 11.90 12.78 -6.32
N ARG D 662 12.14 11.48 -6.51
CA ARG D 662 11.51 10.71 -7.57
C ARG D 662 10.10 10.24 -7.22
N PHE D 663 9.47 10.83 -6.20
CA PHE D 663 8.11 10.49 -5.79
C PHE D 663 7.99 9.00 -5.45
N VAL D 664 8.74 8.59 -4.43
CA VAL D 664 8.62 7.26 -3.86
C VAL D 664 9.10 7.34 -2.42
N PRO D 665 8.49 6.60 -1.48
CA PRO D 665 8.96 6.67 -0.09
C PRO D 665 10.41 6.24 0.03
N LYS D 666 11.11 6.89 0.97
CA LYS D 666 12.54 6.69 1.14
C LYS D 666 12.82 5.53 2.10
N THR D 667 13.76 4.68 1.72
CA THR D 667 14.21 3.59 2.55
C THR D 667 15.31 4.10 3.48
N LEU D 668 16.00 3.17 4.16
CA LEU D 668 17.12 3.58 5.01
C LEU D 668 18.33 3.99 4.18
N LYS D 669 18.37 3.66 2.90
CA LYS D 669 19.49 4.05 2.05
C LYS D 669 19.60 5.57 1.96
N GLU D 670 18.48 6.26 1.76
CA GLU D 670 18.50 7.71 1.72
C GLU D 670 18.93 8.29 3.06
N ARG D 671 18.46 7.70 4.16
CA ARG D 671 18.83 8.20 5.48
C ARG D 671 20.33 8.09 5.71
N VAL D 672 20.90 6.92 5.39
CA VAL D 672 22.33 6.74 5.61
C VAL D 672 23.14 7.58 4.63
N ALA D 673 22.62 7.81 3.41
CA ALA D 673 23.31 8.71 2.48
C ALA D 673 23.34 10.13 3.02
N SER D 674 22.24 10.58 3.62
CA SER D 674 22.22 11.91 4.23
C SER D 674 23.18 12.00 5.41
N ILE D 675 23.22 10.95 6.24
CA ILE D 675 24.06 10.99 7.44
C ILE D 675 25.55 10.81 7.12
N ALA D 676 25.89 10.13 6.03
CA ALA D 676 27.26 9.71 5.76
C ALA D 676 28.25 10.85 5.87
N ASP D 677 28.09 11.88 5.04
CA ASP D 677 29.06 12.97 5.00
C ASP D 677 28.99 13.87 6.23
N VAL D 678 28.17 13.52 7.22
CA VAL D 678 28.10 14.28 8.46
C VAL D 678 28.81 13.50 9.55
N HIS D 679 28.31 12.29 9.85
CA HIS D 679 28.84 11.51 10.96
C HIS D 679 29.96 10.56 10.57
N PHE D 680 30.17 10.29 9.29
CA PHE D 680 31.13 9.29 8.85
C PHE D 680 32.04 9.86 7.77
N GLU D 681 32.57 11.07 8.00
CA GLU D 681 33.52 11.65 7.06
C GLU D 681 34.91 11.03 7.22
N HIS D 682 35.30 10.68 8.44
CA HIS D 682 36.65 10.17 8.68
C HIS D 682 36.89 8.82 8.02
N TRP D 683 35.83 8.14 7.56
CA TRP D 683 36.04 6.89 6.83
C TRP D 683 36.68 7.14 5.48
N ASN D 684 36.35 8.26 4.83
CA ASN D 684 36.88 8.52 3.49
C ASN D 684 38.39 8.65 3.49
N LYS D 685 38.95 9.33 4.50
CA LYS D 685 40.40 9.45 4.58
C LYS D 685 41.07 8.09 4.84
N TYR D 686 40.31 7.09 5.28
CA TYR D 686 40.79 5.73 5.36
C TYR D 686 40.42 4.91 4.12
N GLY D 687 39.78 5.53 3.13
CA GLY D 687 39.44 4.85 1.90
C GLY D 687 38.13 4.11 1.89
N ASP D 688 37.33 4.21 2.94
CA ASP D 688 36.04 3.55 3.04
C ASP D 688 34.94 4.58 3.31
N SER D 689 33.72 4.08 3.47
CA SER D 689 32.57 4.92 3.78
C SER D 689 31.40 4.02 4.14
N VAL D 690 30.44 4.58 4.87
CA VAL D 690 29.24 3.82 5.23
C VAL D 690 28.41 3.52 3.99
N THR D 691 28.45 4.40 2.98
CA THR D 691 27.75 4.13 1.74
C THR D 691 28.30 2.91 1.02
N ALA D 692 29.53 2.51 1.33
CA ALA D 692 30.10 1.26 0.83
C ALA D 692 29.52 0.10 1.64
N THR D 693 28.23 -0.15 1.40
CA THR D 693 27.49 -1.18 2.12
C THR D 693 28.00 -2.58 1.80
N VAL D 694 28.83 -2.74 0.77
CA VAL D 694 29.34 -4.04 0.36
C VAL D 694 30.57 -4.39 1.20
N ASN D 695 30.80 -3.60 2.25
CA ASN D 695 31.94 -3.81 3.15
C ASN D 695 31.83 -5.08 3.98
N LYS D 696 30.81 -5.91 3.75
CA LYS D 696 30.61 -7.13 4.52
C LYS D 696 31.34 -8.33 3.93
N ALA D 697 32.10 -8.15 2.85
CA ALA D 697 32.69 -9.28 2.15
C ALA D 697 33.78 -9.96 2.97
N ASP D 698 34.72 -9.18 3.51
CA ASP D 698 35.89 -9.72 4.20
C ASP D 698 36.14 -8.98 5.50
N LYS D 699 35.10 -8.84 6.32
CA LYS D 699 35.23 -8.15 7.59
C LYS D 699 36.15 -8.86 8.58
N SER D 700 36.67 -10.04 8.25
CA SER D 700 37.65 -10.72 9.07
C SER D 700 39.07 -10.22 8.83
N LYS D 701 39.25 -9.27 7.91
CA LYS D 701 40.57 -8.73 7.61
C LYS D 701 41.14 -8.02 8.81
N ASP D 702 42.45 -8.20 9.03
CA ASP D 702 43.18 -7.54 10.10
C ASP D 702 44.40 -6.85 9.51
N ARG D 703 44.76 -5.71 10.10
CA ARG D 703 45.80 -4.85 9.57
C ARG D 703 46.92 -4.68 10.59
N THR D 704 48.05 -4.16 10.11
CA THR D 704 49.21 -3.91 10.94
C THR D 704 49.21 -2.46 11.42
N TYR D 705 50.00 -2.21 12.48
CA TYR D 705 50.14 -0.88 13.02
C TYR D 705 51.56 -0.69 13.53
N LYS D 706 51.96 0.57 13.62
CA LYS D 706 53.27 0.91 14.15
C LYS D 706 53.26 0.89 15.67
N THR D 707 54.45 0.80 16.25
CA THR D 707 54.63 0.88 17.70
C THR D 707 55.68 1.94 18.01
N GLU D 708 55.60 2.49 19.22
CA GLU D 708 56.53 3.52 19.64
C GLU D 708 56.68 3.49 21.15
N CYS D 709 57.92 3.66 21.62
CA CYS D 709 58.19 3.73 23.04
C CYS D 709 57.64 5.02 23.62
N PRO D 710 57.41 5.06 24.93
CA PRO D 710 56.84 6.27 25.55
C PRO D 710 57.81 7.44 25.47
N LEU D 711 57.27 8.62 25.79
CA LEU D 711 58.07 9.84 25.74
C LEU D 711 59.24 9.78 26.70
N GLU D 712 59.02 9.28 27.92
CA GLU D 712 60.11 9.15 28.88
C GLU D 712 61.17 8.18 28.37
N PHE D 713 60.75 7.05 27.81
CA PHE D 713 61.67 6.10 27.23
C PHE D 713 62.21 6.55 25.88
N TYR D 714 61.67 7.62 25.31
CA TYR D 714 62.11 8.11 24.00
C TYR D 714 63.44 8.82 24.17
N ASP D 715 64.52 8.06 24.01
CA ASP D 715 65.89 8.58 24.09
C ASP D 715 66.15 9.25 25.44
N ALA D 716 66.06 8.45 26.50
CA ALA D 716 66.49 8.90 27.82
C ALA D 716 67.95 8.59 28.09
N LEU D 717 68.70 8.22 27.05
CA LEU D 717 70.11 7.89 27.21
C LEU D 717 70.89 9.09 27.71
N PRO D 718 71.73 8.94 28.73
CA PRO D 718 72.50 10.09 29.23
C PRO D 718 73.49 10.60 28.21
N ARG D 719 73.80 11.89 28.32
CA ARG D 719 74.86 12.53 27.55
C ARG D 719 76.01 12.84 28.50
N VAL D 720 77.24 12.64 28.03
CA VAL D 720 78.41 12.84 28.87
C VAL D 720 78.47 14.28 29.34
N GLY D 721 78.59 14.47 30.66
CA GLY D 721 78.59 15.78 31.26
C GLY D 721 77.24 16.27 31.73
N GLU D 722 76.17 15.52 31.49
CA GLU D 722 74.83 15.93 31.87
C GLU D 722 74.34 15.16 33.09
N ILE D 723 73.30 15.71 33.74
CA ILE D 723 72.75 15.11 34.93
C ILE D 723 72.01 13.82 34.56
N CYS D 724 72.08 12.83 35.44
CA CYS D 724 71.42 11.55 35.24
C CYS D 724 70.59 11.20 36.47
N TYR D 725 69.50 10.47 36.25
CA TYR D 725 68.59 10.06 37.31
C TYR D 725 68.63 8.55 37.45
N ALA D 726 69.18 8.07 38.56
CA ALA D 726 69.20 6.65 38.87
C ALA D 726 67.96 6.34 39.71
N TYR D 727 67.01 5.63 39.11
CA TYR D 727 65.76 5.26 39.78
C TYR D 727 65.93 3.87 40.38
N GLU D 728 65.98 3.80 41.71
CA GLU D 728 66.28 2.56 42.39
C GLU D 728 65.17 1.53 42.18
N ILE D 729 65.56 0.26 42.14
CA ILE D 729 64.65 -0.86 41.98
C ILE D 729 64.60 -1.64 43.29
N PHE D 730 63.39 -1.92 43.76
CA PHE D 730 63.19 -2.62 45.03
C PHE D 730 62.42 -3.91 44.78
N LEU D 731 62.78 -4.96 45.51
CA LEU D 731 62.10 -6.26 45.43
C LEU D 731 61.77 -6.70 46.84
N GLU D 732 60.60 -6.28 47.34
CA GLU D 732 60.18 -6.65 48.70
C GLU D 732 59.38 -7.95 48.66
N PRO D 733 59.69 -8.91 49.53
CA PRO D 733 58.95 -10.18 49.53
C PRO D 733 57.59 -10.03 50.20
N GLN D 734 56.55 -10.47 49.52
CA GLN D 734 55.20 -10.50 50.07
C GLN D 734 54.85 -11.85 50.68
N PHE D 735 55.13 -12.94 49.96
CA PHE D 735 54.92 -14.27 50.49
C PHE D 735 55.90 -14.55 51.63
N GLU D 736 55.42 -15.31 52.62
CA GLU D 736 56.28 -15.80 53.68
C GLU D 736 57.04 -17.03 53.19
N SER D 737 58.35 -17.04 53.39
CA SER D 737 59.20 -18.06 52.80
C SER D 737 59.29 -19.29 53.69
N CYS D 738 59.75 -20.39 53.09
CA CYS D 738 60.04 -21.64 53.77
C CYS D 738 61.55 -21.85 53.78
N GLU D 739 61.98 -22.81 54.60
CA GLU D 739 63.41 -23.05 54.79
C GLU D 739 64.12 -23.43 53.51
N TYR D 740 63.38 -23.90 52.50
CA TYR D 740 63.94 -24.17 51.18
C TYR D 740 63.83 -22.97 50.24
N THR D 741 63.37 -21.83 50.76
CA THR D 741 63.18 -20.64 49.95
C THR D 741 63.80 -19.40 50.58
N GLU D 742 64.28 -19.47 51.84
CA GLU D 742 64.81 -18.30 52.52
C GLU D 742 66.02 -17.70 51.82
N HIS D 743 66.68 -18.45 50.94
CA HIS D 743 67.85 -17.92 50.26
C HIS D 743 67.50 -16.69 49.42
N MET D 744 66.49 -16.78 48.56
CA MET D 744 66.03 -15.57 47.89
C MET D 744 65.43 -14.59 48.89
N TYR D 745 64.64 -15.10 49.85
CA TYR D 745 63.93 -14.23 50.78
C TYR D 745 64.87 -13.25 51.48
N LEU D 746 66.09 -13.69 51.78
CA LEU D 746 67.11 -12.79 52.29
C LEU D 746 67.87 -12.08 51.17
N ASN D 747 68.13 -12.78 50.07
CA ASN D 747 68.82 -12.16 48.94
C ASN D 747 67.99 -11.04 48.33
N LEU D 748 66.68 -11.24 48.20
CA LEU D 748 65.81 -10.17 47.72
C LEU D 748 65.79 -9.00 48.70
N GLN D 749 65.94 -9.27 49.99
CA GLN D 749 65.94 -8.23 51.01
C GLN D 749 67.32 -7.61 51.25
N THR D 750 68.29 -7.89 50.40
CA THR D 750 69.60 -7.28 50.57
C THR D 750 69.53 -5.79 50.21
N PRO D 751 70.16 -4.92 51.01
CA PRO D 751 70.19 -3.50 50.67
C PRO D 751 70.88 -3.23 49.34
N ARG D 752 71.86 -4.04 48.97
CA ARG D 752 72.57 -3.88 47.71
C ARG D 752 71.60 -4.16 46.56
N ASN D 753 71.20 -3.10 45.86
CA ASN D 753 70.21 -3.18 44.80
C ASN D 753 70.81 -2.69 43.49
N TYR D 754 69.95 -2.56 42.48
CA TYR D 754 70.31 -1.98 41.19
C TYR D 754 69.30 -0.88 40.87
N ALA D 755 69.51 -0.20 39.74
CA ALA D 755 68.68 0.93 39.40
C ALA D 755 68.67 1.12 37.88
N ILE D 756 67.77 1.99 37.43
CA ILE D 756 67.66 2.36 36.02
C ILE D 756 68.06 3.83 35.90
N LEU D 757 68.94 4.12 34.94
CA LEU D 757 69.52 5.44 34.78
C LEU D 757 69.00 6.08 33.50
N LEU D 758 68.45 7.28 33.61
CA LEU D 758 67.85 7.99 32.50
C LEU D 758 68.29 9.45 32.51
N ARG D 759 68.17 10.10 31.35
CA ARG D 759 68.39 11.54 31.24
C ARG D 759 67.08 12.31 31.26
N ASN D 760 65.98 11.68 30.86
CA ASN D 760 64.66 12.24 31.08
C ASN D 760 64.09 11.76 32.41
N LYS D 761 63.28 12.61 33.03
CA LYS D 761 62.74 12.30 34.35
C LYS D 761 61.59 11.31 34.23
N LEU D 762 61.04 10.92 35.38
CA LEU D 762 59.92 10.00 35.46
C LEU D 762 58.89 10.50 36.46
N PRO D 763 57.62 10.18 36.25
CA PRO D 763 56.61 10.44 37.29
C PRO D 763 56.64 9.35 38.35
N ARG D 764 55.68 9.37 39.27
CA ARG D 764 55.52 8.26 40.19
C ARG D 764 54.82 7.11 39.49
N LEU D 765 55.25 5.89 39.81
CA LEU D 765 54.77 4.70 39.11
C LEU D 765 54.10 3.75 40.10
N ALA D 766 53.14 2.98 39.58
CA ALA D 766 52.34 2.10 40.43
C ALA D 766 53.16 0.92 40.92
N GLU D 767 52.90 0.51 42.16
CA GLU D 767 53.52 -0.69 42.71
C GLU D 767 53.00 -1.91 41.97
N MET D 768 53.92 -2.85 41.69
CA MET D 768 53.61 -3.99 40.85
C MET D 768 53.76 -5.29 41.62
N PRO D 769 52.94 -6.30 41.32
CA PRO D 769 53.16 -7.64 41.89
C PRO D 769 53.97 -8.54 40.96
N LEU D 770 54.71 -9.49 41.53
CA LEU D 770 55.46 -10.46 40.75
C LEU D 770 55.11 -11.86 41.22
N PHE D 771 54.79 -12.74 40.28
CA PHE D 771 54.45 -14.13 40.58
C PHE D 771 55.66 -15.01 40.28
N SER D 772 56.58 -15.05 41.23
CA SER D 772 57.75 -15.90 41.09
C SER D 772 57.37 -17.36 41.28
N ASN D 773 58.26 -18.25 40.84
CA ASN D 773 58.02 -19.68 40.97
C ASN D 773 58.21 -20.17 42.40
N GLN D 774 58.58 -19.30 43.34
CA GLN D 774 58.73 -19.68 44.74
C GLN D 774 57.88 -18.82 45.67
N GLY D 775 57.13 -17.87 45.14
CA GLY D 775 56.32 -16.99 45.95
C GLY D 775 55.92 -15.76 45.16
N LYS D 776 55.38 -14.78 45.89
CA LYS D 776 54.91 -13.54 45.30
C LYS D 776 55.78 -12.37 45.74
N LEU D 777 56.05 -11.46 44.81
CA LEU D 777 56.94 -10.33 45.05
C LEU D 777 56.25 -9.03 44.67
N HIS D 778 56.66 -7.95 45.33
CA HIS D 778 56.19 -6.60 45.02
C HIS D 778 57.40 -5.71 44.72
N VAL D 779 57.32 -4.96 43.63
CA VAL D 779 58.41 -4.13 43.16
C VAL D 779 57.92 -2.69 43.06
N ARG D 780 58.75 -1.75 43.52
CA ARG D 780 58.45 -0.33 43.43
C ARG D 780 59.65 0.41 42.86
N VAL D 781 59.38 1.59 42.29
CA VAL D 781 60.42 2.46 41.76
C VAL D 781 60.57 3.64 42.71
N ALA D 782 61.82 4.00 43.00
CA ALA D 782 62.10 5.07 43.95
C ALA D 782 61.47 6.38 43.49
N ASN D 783 60.83 7.09 44.43
CA ASN D 783 60.19 8.36 44.10
C ASN D 783 61.23 9.42 43.75
N ALA D 784 62.31 9.48 44.51
CA ALA D 784 63.34 10.49 44.31
C ALA D 784 64.59 9.86 43.69
N PRO D 785 64.88 10.10 42.42
CA PRO D 785 66.08 9.53 41.81
C PRO D 785 67.34 10.21 42.33
N LEU D 786 68.46 9.51 42.16
CA LEU D 786 69.76 10.08 42.49
C LEU D 786 70.30 10.87 41.30
N GLU D 787 71.23 11.79 41.61
CA GLU D 787 71.81 12.68 40.61
C GLU D 787 73.28 12.34 40.43
N VAL D 788 73.66 12.01 39.20
CA VAL D 788 75.05 11.76 38.84
C VAL D 788 75.31 12.39 37.48
N ILE D 789 76.47 13.03 37.34
CA ILE D 789 76.90 13.64 36.09
C ILE D 789 78.02 12.78 35.50
N ILE D 790 77.96 12.56 34.19
CA ILE D 790 78.94 11.71 33.53
C ILE D 790 80.20 12.52 33.29
N GLN D 791 81.14 12.45 34.24
CA GLN D 791 82.39 13.19 34.14
C GLN D 791 83.39 12.54 33.20
N ASN D 792 83.14 11.31 32.77
CA ASN D 792 84.07 10.60 31.88
C ASN D 792 83.26 9.80 30.87
N SER D 793 83.57 10.02 29.58
CA SER D 793 82.93 9.24 28.53
C SER D 793 83.27 7.77 28.64
N GLU D 794 84.45 7.45 29.18
CA GLU D 794 84.82 6.05 29.37
C GLU D 794 83.87 5.36 30.33
N GLN D 795 83.45 6.06 31.38
CA GLN D 795 82.46 5.49 32.30
C GLN D 795 81.15 5.19 31.58
N LEU D 796 80.70 6.11 30.72
CA LEU D 796 79.48 5.89 29.96
C LEU D 796 79.61 4.67 29.06
N GLU D 797 80.75 4.56 28.36
CA GLU D 797 80.95 3.44 27.45
C GLU D 797 81.00 2.12 28.22
N LEU D 798 81.67 2.11 29.38
CA LEU D 798 81.74 0.91 30.20
C LEU D 798 80.35 0.51 30.71
N LEU D 799 79.55 1.49 31.13
CA LEU D 799 78.20 1.19 31.58
C LEU D 799 77.36 0.61 30.44
N HIS D 800 77.48 1.17 29.24
CA HIS D 800 76.78 0.64 28.09
C HIS D 800 77.22 -0.79 27.80
N GLN D 801 78.53 -1.05 27.86
CA GLN D 801 79.03 -2.40 27.64
C GLN D 801 78.48 -3.38 28.66
N PHE D 802 78.45 -2.98 29.93
CA PHE D 802 77.91 -3.85 30.96
C PHE D 802 76.42 -4.11 30.75
N HIS D 803 75.67 -3.06 30.39
CA HIS D 803 74.24 -3.22 30.14
C HIS D 803 73.98 -4.20 29.02
N GLY D 804 74.76 -4.10 27.94
CA GLY D 804 74.67 -5.09 26.88
C GLY D 804 75.11 -6.48 27.31
N MET D 805 76.16 -6.57 28.13
CA MET D 805 76.67 -7.85 28.58
C MET D 805 75.63 -8.60 29.41
N VAL D 806 74.87 -7.88 30.23
CA VAL D 806 73.85 -8.53 31.05
C VAL D 806 72.89 -9.33 30.18
N PHE D 807 72.32 -8.67 29.16
CA PHE D 807 71.41 -9.38 28.26
C PHE D 807 72.12 -10.44 27.45
N ARG D 808 73.36 -10.16 27.00
CA ARG D 808 74.07 -11.08 26.12
C ARG D 808 74.38 -12.40 26.81
N ASP D 809 74.86 -12.33 28.05
CA ASP D 809 75.38 -13.51 28.75
C ASP D 809 74.54 -13.91 29.95
N ILE D 810 74.20 -12.97 30.82
CA ILE D 810 73.55 -13.34 32.09
C ILE D 810 72.19 -13.97 31.84
N LEU D 811 71.41 -13.40 30.93
CA LEU D 811 70.03 -13.83 30.73
C LEU D 811 69.80 -14.64 29.45
N LYS D 812 70.80 -14.75 28.57
CA LYS D 812 70.66 -15.44 27.29
C LYS D 812 69.53 -14.83 26.46
N ILE D 813 69.70 -13.55 26.14
CA ILE D 813 68.76 -12.84 25.28
C ILE D 813 69.35 -12.49 23.93
N TRP D 814 70.67 -12.64 23.77
CA TRP D 814 71.35 -12.19 22.56
C TRP D 814 70.90 -12.99 21.34
N HIS D 815 71.15 -12.39 20.17
CA HIS D 815 70.86 -12.97 18.87
C HIS D 815 72.02 -12.61 17.94
N PRO D 816 72.23 -13.39 16.87
CA PRO D 816 73.37 -13.12 15.99
C PRO D 816 73.36 -11.73 15.37
N PHE D 817 72.19 -11.13 15.20
CA PHE D 817 72.07 -9.82 14.57
C PHE D 817 72.06 -8.67 15.59
N PHE D 818 72.11 -8.98 16.88
CA PHE D 818 71.98 -7.95 17.90
C PHE D 818 73.19 -7.03 17.92
N VAL D 819 72.94 -5.73 18.03
CA VAL D 819 73.98 -4.70 18.07
C VAL D 819 73.60 -3.66 19.10
N LEU D 820 74.58 -3.25 19.92
CA LEU D 820 74.36 -2.13 20.83
C LEU D 820 74.00 -0.87 20.05
N ASP D 821 72.88 -0.25 20.40
CA ASP D 821 72.41 0.90 19.65
C ASP D 821 73.30 2.12 19.93
N ARG D 822 73.76 2.76 18.85
CA ARG D 822 74.53 3.99 18.96
C ARG D 822 73.78 5.21 18.44
N ARG D 823 72.82 5.02 17.53
CA ARG D 823 72.04 6.15 17.04
C ARG D 823 71.22 6.78 18.16
N SER D 824 70.63 5.94 19.02
CA SER D 824 69.96 6.39 20.24
C SER D 824 68.80 7.35 19.94
N LYS D 825 67.79 6.83 19.24
CA LYS D 825 66.54 7.57 19.08
C LYS D 825 65.36 6.77 19.62
N GLU D 826 65.28 5.50 19.25
CA GLU D 826 64.12 4.67 19.53
C GLU D 826 64.39 3.82 20.77
N ASN D 827 63.79 4.23 21.90
CA ASN D 827 63.80 3.45 23.14
C ASN D 827 65.24 3.12 23.57
N SER D 828 66.00 4.17 23.87
CA SER D 828 67.39 4.03 24.28
C SER D 828 67.54 4.50 25.72
N TYR D 829 68.11 3.65 26.56
CA TYR D 829 68.41 3.98 27.94
C TYR D 829 69.29 2.86 28.50
N LEU D 830 69.62 2.97 29.79
CA LEU D 830 70.58 2.06 30.40
C LEU D 830 70.10 1.64 31.77
N VAL D 831 70.65 0.52 32.24
CA VAL D 831 70.41 -0.01 33.58
C VAL D 831 71.75 -0.15 34.27
N VAL D 832 71.89 0.43 35.46
CA VAL D 832 73.16 0.52 36.16
C VAL D 832 72.97 -0.11 37.55
N PRO D 833 73.84 -1.03 37.96
CA PRO D 833 73.74 -1.58 39.32
C PRO D 833 74.28 -0.62 40.35
N LEU D 834 73.92 -0.90 41.60
CA LEU D 834 74.32 -0.07 42.74
C LEU D 834 75.08 -0.90 43.77
N ILE D 835 76.02 -0.24 44.44
CA ILE D 835 76.74 -0.83 45.57
C ILE D 835 76.73 0.18 46.71
N LEU D 836 76.55 -0.32 47.92
CA LEU D 836 76.45 0.55 49.10
C LEU D 836 77.70 1.41 49.26
N GLY D 837 77.56 2.72 49.08
CA GLY D 837 78.68 3.63 49.18
C GLY D 837 78.83 4.26 50.56
N ALA D 838 78.72 5.59 50.61
CA ALA D 838 78.85 6.33 51.86
C ALA D 838 77.49 6.35 52.56
N GLY D 839 77.18 5.24 53.22
CA GLY D 839 75.93 5.12 53.95
C GLY D 839 74.70 5.18 53.07
N GLU D 840 73.97 6.30 53.16
CA GLU D 840 72.75 6.46 52.38
C GLU D 840 73.01 6.41 50.88
N GLN D 841 74.25 6.66 50.45
CA GLN D 841 74.56 6.61 49.02
C GLN D 841 74.79 5.18 48.58
N LYS D 842 74.28 4.86 47.39
CA LYS D 842 74.50 3.58 46.74
C LYS D 842 75.16 3.87 45.40
N CYS D 843 76.49 3.97 45.42
CA CYS D 843 77.25 4.28 44.22
C CYS D 843 77.20 3.10 43.24
N PHE D 844 77.69 3.35 42.04
CA PHE D 844 77.75 2.30 41.03
C PHE D 844 78.84 1.29 41.39
N ASP D 845 78.58 0.02 41.08
CA ASP D 845 79.53 -1.05 41.36
C ASP D 845 80.65 -1.01 40.31
N TRP D 846 81.45 0.06 40.39
CA TRP D 846 82.51 0.27 39.42
C TRP D 846 83.46 -0.92 39.35
N GLU D 847 83.64 -1.62 40.46
CA GLU D 847 84.45 -2.85 40.44
C GLU D 847 83.85 -3.87 39.50
N LEU D 848 82.52 -4.03 39.54
CA LEU D 848 81.86 -5.04 38.71
C LEU D 848 82.01 -4.71 37.23
N MET D 849 81.75 -3.46 36.83
CA MET D 849 81.91 -3.10 35.43
C MET D 849 83.35 -3.19 34.99
N THR D 850 84.29 -2.77 35.85
CA THR D 850 85.70 -2.81 35.47
C THR D 850 86.21 -4.24 35.33
N ASN D 851 85.67 -5.17 36.12
CA ASN D 851 86.13 -6.56 36.04
C ASN D 851 85.36 -7.34 34.98
N PHE D 852 84.03 -7.41 35.12
CA PHE D 852 83.21 -8.19 34.19
C PHE D 852 82.72 -7.32 33.03
N ARG D 853 83.66 -6.96 32.16
CA ARG D 853 83.27 -6.52 30.83
C ARG D 853 82.58 -7.64 30.05
N ARG D 854 83.01 -8.89 30.26
CA ARG D 854 82.36 -10.06 29.73
C ARG D 854 82.46 -11.17 30.77
N LEU D 855 81.44 -12.02 30.88
CA LEU D 855 81.52 -13.11 31.84
C LEU D 855 82.58 -14.12 31.43
N PRO D 856 83.31 -14.71 32.38
CA PRO D 856 84.28 -15.75 32.02
C PRO D 856 83.60 -17.02 31.57
N GLN D 857 84.38 -17.98 31.08
CA GLN D 857 83.86 -19.22 30.52
C GLN D 857 84.24 -20.37 31.44
N SER D 858 83.25 -21.15 31.87
CA SER D 858 83.49 -22.33 32.68
C SER D 858 84.28 -23.37 31.90
N HIS D 859 85.52 -23.63 32.31
CA HIS D 859 86.40 -24.54 31.61
C HIS D 859 86.56 -25.84 32.40
N GLY D 860 86.79 -26.92 31.66
CA GLY D 860 87.03 -28.21 32.26
C GLY D 860 88.47 -28.39 32.68
N SER D 861 88.86 -27.69 33.74
CA SER D 861 90.25 -27.75 34.21
C SER D 861 90.63 -29.17 34.62
N ASN D 862 91.80 -29.60 34.16
CA ASN D 862 92.30 -30.94 34.41
C ASN D 862 93.06 -30.99 35.73
N VAL D 863 93.49 -32.21 36.09
CA VAL D 863 94.19 -32.41 37.36
C VAL D 863 95.52 -31.65 37.37
N GLN D 864 96.25 -31.70 36.27
CA GLN D 864 97.63 -31.18 36.25
C GLN D 864 97.66 -29.69 36.58
N GLN D 865 96.81 -28.90 35.94
CA GLN D 865 96.76 -27.48 36.23
C GLN D 865 96.07 -27.18 37.56
N ARG D 866 95.22 -28.07 38.04
CA ARG D 866 94.58 -27.88 39.34
C ARG D 866 95.58 -27.97 40.48
N GLU D 867 96.72 -28.64 40.28
CA GLU D 867 97.69 -28.83 41.35
C GLU D 867 98.26 -27.50 41.82
N GLN D 868 98.78 -26.70 40.88
CA GLN D 868 99.41 -25.43 41.23
C GLN D 868 98.43 -24.28 41.33
N GLN D 869 97.17 -24.48 40.95
CA GLN D 869 96.17 -23.44 41.12
C GLN D 869 95.93 -23.20 42.61
N PRO D 870 95.59 -21.98 43.00
CA PRO D 870 95.51 -21.66 44.43
C PRO D 870 94.40 -22.44 45.13
N ALA D 871 94.58 -22.66 46.42
CA ALA D 871 93.61 -23.39 47.22
C ALA D 871 92.31 -22.59 47.31
N PRO D 872 91.14 -23.22 47.15
CA PRO D 872 89.89 -22.47 47.22
C PRO D 872 89.69 -21.85 48.60
N ARG D 873 89.13 -20.64 48.61
CA ARG D 873 88.90 -19.92 49.85
C ARG D 873 87.40 -19.82 50.13
N PRO D 874 86.99 -19.95 51.39
CA PRO D 874 85.57 -19.77 51.72
C PRO D 874 85.04 -18.41 51.34
N GLU D 875 85.85 -17.36 51.50
CA GLU D 875 85.41 -16.02 51.11
C GLU D 875 85.28 -15.90 49.59
N ASP D 876 86.06 -16.67 48.84
CA ASP D 876 86.03 -16.61 47.39
C ASP D 876 84.75 -17.17 46.78
N PHE D 877 83.92 -17.86 47.57
CA PHE D 877 82.74 -18.52 47.05
C PHE D 877 81.44 -18.12 47.74
N GLU D 878 81.51 -17.61 48.98
CA GLU D 878 80.29 -17.31 49.73
C GLU D 878 79.45 -16.27 49.00
N GLY D 879 78.18 -16.60 48.76
CA GLY D 879 77.27 -15.69 48.10
C GLY D 879 77.66 -15.35 46.67
N LYS D 880 78.27 -16.29 45.95
CA LYS D 880 78.74 -16.06 44.59
C LYS D 880 78.02 -17.00 43.63
N ILE D 881 78.44 -16.96 42.37
CA ILE D 881 77.82 -17.72 41.28
C ILE D 881 78.82 -18.77 40.80
N VAL D 882 78.36 -20.01 40.65
CA VAL D 882 79.18 -21.14 40.25
C VAL D 882 78.45 -21.94 39.18
N THR D 883 79.15 -22.93 38.62
CA THR D 883 78.52 -23.89 37.73
C THR D 883 79.39 -25.14 37.67
N GLN D 884 78.78 -26.24 37.21
CA GLN D 884 79.47 -27.52 37.08
C GLN D 884 79.94 -27.69 35.64
N TRP D 885 81.23 -27.46 35.40
CA TRP D 885 81.78 -27.67 34.07
C TRP D 885 81.88 -29.14 33.70
N TYR D 886 81.97 -30.03 34.69
CA TYR D 886 82.06 -31.45 34.43
C TYR D 886 80.72 -32.07 34.01
N ALA D 887 79.62 -31.63 34.60
CA ALA D 887 78.31 -32.18 34.29
C ALA D 887 77.76 -31.56 33.01
N ASN D 888 76.88 -32.30 32.35
CA ASN D 888 76.17 -31.77 31.19
C ASN D 888 75.31 -30.57 31.53
N TYR D 889 74.97 -30.39 32.81
CA TYR D 889 74.27 -29.19 33.28
C TYR D 889 75.28 -28.05 33.37
N ASP D 890 75.49 -27.38 32.24
CA ASP D 890 76.43 -26.27 32.15
C ASP D 890 75.80 -24.95 32.60
N LYS D 891 74.53 -24.95 32.96
CA LYS D 891 73.84 -23.71 33.30
C LYS D 891 74.39 -23.14 34.59
N PRO D 892 74.44 -21.81 34.75
CA PRO D 892 74.97 -21.24 35.99
C PRO D 892 74.05 -21.57 37.16
N MET D 893 74.66 -21.66 38.33
CA MET D 893 73.92 -22.04 39.52
C MET D 893 74.49 -21.24 40.68
N LEU D 894 73.81 -21.26 41.83
CA LEU D 894 74.15 -20.37 42.92
C LEU D 894 74.46 -21.16 44.18
N VAL D 895 75.60 -20.83 44.80
CA VAL D 895 75.95 -21.35 46.12
C VAL D 895 75.41 -20.42 47.19
N THR D 896 74.72 -20.99 48.18
CA THR D 896 74.09 -20.20 49.23
C THR D 896 74.97 -20.07 50.47
N LYS D 897 75.43 -21.19 51.02
CA LYS D 897 76.25 -21.18 52.22
C LYS D 897 77.39 -22.17 52.06
N VAL D 898 78.50 -21.89 52.75
CA VAL D 898 79.70 -22.70 52.71
C VAL D 898 79.74 -23.56 53.97
N HIS D 899 80.14 -24.82 53.81
CA HIS D 899 80.24 -25.78 54.91
C HIS D 899 81.72 -26.05 55.16
N ARG D 900 82.32 -25.23 56.04
CA ARG D 900 83.71 -25.44 56.40
C ARG D 900 83.90 -26.77 57.14
N GLU D 901 82.91 -27.17 57.93
CA GLU D 901 82.99 -28.44 58.65
C GLU D 901 82.91 -29.64 57.73
N LEU D 902 82.22 -29.52 56.59
CA LEU D 902 82.16 -30.62 55.64
C LEU D 902 83.44 -30.69 54.80
N THR D 903 83.67 -31.87 54.22
CA THR D 903 84.88 -32.14 53.46
C THR D 903 84.60 -33.34 52.57
N PRO D 904 85.34 -33.51 51.48
CA PRO D 904 85.20 -34.73 50.67
C PRO D 904 85.44 -35.99 51.51
N LEU D 905 85.08 -37.13 50.92
CA LEU D 905 85.00 -38.43 51.57
C LEU D 905 83.88 -38.50 52.59
N SER D 906 83.05 -37.47 52.69
CA SER D 906 81.92 -37.47 53.63
C SER D 906 80.73 -38.18 53.01
N TYR D 907 80.12 -39.07 53.78
CA TYR D 907 78.95 -39.81 53.33
C TYR D 907 77.77 -38.88 53.09
N MET D 908 76.96 -39.22 52.09
CA MET D 908 75.70 -38.51 51.88
C MET D 908 74.72 -38.83 53.01
N GLU D 909 74.17 -37.77 53.61
CA GLU D 909 73.28 -37.96 54.75
C GLU D 909 71.99 -38.65 54.35
N LYS D 910 71.56 -38.49 53.10
CA LYS D 910 70.30 -39.02 52.62
C LYS D 910 70.53 -40.09 51.56
N ASN D 911 70.00 -41.29 51.81
CA ASN D 911 69.86 -42.40 50.87
C ASN D 911 71.21 -43.05 50.55
N GLN D 912 72.33 -42.43 50.94
CA GLN D 912 73.65 -42.95 50.61
C GLN D 912 74.57 -42.88 51.81
N GLN D 913 74.09 -43.33 52.98
CA GLN D 913 74.90 -43.24 54.19
C GLN D 913 76.18 -44.07 54.07
N ASP D 914 76.16 -45.11 53.24
CA ASP D 914 77.36 -45.91 52.98
C ASP D 914 78.24 -45.31 51.90
N LYS D 915 77.74 -44.34 51.13
CA LYS D 915 78.45 -43.79 49.98
C LYS D 915 78.86 -42.35 50.27
N THR D 916 80.05 -41.98 49.83
CA THR D 916 80.59 -40.65 50.07
C THR D 916 80.53 -39.81 48.80
N TYR D 917 80.48 -38.49 49.00
CA TYR D 917 80.55 -37.57 47.87
C TYR D 917 81.76 -37.85 46.99
N TYR D 918 82.92 -38.05 47.61
CA TYR D 918 84.16 -38.23 46.86
C TYR D 918 84.07 -39.46 45.96
N GLU D 919 83.71 -40.61 46.53
CA GLU D 919 83.64 -41.83 45.73
C GLU D 919 82.51 -41.76 44.71
N PHE D 920 81.41 -41.09 45.05
CA PHE D 920 80.32 -40.90 44.10
C PHE D 920 80.79 -40.11 42.88
N THR D 921 81.67 -39.14 43.10
CA THR D 921 82.15 -38.33 41.99
C THR D 921 82.86 -39.19 40.95
N MET D 922 83.69 -40.15 41.40
CA MET D 922 84.33 -41.03 40.42
C MET D 922 83.32 -41.98 39.78
N SER D 923 82.39 -42.50 40.57
CA SER D 923 81.36 -43.40 40.02
C SER D 923 80.40 -42.66 39.10
N LYS D 924 80.45 -41.32 39.09
CA LYS D 924 79.60 -40.52 38.22
C LYS D 924 80.40 -39.82 37.14
N TYR D 925 81.46 -39.07 37.50
CA TYR D 925 82.26 -38.35 36.53
C TYR D 925 83.75 -38.48 36.80
N GLY D 926 84.20 -39.65 37.27
CA GLY D 926 85.62 -39.82 37.52
C GLY D 926 86.46 -39.75 36.25
N ASN D 927 85.93 -40.29 35.15
CA ASN D 927 86.61 -40.20 33.87
C ASN D 927 86.83 -38.76 33.41
N ARG D 928 86.00 -37.82 33.88
CA ARG D 928 86.09 -36.43 33.44
C ARG D 928 86.87 -35.55 34.41
N ILE D 929 86.93 -35.90 35.70
CA ILE D 929 87.63 -35.08 36.67
C ILE D 929 89.05 -35.56 36.94
N GLY D 930 89.33 -36.85 36.77
CA GLY D 930 90.60 -37.41 37.18
C GLY D 930 90.65 -37.66 38.67
N ASP D 931 90.71 -36.60 39.46
CA ASP D 931 90.73 -36.70 40.92
C ASP D 931 90.35 -35.35 41.50
N VAL D 932 90.12 -35.33 42.82
CA VAL D 932 89.80 -34.11 43.54
C VAL D 932 91.03 -33.70 44.35
N VAL D 933 91.57 -32.53 44.05
CA VAL D 933 92.73 -32.00 44.75
C VAL D 933 92.23 -31.19 45.94
N HIS D 934 93.10 -31.06 46.95
CA HIS D 934 92.74 -30.46 48.23
C HIS D 934 91.56 -31.21 48.86
N LYS D 935 91.82 -32.49 49.16
CA LYS D 935 90.78 -33.43 49.57
C LYS D 935 90.19 -33.12 50.94
N ASP D 936 90.91 -32.36 51.77
CA ASP D 936 90.48 -32.09 53.14
C ASP D 936 89.75 -30.75 53.29
N LYS D 937 89.53 -30.02 52.21
CA LYS D 937 89.02 -28.66 52.30
C LYS D 937 87.51 -28.66 52.51
N PHE D 938 86.95 -27.45 52.60
CA PHE D 938 85.53 -27.27 52.83
C PHE D 938 84.74 -27.67 51.58
N MET D 939 83.42 -27.78 51.75
CA MET D 939 82.51 -27.92 50.63
C MET D 939 81.46 -26.83 50.72
N ILE D 940 80.68 -26.70 49.65
CA ILE D 940 79.72 -25.60 49.53
C ILE D 940 78.34 -26.17 49.24
N GLU D 941 77.32 -25.44 49.66
CA GLU D 941 75.93 -25.82 49.48
C GLU D 941 75.32 -24.90 48.43
N VAL D 942 74.83 -25.49 47.34
CA VAL D 942 74.41 -24.74 46.16
C VAL D 942 72.93 -24.94 45.91
N ARG D 943 72.31 -23.92 45.31
CA ARG D 943 70.90 -23.95 44.94
C ARG D 943 70.74 -23.48 43.51
N ASP D 944 69.73 -24.02 42.83
CA ASP D 944 69.57 -23.84 41.39
C ASP D 944 68.85 -22.54 41.07
N LEU D 945 68.96 -22.14 39.80
CA LEU D 945 68.32 -20.94 39.29
C LEU D 945 67.32 -21.31 38.21
N THR D 946 66.17 -20.64 38.25
CA THR D 946 65.15 -20.83 37.23
C THR D 946 65.58 -20.20 35.91
N GLU D 947 65.14 -20.81 34.82
CA GLU D 947 65.30 -20.27 33.48
C GLU D 947 64.11 -19.46 33.02
N GLN D 948 63.06 -19.38 33.83
CA GLN D 948 61.83 -18.70 33.47
C GLN D 948 61.99 -17.19 33.62
N LEU D 949 61.44 -16.45 32.65
CA LEU D 949 61.60 -15.00 32.62
C LEU D 949 60.30 -14.23 32.64
N THR D 950 59.14 -14.89 32.62
CA THR D 950 57.84 -14.22 32.65
C THR D 950 57.14 -14.58 33.95
N PHE D 951 57.17 -13.66 34.92
CA PHE D 951 56.58 -13.89 36.23
C PHE D 951 55.23 -13.20 36.38
N TYR D 952 54.62 -12.79 35.27
CA TYR D 952 53.31 -12.16 35.35
C TYR D 952 52.23 -13.10 35.86
N VAL D 953 52.09 -14.28 35.25
CA VAL D 953 51.02 -15.20 35.57
C VAL D 953 51.39 -16.00 36.82
N HIS D 954 50.38 -16.29 37.64
CA HIS D 954 50.58 -17.15 38.78
C HIS D 954 50.77 -18.59 38.30
N ASN D 955 51.99 -19.11 38.47
CA ASN D 955 52.31 -20.48 38.05
C ASN D 955 51.74 -21.45 39.08
N ARG D 956 50.41 -21.55 39.10
CA ARG D 956 49.74 -22.42 40.06
C ARG D 956 50.01 -23.88 39.74
N GLY D 957 50.41 -24.63 40.76
CA GLY D 957 50.69 -26.04 40.57
C GLY D 957 51.15 -26.63 41.89
N LYS D 958 51.19 -27.96 41.91
CA LYS D 958 51.62 -28.70 43.10
C LYS D 958 53.14 -28.77 43.08
N PHE D 959 53.78 -27.69 43.52
CA PHE D 959 55.24 -27.63 43.55
C PHE D 959 55.85 -28.66 44.48
N ASN D 960 55.21 -28.90 45.64
CA ASN D 960 55.76 -29.77 46.68
C ASN D 960 57.15 -29.27 47.11
N ALA D 961 57.13 -28.07 47.69
CA ALA D 961 58.38 -27.37 48.00
C ALA D 961 59.28 -28.19 48.91
N LYS D 962 58.71 -28.99 49.81
CA LYS D 962 59.52 -29.86 50.65
C LYS D 962 60.26 -30.89 49.80
N SER D 963 59.60 -31.46 48.80
CA SER D 963 60.26 -32.39 47.90
C SER D 963 61.05 -31.64 46.82
N LYS D 964 60.77 -30.35 46.63
CA LYS D 964 61.48 -29.57 45.62
C LYS D 964 62.95 -29.45 45.95
N ALA D 965 63.27 -29.08 47.19
CA ALA D 965 64.66 -28.98 47.62
C ALA D 965 65.13 -30.18 48.41
N LYS D 966 64.35 -31.28 48.42
CA LYS D 966 64.80 -32.49 49.08
C LYS D 966 66.10 -33.00 48.48
N MET D 967 66.24 -32.89 47.15
CA MET D 967 67.48 -33.26 46.48
C MET D 967 68.47 -32.13 46.75
N LYS D 968 69.24 -32.32 47.82
CA LYS D 968 70.20 -31.32 48.27
C LYS D 968 71.58 -31.63 47.67
N VAL D 969 72.30 -30.57 47.30
CA VAL D 969 73.59 -30.70 46.64
C VAL D 969 74.66 -30.05 47.52
N ILE D 970 75.73 -30.80 47.79
CA ILE D 970 76.93 -30.27 48.41
C ILE D 970 78.06 -30.45 47.40
N LEU D 971 78.76 -29.36 47.09
CA LEU D 971 79.69 -29.32 45.98
C LEU D 971 81.13 -29.14 46.46
N ILE D 972 82.04 -29.79 45.75
CA ILE D 972 83.47 -29.62 45.99
C ILE D 972 83.93 -28.34 45.29
N PRO D 973 84.53 -27.39 46.01
CA PRO D 973 84.87 -26.10 45.39
C PRO D 973 85.78 -26.20 44.17
N GLU D 974 86.73 -27.14 44.19
CA GLU D 974 87.71 -27.21 43.11
C GLU D 974 87.18 -27.92 41.87
N LEU D 975 85.98 -28.49 41.92
CA LEU D 975 85.40 -29.16 40.77
C LEU D 975 84.39 -28.28 40.02
N CYS D 976 84.25 -27.02 40.40
CA CYS D 976 83.26 -26.14 39.80
C CYS D 976 83.87 -24.78 39.54
N PHE D 977 83.36 -24.11 38.51
CA PHE D 977 83.80 -22.76 38.19
C PHE D 977 83.33 -21.78 39.26
N ASN D 978 83.76 -20.53 39.13
CA ASN D 978 83.36 -19.49 40.09
C ASN D 978 83.21 -18.18 39.32
N PHE D 979 81.97 -17.87 38.94
CA PHE D 979 81.64 -16.52 38.50
C PHE D 979 81.51 -15.64 39.73
N ASN D 980 82.64 -15.22 40.30
CA ASN D 980 82.66 -14.42 41.51
C ASN D 980 81.81 -13.16 41.32
N PHE D 981 80.66 -13.10 41.99
CA PHE D 981 79.63 -12.13 41.70
C PHE D 981 78.65 -12.03 42.86
N PRO D 982 78.08 -10.85 43.08
CA PRO D 982 77.05 -10.71 44.11
C PRO D 982 75.75 -11.40 43.70
N GLY D 983 75.69 -12.71 43.94
CA GLY D 983 74.58 -13.56 43.54
C GLY D 983 73.18 -12.98 43.70
N ASP D 984 72.97 -12.17 44.75
CA ASP D 984 71.68 -11.54 44.93
C ASP D 984 71.34 -10.63 43.75
N LEU D 985 72.32 -9.87 43.28
CA LEU D 985 72.11 -9.02 42.12
C LEU D 985 71.77 -9.86 40.89
N TRP D 986 72.49 -10.98 40.70
CA TRP D 986 72.20 -11.86 39.58
C TRP D 986 70.76 -12.34 39.63
N LEU D 987 70.36 -12.90 40.77
CA LEU D 987 69.00 -13.46 40.87
C LEU D 987 67.94 -12.38 40.69
N LYS D 988 68.23 -11.16 41.16
CA LYS D 988 67.31 -10.06 40.88
C LYS D 988 67.26 -9.72 39.40
N LEU D 989 68.36 -9.93 38.67
CA LEU D 989 68.41 -9.56 37.26
C LEU D 989 67.46 -10.38 36.38
N ILE D 990 67.02 -11.55 36.84
CA ILE D 990 66.08 -12.33 36.03
C ILE D 990 64.73 -11.61 35.94
N PHE D 991 64.31 -10.95 37.03
CA PHE D 991 63.05 -10.23 37.01
C PHE D 991 63.09 -8.98 36.15
N LEU D 992 64.27 -8.56 35.69
CA LEU D 992 64.41 -7.28 34.99
C LEU D 992 63.53 -7.15 33.76
N PRO D 993 63.48 -8.12 32.82
CA PRO D 993 62.65 -7.91 31.62
C PRO D 993 61.18 -7.68 31.91
N SER D 994 60.61 -8.41 32.89
CA SER D 994 59.20 -8.23 33.21
C SER D 994 58.94 -6.84 33.78
N ILE D 995 59.80 -6.39 34.68
CA ILE D 995 59.68 -5.04 35.24
C ILE D 995 59.78 -4.01 34.12
N LEU D 996 60.74 -4.21 33.21
CA LEU D 996 60.94 -3.26 32.12
C LEU D 996 59.71 -3.18 31.23
N ASN D 997 59.13 -4.32 30.87
CA ASN D 997 57.96 -4.32 30.00
C ASN D 997 56.76 -3.67 30.69
N ARG D 998 56.54 -4.01 31.96
CA ARG D 998 55.39 -3.44 32.67
C ARG D 998 55.54 -1.94 32.84
N MET D 999 56.74 -1.46 33.15
CA MET D 999 56.96 -0.01 33.21
C MET D 999 56.83 0.64 31.84
N TYR D 1000 57.29 -0.04 30.80
CA TYR D 1000 57.16 0.49 29.44
C TYR D 1000 55.70 0.75 29.10
N PHE D 1001 54.83 -0.20 29.42
CA PHE D 1001 53.41 0.01 29.13
C PHE D 1001 52.73 0.94 30.14
N LEU D 1002 53.21 0.94 31.39
CA LEU D 1002 52.61 1.81 32.40
C LEU D 1002 52.91 3.27 32.10
N LEU D 1003 54.04 3.54 31.42
CA LEU D 1003 54.30 4.91 30.98
C LEU D 1003 53.27 5.37 29.97
N HIS D 1004 52.90 4.51 29.03
CA HIS D 1004 51.81 4.84 28.10
C HIS D 1004 50.51 5.06 28.86
N ALA D 1005 50.24 4.22 29.86
CA ALA D 1005 49.04 4.41 30.67
C ALA D 1005 49.06 5.76 31.38
N GLU D 1006 50.20 6.13 31.95
CA GLU D 1006 50.32 7.41 32.66
C GLU D 1006 50.16 8.58 31.71
N ALA D 1007 50.74 8.48 30.52
CA ALA D 1007 50.56 9.55 29.52
C ALA D 1007 49.10 9.70 29.12
N LEU D 1008 48.41 8.57 28.93
CA LEU D 1008 46.99 8.63 28.62
C LEU D 1008 46.20 9.27 29.77
N ARG D 1009 46.55 8.92 31.00
CA ARG D 1009 45.87 9.51 32.16
C ARG D 1009 46.09 11.01 32.20
N LYS D 1010 47.32 11.46 31.95
CA LYS D 1010 47.60 12.89 31.93
C LYS D 1010 46.78 13.59 30.84
N ARG D 1011 46.78 13.02 29.63
CA ARG D 1011 46.07 13.64 28.52
C ARG D 1011 44.59 13.75 28.81
N PHE D 1012 43.99 12.68 29.34
CA PHE D 1012 42.54 12.68 29.56
C PHE D 1012 42.16 13.52 30.77
N ASN D 1013 43.02 13.58 31.79
CA ASN D 1013 42.75 14.48 32.91
C ASN D 1013 42.83 15.93 32.48
N THR D 1014 43.82 16.27 31.64
CA THR D 1014 43.94 17.64 31.17
C THR D 1014 42.78 18.03 30.27
N TYR D 1015 42.39 17.13 29.35
CA TYR D 1015 41.36 17.46 28.38
C TYR D 1015 40.00 17.74 29.04
N LEU D 1016 39.74 17.19 30.21
CA LEU D 1016 38.50 17.43 30.92
C LEU D 1016 38.65 18.45 32.04
N ASN D 1017 39.79 19.15 32.09
CA ASN D 1017 40.05 20.16 33.12
C ASN D 1017 39.94 19.56 34.52
N LEU D 1018 40.76 18.54 34.76
CA LEU D 1018 40.79 17.83 36.04
C LEU D 1018 42.21 17.89 36.58
N HIS D 1019 42.49 18.88 37.42
CA HIS D 1019 43.80 19.03 38.05
C HIS D 1019 43.66 19.37 39.52
N LEU D 1020 42.63 18.85 40.17
CA LEU D 1020 42.34 19.18 41.56
C LEU D 1020 43.27 18.38 42.48
N LEU D 1021 42.97 18.40 43.77
CA LEU D 1021 43.80 17.71 44.76
C LEU D 1021 44.05 16.23 44.46
N PRO D 1022 43.08 15.43 44.04
CA PRO D 1022 43.35 13.99 43.83
C PRO D 1022 44.34 13.69 42.72
N PHE D 1023 44.96 14.71 42.10
CA PHE D 1023 45.96 14.46 41.07
C PHE D 1023 47.20 13.78 41.64
N ASN D 1024 47.55 14.08 42.89
CA ASN D 1024 48.84 13.74 43.44
C ASN D 1024 48.90 12.28 43.87
N GLY D 1025 50.12 11.77 44.00
CA GLY D 1025 50.34 10.42 44.49
C GLY D 1025 49.98 9.35 43.46
N THR D 1026 49.99 8.11 43.94
CA THR D 1026 49.65 6.97 43.10
C THR D 1026 49.04 5.88 43.96
N ASP D 1027 48.38 4.93 43.30
CA ASP D 1027 47.77 3.79 43.97
C ASP D 1027 48.45 2.52 43.51
N TYR D 1028 48.70 1.61 44.47
CA TYR D 1028 49.28 0.33 44.12
C TYR D 1028 48.37 -0.45 43.18
N MET D 1029 48.98 -1.11 42.21
CA MET D 1029 48.21 -1.74 41.14
C MET D 1029 47.45 -2.95 41.66
N PRO D 1030 46.17 -3.09 41.37
CA PRO D 1030 45.43 -4.29 41.76
C PRO D 1030 45.48 -5.36 40.68
N ARG D 1031 44.97 -6.53 41.04
CA ARG D 1031 44.91 -7.66 40.11
C ARG D 1031 43.62 -8.42 40.34
N PRO D 1032 43.07 -9.06 39.32
CA PRO D 1032 41.83 -9.82 39.47
C PRO D 1032 42.09 -11.29 39.79
N LEU D 1033 41.06 -11.93 40.33
CA LEU D 1033 41.11 -13.35 40.66
C LEU D 1033 40.20 -14.19 39.79
N GLU D 1034 39.05 -13.66 39.39
CA GLU D 1034 38.06 -14.41 38.62
C GLU D 1034 38.21 -14.14 37.13
N ILE D 1035 39.41 -14.42 36.61
CA ILE D 1035 39.68 -14.25 35.19
C ILE D 1035 40.26 -15.55 34.65
N ASP D 1036 39.84 -16.67 35.26
CA ASP D 1036 40.21 -18.02 34.83
C ASP D 1036 41.69 -18.29 34.99
N TYR D 1037 42.52 -17.74 34.10
CA TYR D 1037 43.95 -18.03 34.14
C TYR D 1037 44.64 -17.51 35.40
N SER D 1038 43.98 -16.64 36.17
CA SER D 1038 44.44 -16.30 37.52
C SER D 1038 43.79 -17.25 38.53
N LEU D 1039 44.14 -18.53 38.40
CA LEU D 1039 43.57 -19.55 39.27
C LEU D 1039 43.90 -19.29 40.73
N LYS D 1040 45.13 -18.86 41.01
CA LYS D 1040 45.51 -18.49 42.36
C LYS D 1040 45.94 -17.03 42.42
N GLY D 1169 12.55 -3.52 52.39
CA GLY D 1169 13.73 -2.81 52.85
C GLY D 1169 13.99 -1.52 52.08
N LYS D 1170 15.16 -1.43 51.48
CA LYS D 1170 15.54 -0.25 50.71
C LYS D 1170 16.64 -0.62 49.73
N VAL D 1171 16.51 -0.16 48.50
CA VAL D 1171 17.53 -0.39 47.48
C VAL D 1171 18.80 0.37 47.85
N LYS D 1172 19.94 -0.29 47.70
CA LYS D 1172 21.22 0.39 47.89
C LYS D 1172 21.39 1.49 46.85
N PRO D 1173 21.80 2.69 47.24
CA PRO D 1173 22.05 3.74 46.25
C PRO D 1173 23.16 3.33 45.29
N LEU D 1174 23.00 3.72 44.03
CA LEU D 1174 23.99 3.38 43.01
C LEU D 1174 25.07 4.44 43.00
N LEU D 1175 26.32 4.01 43.25
CA LEU D 1175 27.40 4.96 43.51
C LEU D 1175 27.74 5.78 42.27
N ILE D 1176 27.59 5.19 41.08
CA ILE D 1176 27.95 5.90 39.86
C ILE D 1176 27.06 7.13 39.68
N LEU D 1177 25.74 6.97 39.86
CA LEU D 1177 24.84 8.10 39.77
C LEU D 1177 25.13 9.12 40.86
N GLN D 1178 25.41 8.65 42.08
CA GLN D 1178 25.66 9.56 43.19
C GLN D 1178 26.89 10.43 42.92
N LYS D 1179 27.97 9.84 42.40
CA LYS D 1179 29.14 10.62 42.04
C LYS D 1179 28.93 11.42 40.77
N THR D 1180 27.95 11.05 39.94
CA THR D 1180 27.61 11.88 38.77
C THR D 1180 26.89 13.15 39.19
N VAL D 1181 26.04 13.07 40.21
CA VAL D 1181 25.25 14.23 40.62
C VAL D 1181 25.96 14.97 41.75
N SER D 1182 26.67 14.25 42.60
CA SER D 1182 27.37 14.82 43.75
C SER D 1182 28.86 14.53 43.59
N LYS D 1183 29.64 15.57 43.28
CA LYS D 1183 31.06 15.40 43.01
C LYS D 1183 31.88 15.08 44.25
N GLU D 1184 31.29 15.17 45.45
CA GLU D 1184 32.01 14.77 46.66
C GLU D 1184 32.40 13.29 46.61
N HIS D 1185 31.60 12.47 45.93
CA HIS D 1185 31.86 11.05 45.79
C HIS D 1185 32.78 10.71 44.63
N ILE D 1186 33.25 11.72 43.89
CA ILE D 1186 34.17 11.45 42.79
C ILE D 1186 35.48 10.89 43.33
N THR D 1187 36.18 10.15 42.47
CA THR D 1187 37.45 9.53 42.82
C THR D 1187 38.37 9.55 41.62
N PRO D 1188 39.67 9.67 41.82
CA PRO D 1188 40.59 9.78 40.68
C PRO D 1188 40.92 8.44 40.06
N ALA D 1189 40.94 8.41 38.73
CA ALA D 1189 41.44 7.25 38.00
C ALA D 1189 42.95 7.15 38.17
N GLU D 1190 43.45 5.91 38.09
CA GLU D 1190 44.86 5.66 38.35
C GLU D 1190 45.45 4.85 37.20
N GLN D 1191 46.78 4.77 37.19
CA GLN D 1191 47.51 4.09 36.11
C GLN D 1191 47.04 2.66 35.94
N GLY D 1192 46.74 1.96 37.04
CA GLY D 1192 46.36 0.56 36.95
C GLY D 1192 45.15 0.34 36.07
N GLU D 1193 44.11 1.16 36.24
CA GLU D 1193 42.89 1.00 35.46
C GLU D 1193 43.16 1.23 33.98
N PHE D 1194 43.90 2.30 33.65
CA PHE D 1194 44.18 2.60 32.25
C PHE D 1194 45.02 1.49 31.60
N LEU D 1195 46.06 1.03 32.30
CA LEU D 1195 46.89 -0.04 31.74
C LEU D 1195 46.08 -1.32 31.57
N ALA D 1196 45.21 -1.62 32.53
CA ALA D 1196 44.31 -2.76 32.38
C ALA D 1196 43.46 -2.62 31.12
N ALA D 1197 42.88 -1.43 30.92
CA ALA D 1197 42.13 -1.17 29.69
C ALA D 1197 43.01 -1.25 28.45
N ILE D 1198 44.34 -1.14 28.62
CA ILE D 1198 45.26 -1.27 27.50
C ILE D 1198 45.64 -2.73 27.25
N THR D 1199 45.83 -3.50 28.32
CA THR D 1199 46.28 -4.88 28.20
C THR D 1199 45.20 -5.73 27.54
N ALA D 1200 45.47 -6.19 26.32
CA ALA D 1200 44.52 -7.04 25.61
C ALA D 1200 44.50 -8.44 26.21
N SER D 1201 43.47 -9.20 25.85
CA SER D 1201 43.33 -10.57 26.34
C SER D 1201 44.45 -11.47 25.81
N SER D 1202 44.84 -11.27 24.55
CA SER D 1202 45.88 -12.11 23.96
C SER D 1202 47.18 -12.01 24.74
N ALA D 1203 47.58 -10.79 25.10
CA ALA D 1203 48.70 -10.58 26.02
C ALA D 1203 48.21 -10.83 27.44
N ALA D 1204 48.03 -12.12 27.74
CA ALA D 1204 47.35 -12.53 28.97
C ALA D 1204 48.28 -12.33 30.17
N ASP D 1205 48.24 -11.11 30.70
CA ASP D 1205 48.87 -10.80 31.97
C ASP D 1205 47.91 -11.21 33.09
N VAL D 1206 48.19 -10.80 34.33
CA VAL D 1206 47.30 -11.14 35.43
C VAL D 1206 45.93 -10.51 35.26
N PHE D 1207 45.88 -9.30 34.70
CA PHE D 1207 44.63 -8.63 34.38
C PHE D 1207 44.51 -8.45 32.87
N ASP D 1208 43.39 -7.87 32.45
CA ASP D 1208 43.16 -7.52 31.06
C ASP D 1208 42.04 -6.51 30.98
N MET D 1209 41.68 -6.15 29.76
CA MET D 1209 40.74 -5.08 29.46
C MET D 1209 39.29 -5.52 29.38
N GLU D 1210 38.99 -6.81 29.57
CA GLU D 1210 37.66 -7.30 29.23
C GLU D 1210 36.60 -6.83 30.21
N ARG D 1211 36.96 -6.53 31.46
CA ARG D 1211 35.93 -6.22 32.46
C ARG D 1211 35.34 -4.83 32.23
N LEU D 1212 36.17 -3.83 31.94
CA LEU D 1212 35.65 -2.50 31.65
C LEU D 1212 34.97 -2.43 30.29
N GLU D 1213 35.16 -3.44 29.44
CA GLU D 1213 34.63 -3.41 28.10
C GLU D 1213 33.10 -3.37 28.10
N ILE D 1214 32.47 -4.14 28.98
CA ILE D 1214 31.00 -4.17 29.01
C ILE D 1214 30.44 -2.83 29.46
N LEU D 1215 31.05 -2.24 30.50
CA LEU D 1215 30.61 -0.93 30.96
C LEU D 1215 30.76 0.12 29.86
N GLY D 1216 31.90 0.08 29.17
CA GLY D 1216 32.10 1.01 28.07
C GLY D 1216 31.12 0.81 26.94
N ASN D 1217 30.82 -0.45 26.60
CA ASN D 1217 29.84 -0.73 25.56
C ASN D 1217 28.46 -0.20 25.95
N SER D 1218 28.05 -0.43 27.19
CA SER D 1218 26.75 0.06 27.63
C SER D 1218 26.69 1.58 27.60
N PHE D 1219 27.75 2.24 28.07
CA PHE D 1219 27.74 3.71 28.05
C PHE D 1219 27.75 4.25 26.64
N LEU D 1220 28.53 3.64 25.74
CA LEU D 1220 28.54 4.09 24.35
C LEU D 1220 27.16 3.93 23.72
N LYS D 1221 26.52 2.78 23.94
CA LYS D 1221 25.18 2.57 23.42
C LYS D 1221 24.21 3.62 23.94
N LEU D 1222 24.22 3.86 25.26
CA LEU D 1222 23.28 4.81 25.84
C LEU D 1222 23.54 6.22 25.34
N SER D 1223 24.82 6.62 25.23
CA SER D 1223 25.13 7.96 24.78
C SER D 1223 24.75 8.16 23.32
N ALA D 1224 25.03 7.17 22.46
CA ALA D 1224 24.60 7.27 21.07
C ALA D 1224 23.09 7.33 20.96
N THR D 1225 22.38 6.52 21.75
CA THR D 1225 20.93 6.54 21.74
C THR D 1225 20.40 7.92 22.14
N LEU D 1226 20.93 8.47 23.22
CA LEU D 1226 20.47 9.77 23.70
C LEU D 1226 20.76 10.88 22.68
N TYR D 1227 21.96 10.86 22.09
CA TYR D 1227 22.30 11.86 21.09
C TYR D 1227 21.37 11.78 19.89
N LEU D 1228 21.13 10.56 19.39
CA LEU D 1228 20.24 10.39 18.24
C LEU D 1228 18.82 10.84 18.57
N ALA D 1229 18.34 10.49 19.76
CA ALA D 1229 16.97 10.86 20.13
C ALA D 1229 16.82 12.37 20.27
N SER D 1230 17.72 13.01 21.02
CA SER D 1230 17.62 14.45 21.24
C SER D 1230 18.00 15.25 20.01
N LYS D 1231 18.63 14.64 19.01
CA LYS D 1231 19.04 15.34 17.81
C LYS D 1231 18.10 15.11 16.63
N TYR D 1232 17.55 13.92 16.49
CA TYR D 1232 16.75 13.51 15.34
C TYR D 1232 15.39 12.99 15.78
N SER D 1233 14.72 13.76 16.64
CA SER D 1233 13.42 13.34 17.17
C SER D 1233 12.36 13.21 16.10
N ASP D 1234 12.58 13.76 14.91
CA ASP D 1234 11.60 13.72 13.83
C ASP D 1234 11.71 12.46 12.98
N TRP D 1235 12.28 11.38 13.51
CA TRP D 1235 12.46 10.14 12.78
C TRP D 1235 11.81 8.99 13.54
N ASN D 1236 11.48 7.93 12.81
CA ASN D 1236 10.87 6.76 13.42
C ASN D 1236 11.93 5.90 14.11
N GLU D 1237 11.49 4.77 14.66
CA GLU D 1237 12.39 3.93 15.44
C GLU D 1237 13.35 3.14 14.57
N GLY D 1238 12.92 2.72 13.38
CA GLY D 1238 13.74 1.86 12.55
C GLY D 1238 15.05 2.51 12.14
N THR D 1239 14.97 3.70 11.56
CA THR D 1239 16.18 4.40 11.14
C THR D 1239 17.04 4.82 12.33
N LEU D 1240 16.42 5.18 13.45
CA LEU D 1240 17.18 5.53 14.64
C LEU D 1240 18.00 4.34 15.13
N THR D 1241 17.38 3.17 15.22
CA THR D 1241 18.09 1.97 15.64
C THR D 1241 19.18 1.60 14.64
N GLU D 1242 18.88 1.71 13.34
CA GLU D 1242 19.88 1.37 12.33
C GLU D 1242 21.10 2.27 12.45
N VAL D 1243 20.88 3.58 12.57
CA VAL D 1243 22.00 4.52 12.68
C VAL D 1243 22.76 4.30 13.98
N LYS D 1244 22.04 4.01 15.07
CA LYS D 1244 22.70 3.76 16.35
C LYS D 1244 23.60 2.53 16.27
N SER D 1245 23.11 1.45 15.65
CA SER D 1245 23.94 0.27 15.47
C SER D 1245 25.11 0.55 14.54
N LYS D 1246 24.92 1.44 13.58
CA LYS D 1246 26.03 1.84 12.71
C LYS D 1246 27.11 2.57 13.52
N LEU D 1247 26.69 3.43 14.45
CA LEU D 1247 27.64 4.22 15.23
C LEU D 1247 28.53 3.33 16.09
N VAL D 1248 27.92 2.41 16.84
CA VAL D 1248 28.65 1.59 17.80
C VAL D 1248 29.27 0.38 17.10
N SER D 1249 29.19 0.35 15.78
CA SER D 1249 29.76 -0.75 15.02
C SER D 1249 31.28 -0.77 15.17
N ASN D 1250 31.86 -1.96 14.98
CA ASN D 1250 33.30 -2.12 15.18
C ASN D 1250 34.09 -1.27 14.19
N ARG D 1251 33.65 -1.20 12.94
CA ARG D 1251 34.38 -0.45 11.92
C ARG D 1251 34.47 1.03 12.29
N ASN D 1252 33.36 1.61 12.74
CA ASN D 1252 33.37 3.02 13.13
C ASN D 1252 34.29 3.27 14.31
N LEU D 1253 34.26 2.38 15.31
CA LEU D 1253 35.14 2.54 16.47
C LEU D 1253 36.60 2.44 16.06
N LEU D 1254 36.91 1.49 15.16
CA LEU D 1254 38.28 1.33 14.69
C LEU D 1254 38.76 2.58 13.96
N PHE D 1255 37.93 3.10 13.05
CA PHE D 1255 38.31 4.29 12.30
C PHE D 1255 38.43 5.51 13.20
N CYS D 1256 37.60 5.61 14.23
CA CYS D 1256 37.63 6.76 15.12
C CYS D 1256 38.66 6.64 16.23
N LEU D 1257 39.28 5.46 16.39
CA LEU D 1257 40.37 5.33 17.35
C LEU D 1257 41.74 5.27 16.70
N ILE D 1258 41.84 4.86 15.43
CA ILE D 1258 43.13 4.92 14.74
C ILE D 1258 43.62 6.36 14.63
N ASP D 1259 42.74 7.25 14.18
CA ASP D 1259 43.11 8.66 14.08
C ASP D 1259 43.40 9.27 15.45
N ALA D 1260 42.89 8.66 16.52
CA ALA D 1260 43.24 9.07 17.87
C ALA D 1260 44.69 8.76 18.21
N ASP D 1261 45.39 7.98 17.37
CA ASP D 1261 46.82 7.71 17.50
C ASP D 1261 47.14 6.93 18.78
N ILE D 1262 46.15 6.23 19.33
CA ILE D 1262 46.32 5.39 20.51
C ILE D 1262 46.91 4.01 20.19
N PRO D 1263 46.49 3.31 19.13
CA PRO D 1263 46.79 1.87 19.04
C PRO D 1263 48.27 1.53 19.05
N LYS D 1264 49.17 2.48 18.76
CA LYS D 1264 50.58 2.18 18.87
C LYS D 1264 51.03 1.95 20.31
N THR D 1265 50.19 2.27 21.29
CA THR D 1265 50.51 2.16 22.71
C THR D 1265 49.62 1.13 23.38
N LEU D 1266 49.42 -0.02 22.74
CA LEU D 1266 48.56 -1.07 23.27
C LEU D 1266 49.36 -2.34 23.54
N ASN D 1267 49.03 -3.01 24.64
CA ASN D 1267 49.62 -4.30 24.99
C ASN D 1267 48.77 -5.38 24.36
N THR D 1268 49.29 -6.03 23.32
CA THR D 1268 48.51 -7.00 22.56
C THR D 1268 49.22 -8.30 22.27
N ILE D 1269 50.48 -8.47 22.69
CA ILE D 1269 51.24 -9.68 22.43
C ILE D 1269 51.88 -10.16 23.72
N GLN D 1270 51.94 -11.49 23.89
CA GLN D 1270 52.55 -12.06 25.08
C GLN D 1270 54.03 -11.73 25.13
N PHE D 1271 54.50 -11.37 26.31
CA PHE D 1271 55.88 -10.90 26.51
C PHE D 1271 56.77 -12.12 26.76
N THR D 1272 57.29 -12.70 25.67
CA THR D 1272 58.32 -13.72 25.77
C THR D 1272 59.62 -13.11 25.25
N PRO D 1273 60.66 -13.03 26.08
CA PRO D 1273 61.80 -12.16 25.71
C PRO D 1273 62.69 -12.75 24.62
N ARG D 1274 62.96 -14.05 24.65
CA ARG D 1274 64.00 -14.61 23.78
C ARG D 1274 63.65 -14.44 22.30
N TYR D 1275 62.41 -14.73 21.92
CA TYR D 1275 62.04 -14.74 20.52
C TYR D 1275 60.99 -13.70 20.13
N THR D 1276 60.32 -13.06 21.08
CA THR D 1276 59.30 -12.07 20.76
C THR D 1276 59.57 -10.76 21.47
N TRP D 1277 60.82 -10.36 21.56
CA TRP D 1277 61.16 -9.11 22.22
C TRP D 1277 62.45 -8.56 21.63
N LEU D 1278 62.59 -7.24 21.73
CA LEU D 1278 63.82 -6.53 21.39
C LEU D 1278 64.40 -5.91 22.65
N PRO D 1279 65.69 -6.07 22.91
CA PRO D 1279 66.26 -5.50 24.14
C PRO D 1279 66.20 -3.99 24.10
N PRO D 1280 66.14 -3.34 25.26
CA PRO D 1280 66.05 -1.87 25.29
C PRO D 1280 67.25 -1.18 24.67
N GLY D 1281 68.45 -1.48 25.16
CA GLY D 1281 69.65 -0.86 24.67
C GLY D 1281 70.29 -1.52 23.47
N ILE D 1282 69.60 -2.47 22.85
CA ILE D 1282 70.13 -3.23 21.72
C ILE D 1282 69.13 -3.17 20.59
N SER D 1283 69.63 -3.03 19.36
CA SER D 1283 68.78 -2.97 18.18
C SER D 1283 69.54 -3.53 17.00
N LEU D 1284 68.86 -3.58 15.85
CA LEU D 1284 69.48 -4.08 14.63
C LEU D 1284 70.51 -3.07 14.13
N PRO D 1285 71.46 -3.51 13.29
CA PRO D 1285 72.43 -2.57 12.73
C PRO D 1285 71.75 -1.47 11.94
N HIS D 1286 72.36 -0.27 12.00
CA HIS D 1286 71.72 0.90 11.40
C HIS D 1286 71.63 0.79 9.88
N ASN D 1287 72.67 0.24 9.24
CA ASN D 1287 72.66 0.14 7.78
C ASN D 1287 71.55 -0.79 7.28
N VAL D 1288 71.42 -1.97 7.88
CA VAL D 1288 70.38 -2.90 7.45
C VAL D 1288 69.00 -2.35 7.78
N LEU D 1289 68.87 -1.62 8.89
CA LEU D 1289 67.59 -0.98 9.20
C LEU D 1289 67.24 0.08 8.17
N ALA D 1290 68.20 0.93 7.80
CA ALA D 1290 67.97 1.95 6.79
C ALA D 1290 67.60 1.35 5.45
N LEU D 1291 68.24 0.24 5.06
CA LEU D 1291 67.81 -0.46 3.87
C LEU D 1291 66.42 -1.06 4.02
N TRP D 1292 66.09 -1.51 5.23
CA TRP D 1292 64.82 -2.21 5.46
C TRP D 1292 63.65 -1.24 5.42
N ARG D 1293 63.77 -0.10 6.09
CA ARG D 1293 62.65 0.83 6.21
C ARG D 1293 62.46 1.71 4.98
N GLU D 1294 63.38 1.68 4.01
CA GLU D 1294 63.28 2.51 2.83
C GLU D 1294 63.22 1.69 1.54
N ASN D 1295 63.09 0.37 1.63
CA ASN D 1295 62.97 -0.50 0.46
C ASN D 1295 61.78 -1.42 0.68
N PRO D 1296 60.55 -0.93 0.49
CA PRO D 1296 59.38 -1.81 0.60
C PRO D 1296 59.41 -2.97 -0.36
N GLU D 1297 60.01 -2.78 -1.54
CA GLU D 1297 60.18 -3.89 -2.48
C GLU D 1297 61.10 -4.98 -1.92
N PHE D 1298 61.96 -4.63 -0.97
CA PHE D 1298 62.88 -5.58 -0.36
C PHE D 1298 62.49 -5.98 1.06
N ALA D 1299 61.68 -5.17 1.74
CA ALA D 1299 61.32 -5.47 3.13
C ALA D 1299 60.53 -6.77 3.24
N LYS D 1300 59.61 -7.01 2.31
CA LYS D 1300 58.69 -8.14 2.42
C LYS D 1300 59.35 -9.49 2.19
N ILE D 1301 60.62 -9.52 1.73
CA ILE D 1301 61.28 -10.78 1.40
C ILE D 1301 62.30 -11.19 2.45
N ILE D 1302 62.52 -10.40 3.49
CA ILE D 1302 63.56 -10.68 4.46
C ILE D 1302 63.04 -11.72 5.45
N GLY D 1303 63.73 -12.86 5.52
CA GLY D 1303 63.36 -13.93 6.43
C GLY D 1303 64.29 -14.03 7.62
N PRO D 1304 63.79 -14.62 8.72
CA PRO D 1304 64.62 -14.70 9.94
C PRO D 1304 65.92 -15.46 9.75
N HIS D 1305 65.95 -16.42 8.83
CA HIS D 1305 67.21 -17.09 8.51
C HIS D 1305 68.23 -16.08 8.00
N ASN D 1306 67.79 -15.12 7.18
CA ASN D 1306 68.70 -14.06 6.74
C ASN D 1306 69.19 -13.22 7.91
N LEU D 1307 68.30 -12.93 8.86
CA LEU D 1307 68.73 -12.20 10.05
C LEU D 1307 69.80 -12.95 10.82
N ARG D 1308 69.63 -14.26 10.98
CA ARG D 1308 70.65 -15.04 11.68
C ARG D 1308 71.84 -15.40 10.80
N ASP D 1309 71.80 -15.07 9.51
CA ASP D 1309 72.95 -15.33 8.64
C ASP D 1309 74.16 -14.54 9.09
N LEU D 1310 73.98 -13.26 9.42
CA LEU D 1310 75.10 -12.44 9.86
C LEU D 1310 75.51 -12.84 11.26
N ALA D 1311 76.82 -13.02 11.45
CA ALA D 1311 77.39 -13.35 12.76
C ALA D 1311 78.21 -12.15 13.20
N LEU D 1312 77.54 -11.21 13.88
CA LEU D 1312 78.16 -9.96 14.30
C LEU D 1312 78.80 -10.16 15.66
N GLY D 1313 80.13 -10.07 15.70
CA GLY D 1313 80.88 -10.27 16.91
C GLY D 1313 80.87 -9.05 17.81
N ASP D 1314 81.83 -9.02 18.73
CA ASP D 1314 81.93 -7.90 19.67
C ASP D 1314 82.20 -6.59 18.96
N GLU D 1315 83.06 -6.61 17.94
CA GLU D 1315 83.45 -5.38 17.27
C GLU D 1315 82.25 -4.66 16.66
N GLU D 1316 81.46 -5.37 15.85
CA GLU D 1316 80.35 -4.74 15.14
C GLU D 1316 79.33 -4.16 16.12
N SER D 1317 79.00 -4.91 17.17
CA SER D 1317 78.00 -4.46 18.12
C SER D 1317 78.52 -3.31 18.99
N LEU D 1318 79.83 -3.31 19.28
CA LEU D 1318 80.39 -2.40 20.27
C LEU D 1318 80.87 -1.08 19.69
N VAL D 1319 81.63 -1.12 18.59
CA VAL D 1319 82.36 0.07 18.16
C VAL D 1319 81.94 0.47 16.74
N LYS D 1320 81.17 -0.38 16.07
CA LYS D 1320 80.78 -0.12 14.68
C LYS D 1320 79.30 0.16 14.54
N GLY D 1321 78.44 -0.74 15.00
CA GLY D 1321 77.01 -0.57 14.83
C GLY D 1321 76.47 -0.95 13.46
N ASN D 1322 77.34 -1.37 12.54
CA ASN D 1322 76.93 -1.78 11.20
C ASN D 1322 77.80 -2.95 10.75
N CYS D 1323 77.26 -3.71 9.81
CA CYS D 1323 78.00 -4.85 9.28
C CYS D 1323 78.98 -4.40 8.19
N SER D 1324 79.95 -5.26 7.91
CA SER D 1324 80.95 -4.96 6.90
C SER D 1324 80.34 -5.00 5.51
N ASP D 1325 81.00 -4.30 4.58
CA ASP D 1325 80.48 -4.21 3.21
C ASP D 1325 80.42 -5.58 2.55
N ILE D 1326 81.46 -6.40 2.73
CA ILE D 1326 81.43 -7.76 2.20
C ILE D 1326 80.33 -8.57 2.88
N ASN D 1327 80.22 -8.45 4.20
CA ASN D 1327 79.14 -9.13 4.91
C ASN D 1327 77.78 -8.55 4.53
N TYR D 1328 77.72 -7.24 4.26
CA TYR D 1328 76.48 -6.64 3.77
C TYR D 1328 76.05 -7.28 2.46
N ASN D 1329 76.99 -7.42 1.51
CA ASN D 1329 76.68 -8.05 0.24
C ASN D 1329 76.29 -9.50 0.42
N ARG D 1330 76.98 -10.22 1.30
CA ARG D 1330 76.63 -11.61 1.57
C ARG D 1330 75.20 -11.72 2.11
N PHE D 1331 74.84 -10.83 3.05
CA PHE D 1331 73.51 -10.89 3.65
C PHE D 1331 72.43 -10.53 2.63
N VAL D 1332 72.66 -9.50 1.82
CA VAL D 1332 71.64 -9.13 0.84
C VAL D 1332 71.52 -10.20 -0.25
N GLU D 1333 72.63 -10.86 -0.60
CA GLU D 1333 72.56 -11.96 -1.54
C GLU D 1333 71.78 -13.13 -0.97
N GLY D 1334 72.00 -13.44 0.30
CA GLY D 1334 71.20 -14.46 0.96
C GLY D 1334 69.72 -14.12 1.01
N CYS D 1335 69.41 -12.83 1.22
CA CYS D 1335 68.02 -12.40 1.18
C CYS D 1335 67.42 -12.58 -0.21
N ARG D 1336 68.15 -12.15 -1.24
CA ARG D 1336 67.64 -12.22 -2.60
C ARG D 1336 67.52 -13.67 -3.09
N ALA D 1337 68.35 -14.57 -2.56
CA ALA D 1337 68.25 -15.97 -2.93
C ALA D 1337 66.98 -16.63 -2.41
N ASN D 1338 66.26 -15.99 -1.48
CA ASN D 1338 65.01 -16.54 -0.99
C ASN D 1338 63.93 -16.57 -2.04
N GLY D 1339 64.05 -15.74 -3.09
CA GLY D 1339 62.99 -15.67 -4.08
C GLY D 1339 62.78 -16.98 -4.83
N GLN D 1340 63.87 -17.72 -5.08
CA GLN D 1340 63.78 -18.99 -5.77
C GLN D 1340 63.55 -20.17 -4.84
N SER D 1341 63.53 -19.95 -3.54
CA SER D 1341 63.36 -21.01 -2.56
C SER D 1341 61.98 -20.93 -1.94
N PHE D 1342 61.72 -21.85 -0.99
CA PHE D 1342 60.44 -21.87 -0.29
C PHE D 1342 60.25 -20.63 0.57
N TYR D 1343 61.32 -19.94 0.93
CA TYR D 1343 61.21 -18.74 1.76
C TYR D 1343 60.46 -17.61 1.05
N ALA D 1344 60.37 -17.65 -0.28
CA ALA D 1344 59.66 -16.63 -1.02
C ALA D 1344 58.16 -16.69 -0.72
N GLY D 1345 57.55 -15.52 -0.60
CA GLY D 1345 56.12 -15.46 -0.35
C GLY D 1345 55.68 -15.89 1.03
N ALA D 1346 56.58 -15.81 2.01
CA ALA D 1346 56.26 -16.21 3.37
C ALA D 1346 55.90 -14.98 4.21
N ASP D 1347 54.93 -15.16 5.10
CA ASP D 1347 54.49 -14.07 5.97
C ASP D 1347 55.52 -13.81 7.06
N PHE D 1348 56.65 -13.22 6.68
CA PHE D 1348 57.74 -12.96 7.61
C PHE D 1348 57.36 -11.97 8.70
N SER D 1349 56.28 -11.21 8.53
CA SER D 1349 55.88 -10.23 9.52
C SER D 1349 55.62 -10.88 10.88
N SER D 1350 55.31 -12.18 10.89
CA SER D 1350 55.16 -12.90 12.14
C SER D 1350 56.45 -12.90 12.95
N GLU D 1351 57.60 -12.85 12.28
CA GLU D 1351 58.89 -12.93 12.95
C GLU D 1351 59.74 -11.67 12.82
N VAL D 1352 59.33 -10.69 12.03
CA VAL D 1352 60.14 -9.49 11.84
C VAL D 1352 59.47 -8.23 12.34
N ASN D 1353 58.16 -8.23 12.60
CA ASN D 1353 57.48 -7.00 13.03
C ASN D 1353 58.02 -6.51 14.36
N PHE D 1354 58.25 -7.43 15.31
CA PHE D 1354 58.84 -7.04 16.58
C PHE D 1354 60.29 -6.60 16.44
N CYS D 1355 60.96 -6.97 15.34
CA CYS D 1355 62.30 -6.48 15.08
C CYS D 1355 62.28 -5.03 14.59
N VAL D 1356 61.31 -4.68 13.75
CA VAL D 1356 61.21 -3.34 13.20
C VAL D 1356 60.23 -2.47 13.98
N GLY D 1357 59.85 -2.90 15.18
CA GLY D 1357 58.89 -2.13 15.97
C GLY D 1357 57.51 -2.05 15.35
N LEU D 1358 57.09 -3.10 14.66
CA LEU D 1358 55.76 -3.18 14.08
C LEU D 1358 54.96 -4.26 14.78
N VAL D 1359 53.65 -4.27 14.53
CA VAL D 1359 52.75 -5.22 15.18
C VAL D 1359 51.51 -5.37 14.30
N THR D 1360 50.88 -6.53 14.40
CA THR D 1360 49.61 -6.80 13.74
C THR D 1360 48.54 -7.00 14.81
N ILE D 1361 47.45 -6.27 14.70
CA ILE D 1361 46.41 -6.29 15.74
C ILE D 1361 45.04 -6.51 15.11
N PRO D 1362 44.23 -7.41 15.64
CA PRO D 1362 42.85 -7.54 15.16
C PRO D 1362 42.04 -6.30 15.49
N ASN D 1363 41.11 -5.97 14.59
CA ASN D 1363 40.27 -4.79 14.79
C ASN D 1363 39.33 -4.94 15.97
N LYS D 1364 38.97 -6.17 16.33
CA LYS D 1364 38.13 -6.39 17.52
C LYS D 1364 38.80 -5.83 18.76
N VAL D 1365 40.13 -5.95 18.85
CA VAL D 1365 40.87 -5.42 19.99
C VAL D 1365 40.67 -3.92 20.09
N ILE D 1366 40.80 -3.22 18.97
CA ILE D 1366 40.62 -1.76 18.95
C ILE D 1366 39.20 -1.39 19.32
N ALA D 1367 38.21 -2.07 18.72
CA ALA D 1367 36.81 -1.75 18.97
C ALA D 1367 36.47 -1.92 20.44
N ASP D 1368 36.96 -3.00 21.06
CA ASP D 1368 36.70 -3.20 22.48
C ASP D 1368 37.52 -2.28 23.36
N THR D 1369 38.74 -1.90 22.95
CA THR D 1369 39.60 -1.11 23.83
C THR D 1369 39.14 0.33 23.90
N LEU D 1370 38.50 0.85 22.84
CA LEU D 1370 37.90 2.17 22.98
C LEU D 1370 36.83 2.18 24.07
N GLU D 1371 35.95 1.18 24.06
CA GLU D 1371 34.94 1.07 25.10
C GLU D 1371 35.58 0.86 26.47
N ALA D 1372 36.65 0.07 26.52
CA ALA D 1372 37.36 -0.12 27.78
C ALA D 1372 37.88 1.20 28.32
N LEU D 1373 38.43 2.05 27.44
CA LEU D 1373 38.85 3.38 27.86
C LEU D 1373 37.69 4.19 28.41
N LEU D 1374 36.55 4.18 27.70
CA LEU D 1374 35.39 4.91 28.20
C LEU D 1374 34.90 4.38 29.55
N GLY D 1375 35.10 3.09 29.80
CA GLY D 1375 34.52 2.48 30.99
C GLY D 1375 35.08 3.05 32.28
N VAL D 1376 36.41 3.17 32.37
CA VAL D 1376 37.03 3.70 33.58
C VAL D 1376 36.65 5.16 33.77
N ILE D 1377 36.57 5.92 32.68
CA ILE D 1377 36.16 7.32 32.76
C ILE D 1377 34.76 7.42 33.35
N VAL D 1378 33.85 6.57 32.88
CA VAL D 1378 32.49 6.54 33.42
C VAL D 1378 32.51 6.16 34.89
N LYS D 1379 33.32 5.14 35.25
CA LYS D 1379 33.34 4.63 36.61
C LYS D 1379 33.84 5.67 37.60
N ASN D 1380 34.87 6.43 37.24
CA ASN D 1380 35.55 7.30 38.19
C ASN D 1380 34.89 8.66 38.39
N TYR D 1381 34.30 9.23 37.34
CA TYR D 1381 33.83 10.62 37.40
C TYR D 1381 32.32 10.75 37.33
N GLY D 1382 31.68 10.21 36.30
CA GLY D 1382 30.27 10.39 36.09
C GLY D 1382 29.97 10.53 34.60
N LEU D 1383 28.69 10.31 34.25
CA LEU D 1383 28.29 10.32 32.85
C LEU D 1383 28.51 11.69 32.21
N GLN D 1384 28.17 12.76 32.93
CA GLN D 1384 28.23 14.09 32.34
C GLN D 1384 29.64 14.44 31.87
N HIS D 1385 30.65 14.18 32.72
CA HIS D 1385 32.02 14.42 32.30
C HIS D 1385 32.43 13.47 31.19
N ALA D 1386 31.99 12.21 31.27
CA ALA D 1386 32.37 11.22 30.26
C ALA D 1386 31.82 11.57 28.88
N PHE D 1387 30.72 12.34 28.82
CA PHE D 1387 30.10 12.63 27.54
C PHE D 1387 31.03 13.40 26.60
N LYS D 1388 31.87 14.29 27.15
CA LYS D 1388 32.76 15.08 26.31
C LYS D 1388 33.70 14.21 25.49
N MET D 1389 34.05 13.03 26.01
CA MET D 1389 35.02 12.18 25.35
C MET D 1389 34.51 11.66 24.01
N LEU D 1390 33.19 11.54 23.84
CA LEU D 1390 32.64 11.21 22.53
C LEU D 1390 32.98 12.30 21.52
N GLU D 1391 32.83 13.56 21.93
CA GLU D 1391 33.29 14.67 21.08
C GLU D 1391 34.79 14.57 20.84
N TYR D 1392 35.55 14.16 21.87
CA TYR D 1392 36.98 14.01 21.71
C TYR D 1392 37.31 12.99 20.61
N PHE D 1393 36.65 11.84 20.64
CA PHE D 1393 36.79 10.83 19.59
C PHE D 1393 35.89 11.10 18.40
N LYS D 1394 35.33 12.32 18.29
CA LYS D 1394 34.34 12.70 17.29
C LYS D 1394 33.30 11.60 17.06
N ILE D 1395 32.87 10.94 18.14
CA ILE D 1395 31.78 9.98 18.04
C ILE D 1395 30.51 10.68 17.58
N CYS D 1396 30.20 11.82 18.19
CA CYS D 1396 29.08 12.67 17.79
C CYS D 1396 29.60 14.07 17.59
N ARG D 1397 29.35 14.64 16.40
CA ARG D 1397 29.74 16.01 16.11
C ARG D 1397 28.78 16.93 16.86
N ALA D 1398 29.07 17.12 18.14
CA ALA D 1398 28.16 17.84 19.03
C ALA D 1398 27.97 19.28 18.58
N ASP D 1399 26.75 19.77 18.75
CA ASP D 1399 26.41 21.14 18.38
C ASP D 1399 26.82 22.09 19.49
N ILE D 1400 27.68 23.06 19.16
CA ILE D 1400 28.06 24.09 20.12
C ILE D 1400 26.90 25.00 20.46
N ASP D 1401 25.84 25.01 19.64
CA ASP D 1401 24.69 25.85 19.90
C ASP D 1401 23.99 25.50 21.21
N LYS D 1402 24.05 24.23 21.61
CA LYS D 1402 23.44 23.76 22.86
C LYS D 1402 24.52 23.07 23.68
N PRO D 1403 25.21 23.82 24.55
CA PRO D 1403 26.33 23.21 25.30
C PRO D 1403 25.95 21.98 26.10
N LEU D 1404 24.74 21.93 26.66
CA LEU D 1404 24.38 20.83 27.53
C LEU D 1404 24.12 19.53 26.77
N THR D 1405 23.86 19.60 25.46
CA THR D 1405 23.61 18.37 24.70
C THR D 1405 24.83 17.45 24.71
N GLN D 1406 26.03 18.02 24.63
CA GLN D 1406 27.23 17.23 24.81
C GLN D 1406 27.64 17.10 26.28
N LEU D 1407 26.98 17.80 27.19
CA LEU D 1407 27.31 17.69 28.61
C LEU D 1407 26.15 17.13 29.44
N LEU D 1408 24.98 17.77 29.43
CA LEU D 1408 23.94 17.40 30.39
C LEU D 1408 22.55 17.25 29.76
N ASN D 1409 22.29 17.95 28.65
CA ASN D 1409 20.93 17.97 28.11
C ASN D 1409 20.46 16.60 27.65
N LEU D 1410 21.38 15.65 27.47
CA LEU D 1410 20.97 14.27 27.19
C LEU D 1410 20.09 13.72 28.30
N GLU D 1411 20.24 14.24 29.52
CA GLU D 1411 19.33 13.96 30.61
C GLU D 1411 18.24 14.99 30.77
N LEU D 1412 18.22 16.04 29.93
CA LEU D 1412 17.28 17.14 30.09
C LEU D 1412 16.42 17.41 28.86
N GLY D 1413 16.76 16.89 27.69
CA GLY D 1413 16.02 17.13 26.47
C GLY D 1413 15.25 15.92 26.01
N GLY D 1414 14.87 15.94 24.73
CA GLY D 1414 14.19 14.83 24.09
C GLY D 1414 12.70 14.99 23.90
N LYS D 1415 12.10 16.06 24.43
CA LYS D 1415 10.66 16.25 24.36
C LYS D 1415 10.29 17.42 23.44
N LYS D 1416 9.07 17.35 22.93
CA LYS D 1416 8.55 18.36 22.01
C LYS D 1416 7.04 18.48 22.22
N MET D 1417 6.34 19.06 21.24
CA MET D 1417 4.91 19.31 21.39
C MET D 1417 4.12 18.03 21.64
N ARG D 1418 4.59 16.91 21.11
CA ARG D 1418 3.85 15.65 21.28
C ARG D 1418 4.02 15.04 22.68
N ALA D 1419 4.51 15.79 23.66
CA ALA D 1419 4.56 15.32 25.04
C ALA D 1419 4.24 16.43 26.04
N ASN D 1420 3.49 17.45 25.61
CA ASN D 1420 3.33 18.64 26.42
C ASN D 1420 1.88 19.04 26.66
N VAL D 1421 0.98 18.72 25.72
CA VAL D 1421 -0.39 19.21 25.80
C VAL D 1421 -1.07 18.68 27.06
N ASN D 1422 -1.84 19.54 27.71
CA ASN D 1422 -2.43 19.26 29.01
C ASN D 1422 -3.95 19.26 28.89
N THR D 1423 -4.57 18.13 29.23
CA THR D 1423 -6.02 18.02 29.31
C THR D 1423 -6.40 16.73 30.05
N THR D 1424 -7.34 16.83 30.99
CA THR D 1424 -7.78 15.64 31.72
C THR D 1424 -8.56 14.66 30.86
N GLU D 1425 -8.80 14.99 29.59
CA GLU D 1425 -9.47 14.04 28.70
C GLU D 1425 -8.65 12.77 28.50
N ILE D 1426 -7.32 12.88 28.60
CA ILE D 1426 -6.46 11.72 28.41
C ILE D 1426 -6.68 10.70 29.51
N ASP D 1427 -7.12 11.13 30.70
CA ASP D 1427 -7.38 10.20 31.78
C ASP D 1427 -8.55 9.26 31.47
N GLY D 1428 -9.43 9.64 30.54
CA GLY D 1428 -10.45 8.72 30.08
C GLY D 1428 -9.85 7.49 29.42
N PHE D 1429 -8.74 7.68 28.70
CA PHE D 1429 -8.02 6.54 28.14
C PHE D 1429 -7.46 5.66 29.25
N LEU D 1430 -6.96 6.26 30.32
CA LEU D 1430 -6.30 5.54 31.41
C LEU D 1430 -7.34 5.19 32.47
N ILE D 1431 -8.09 4.13 32.20
CA ILE D 1431 -9.08 3.66 33.16
C ILE D 1431 -8.38 2.91 34.29
N ASN D 1432 -8.66 3.34 35.52
CA ASN D 1432 -8.08 2.71 36.72
C ASN D 1432 -6.56 2.71 36.68
N HIS D 1433 -5.98 3.81 36.19
CA HIS D 1433 -4.53 3.93 36.14
C HIS D 1433 -3.90 3.93 37.53
N TYR D 1434 -4.68 4.27 38.57
CA TYR D 1434 -4.17 4.19 39.93
C TYR D 1434 -3.81 2.75 40.29
N TYR D 1435 -4.53 1.77 39.75
CA TYR D 1435 -4.16 0.37 39.95
C TYR D 1435 -2.77 0.10 39.37
N LEU D 1436 -2.51 0.60 38.15
CA LEU D 1436 -1.20 0.44 37.55
C LEU D 1436 -0.12 1.11 38.39
N GLU D 1437 -0.40 2.33 38.87
CA GLU D 1437 0.59 3.03 39.67
C GLU D 1437 0.88 2.30 40.98
N LYS D 1438 -0.17 1.80 41.65
CA LYS D 1438 0.01 1.08 42.91
C LYS D 1438 0.80 -0.20 42.70
N ASN D 1439 0.50 -0.95 41.63
CA ASN D 1439 1.27 -2.16 41.35
C ASN D 1439 2.72 -1.83 41.00
N LEU D 1440 2.93 -0.79 40.20
CA LEU D 1440 4.28 -0.41 39.78
C LEU D 1440 5.04 0.25 40.92
N GLY D 1441 4.33 1.01 41.76
CA GLY D 1441 4.92 1.68 42.90
C GLY D 1441 5.32 3.12 42.68
N TYR D 1442 5.33 3.59 41.45
CA TYR D 1442 5.69 4.96 41.14
C TYR D 1442 4.46 5.81 40.86
N THR D 1443 4.63 7.12 41.00
CA THR D 1443 3.56 8.08 40.79
C THR D 1443 3.93 8.98 39.60
N PHE D 1444 2.96 9.23 38.74
CA PHE D 1444 3.15 10.07 37.56
C PHE D 1444 2.52 11.43 37.82
N LYS D 1445 3.35 12.46 37.97
CA LYS D 1445 2.84 13.82 38.04
C LYS D 1445 2.16 14.21 36.72
N ASP D 1446 2.74 13.79 35.60
CA ASP D 1446 2.13 13.95 34.28
C ASP D 1446 1.75 12.56 33.77
N ARG D 1447 0.47 12.39 33.44
CA ARG D 1447 -0.01 11.10 32.94
C ARG D 1447 0.17 10.95 31.44
N ARG D 1448 0.59 12.00 30.74
CA ARG D 1448 0.72 11.95 29.29
C ARG D 1448 1.80 10.96 28.86
N TYR D 1449 2.91 10.90 29.61
CA TYR D 1449 3.97 9.96 29.30
C TYR D 1449 3.46 8.52 29.38
N LEU D 1450 2.65 8.21 30.39
CA LEU D 1450 2.08 6.87 30.50
C LEU D 1450 1.21 6.56 29.29
N LEU D 1451 0.39 7.52 28.87
CA LEU D 1451 -0.48 7.29 27.71
C LEU D 1451 0.35 7.04 26.46
N GLN D 1452 1.42 7.81 26.25
CA GLN D 1452 2.27 7.58 25.09
C GLN D 1452 2.95 6.22 25.17
N ALA D 1453 3.38 5.82 26.37
CA ALA D 1453 4.04 4.53 26.53
C ALA D 1453 3.08 3.38 26.32
N LEU D 1454 1.80 3.56 26.67
CA LEU D 1454 0.80 2.52 26.51
C LEU D 1454 0.14 2.55 25.14
N THR D 1455 0.56 3.45 24.25
CA THR D 1455 -0.09 3.63 22.96
C THR D 1455 0.59 2.72 21.96
N HIS D 1456 -0.01 1.56 21.71
CA HIS D 1456 0.45 0.68 20.65
C HIS D 1456 0.13 1.32 19.30
N PRO D 1457 0.94 1.02 18.27
CA PRO D 1457 0.67 1.61 16.95
C PRO D 1457 -0.71 1.27 16.39
N SER D 1458 -1.33 0.19 16.85
CA SER D 1458 -2.69 -0.17 16.42
C SER D 1458 -3.70 0.32 17.46
N TYR D 1459 -3.92 1.64 17.46
CA TYR D 1459 -4.88 2.24 18.37
C TYR D 1459 -5.28 3.61 17.86
N PRO D 1460 -6.16 3.69 16.86
CA PRO D 1460 -6.46 4.99 16.23
C PRO D 1460 -7.14 5.99 17.13
N THR D 1461 -7.79 5.55 18.22
CA THR D 1461 -8.59 6.47 19.02
C THR D 1461 -7.74 7.45 19.82
N ASN D 1462 -6.43 7.27 19.87
CA ASN D 1462 -5.54 8.17 20.61
C ASN D 1462 -4.86 9.10 19.61
N ARG D 1463 -5.41 10.30 19.46
CA ARG D 1463 -4.86 11.33 18.58
C ARG D 1463 -3.99 12.33 19.32
N ILE D 1464 -3.83 12.19 20.64
CA ILE D 1464 -3.16 13.21 21.42
C ILE D 1464 -1.70 12.89 21.74
N THR D 1465 -1.30 11.62 21.73
CA THR D 1465 0.09 11.23 21.96
C THR D 1465 0.57 10.33 20.84
N GLY D 1466 1.89 10.27 20.71
CA GLY D 1466 2.53 9.38 19.76
C GLY D 1466 2.59 7.95 20.26
N SER D 1467 3.12 7.08 19.39
CA SER D 1467 3.29 5.68 19.77
C SER D 1467 4.41 5.55 20.82
N TYR D 1468 4.61 4.32 21.27
CA TYR D 1468 5.58 4.04 22.32
C TYR D 1468 6.97 3.71 21.79
N GLN D 1469 7.13 3.64 20.46
CA GLN D 1469 8.44 3.35 19.89
C GLN D 1469 9.45 4.43 20.27
N GLU D 1470 9.04 5.71 20.18
CA GLU D 1470 9.94 6.82 20.48
C GLU D 1470 10.29 6.92 21.95
N LEU D 1471 9.64 6.15 22.82
CA LEU D 1471 10.05 6.05 24.21
C LEU D 1471 10.84 4.80 24.50
N GLU D 1472 10.47 3.66 23.90
CA GLU D 1472 11.25 2.44 24.08
C GLU D 1472 12.63 2.56 23.47
N PHE D 1473 12.81 3.41 22.45
CA PHE D 1473 14.15 3.61 21.91
C PHE D 1473 15.11 4.09 22.99
N ILE D 1474 14.69 5.07 23.79
CA ILE D 1474 15.52 5.55 24.90
C ILE D 1474 15.52 4.53 26.04
N GLY D 1475 14.36 3.94 26.34
CA GLY D 1475 14.27 3.05 27.48
C GLY D 1475 15.16 1.83 27.37
N ASN D 1476 15.37 1.34 26.15
CA ASN D 1476 16.29 0.22 25.95
C ASN D 1476 17.67 0.56 26.48
N ALA D 1477 18.21 1.71 26.06
CA ALA D 1477 19.52 2.14 26.53
C ALA D 1477 19.51 2.37 28.04
N ILE D 1478 18.46 3.01 28.55
CA ILE D 1478 18.39 3.26 29.99
C ILE D 1478 18.48 1.95 30.77
N LEU D 1479 17.65 0.99 30.40
CA LEU D 1479 17.60 -0.29 31.10
C LEU D 1479 18.95 -1.02 31.01
N ASP D 1480 19.47 -1.16 29.78
CA ASP D 1480 20.67 -1.97 29.62
C ASP D 1480 21.85 -1.34 30.35
N PHE D 1481 22.03 -0.02 30.24
CA PHE D 1481 23.14 0.62 30.92
C PHE D 1481 22.99 0.52 32.43
N LEU D 1482 21.78 0.76 32.95
CA LEU D 1482 21.61 0.71 34.40
C LEU D 1482 21.90 -0.68 34.94
N ILE D 1483 21.36 -1.71 34.31
CA ILE D 1483 21.55 -3.06 34.83
C ILE D 1483 23.00 -3.52 34.64
N SER D 1484 23.63 -3.12 33.53
CA SER D 1484 25.04 -3.47 33.33
C SER D 1484 25.91 -2.80 34.38
N ALA D 1485 25.66 -1.53 34.69
CA ALA D 1485 26.42 -0.86 35.73
C ALA D 1485 26.22 -1.54 37.08
N TYR D 1486 24.97 -1.93 37.38
CA TYR D 1486 24.72 -2.59 38.66
C TYR D 1486 25.49 -3.90 38.76
N ILE D 1487 25.41 -4.74 37.73
CA ILE D 1487 26.10 -6.02 37.80
C ILE D 1487 27.61 -5.83 37.77
N PHE D 1488 28.10 -4.79 37.10
CA PHE D 1488 29.52 -4.48 37.13
C PHE D 1488 29.98 -4.12 38.55
N GLU D 1489 29.17 -3.33 39.25
CA GLU D 1489 29.55 -2.92 40.60
C GLU D 1489 29.41 -4.05 41.61
N ASN D 1490 28.36 -4.85 41.50
CA ASN D 1490 28.01 -5.80 42.56
C ASN D 1490 28.57 -7.20 42.31
N ASN D 1491 28.26 -7.78 41.15
CA ASN D 1491 28.64 -9.17 40.87
C ASN D 1491 30.09 -9.22 40.40
N THR D 1492 30.99 -9.02 41.37
CA THR D 1492 32.41 -8.97 41.06
C THR D 1492 32.98 -10.36 40.74
N LYS D 1493 32.60 -11.36 41.55
CA LYS D 1493 33.25 -12.66 41.52
C LYS D 1493 32.77 -13.52 40.36
N MET D 1494 33.02 -13.05 39.15
CA MET D 1494 32.75 -13.82 37.94
C MET D 1494 33.40 -13.13 36.75
N ASN D 1495 33.87 -13.92 35.80
CA ASN D 1495 34.59 -13.38 34.65
C ASN D 1495 33.64 -12.64 33.71
N PRO D 1496 34.15 -11.66 32.96
CA PRO D 1496 33.30 -10.95 31.99
C PRO D 1496 32.72 -11.86 30.92
N GLY D 1497 33.40 -12.96 30.58
CA GLY D 1497 32.87 -13.87 29.58
C GLY D 1497 31.51 -14.42 29.93
N ALA D 1498 31.23 -14.55 31.23
CA ALA D 1498 29.90 -14.93 31.70
C ALA D 1498 29.09 -13.73 32.17
N LEU D 1499 29.73 -12.62 32.52
CA LEU D 1499 28.99 -11.41 32.87
C LEU D 1499 28.21 -10.88 31.68
N THR D 1500 28.79 -10.94 30.48
CA THR D 1500 28.04 -10.56 29.28
C THR D 1500 26.85 -11.48 29.06
N ASP D 1501 26.99 -12.78 29.31
CA ASP D 1501 25.86 -13.68 29.20
C ASP D 1501 24.77 -13.33 30.21
N LEU D 1502 25.18 -13.00 31.44
CA LEU D 1502 24.23 -12.61 32.48
C LEU D 1502 23.46 -11.36 32.08
N ARG D 1503 24.16 -10.35 31.57
CA ARG D 1503 23.48 -9.12 31.19
C ARG D 1503 22.57 -9.33 29.98
N SER D 1504 23.02 -10.15 29.02
CA SER D 1504 22.17 -10.46 27.87
C SER D 1504 20.91 -11.19 28.28
N ALA D 1505 21.03 -12.14 29.22
CA ALA D 1505 19.86 -12.83 29.73
C ALA D 1505 18.92 -11.87 30.45
N LEU D 1506 19.48 -10.99 31.29
CA LEU D 1506 18.66 -10.09 32.07
C LEU D 1506 18.02 -8.99 31.22
N VAL D 1507 18.55 -8.73 30.02
CA VAL D 1507 17.94 -7.75 29.12
C VAL D 1507 17.10 -8.42 28.05
N ASN D 1508 17.08 -9.74 27.99
CA ASN D 1508 16.35 -10.45 26.94
C ASN D 1508 14.87 -10.15 27.02
N ASN D 1509 14.22 -10.13 25.85
CA ASN D 1509 12.82 -9.73 25.77
C ASN D 1509 11.90 -10.71 26.50
N THR D 1510 12.28 -11.98 26.57
CA THR D 1510 11.43 -12.98 27.24
C THR D 1510 11.29 -12.67 28.73
N THR D 1511 12.40 -12.31 29.37
CA THR D 1511 12.35 -11.95 30.78
C THR D 1511 11.51 -10.68 30.98
N LEU D 1512 11.62 -9.73 30.06
CA LEU D 1512 10.80 -8.53 30.14
C LEU D 1512 9.32 -8.87 30.03
N ALA D 1513 8.97 -9.76 29.10
CA ALA D 1513 7.58 -10.17 28.98
C ALA D 1513 7.08 -10.85 30.24
N CYS D 1514 7.91 -11.72 30.83
CA CYS D 1514 7.53 -12.37 32.08
C CYS D 1514 7.32 -11.35 33.20
N ILE D 1515 8.20 -10.36 33.30
CA ILE D 1515 8.05 -9.33 34.33
C ILE D 1515 6.77 -8.54 34.11
N CYS D 1516 6.49 -8.17 32.86
CA CYS D 1516 5.27 -7.42 32.56
C CYS D 1516 4.04 -8.23 32.91
N VAL D 1517 4.06 -9.54 32.65
CA VAL D 1517 2.97 -10.41 33.06
C VAL D 1517 2.81 -10.40 34.56
N ARG D 1518 3.93 -10.45 35.29
CA ARG D 1518 3.87 -10.54 36.75
C ARG D 1518 3.12 -9.35 37.35
N HIS D 1519 3.34 -8.15 36.83
CA HIS D 1519 2.77 -6.94 37.42
C HIS D 1519 1.38 -6.60 36.87
N ARG D 1520 0.74 -7.53 36.16
CA ARG D 1520 -0.63 -7.34 35.66
C ARG D 1520 -0.74 -6.09 34.79
N LEU D 1521 0.29 -5.83 33.98
CA LEU D 1521 0.26 -4.67 33.09
C LEU D 1521 -0.48 -4.93 31.78
N HIS D 1522 -0.86 -6.17 31.51
CA HIS D 1522 -1.60 -6.47 30.30
C HIS D 1522 -2.94 -5.73 30.25
N PHE D 1523 -3.52 -5.45 31.42
CA PHE D 1523 -4.83 -4.80 31.46
C PHE D 1523 -4.80 -3.42 30.82
N PHE D 1524 -3.77 -2.62 31.12
CA PHE D 1524 -3.75 -1.21 30.75
C PHE D 1524 -3.15 -0.94 29.39
N ILE D 1525 -2.78 -1.97 28.64
CA ILE D 1525 -2.18 -1.75 27.32
C ILE D 1525 -3.28 -1.31 26.36
N LEU D 1526 -3.27 -0.03 25.99
CA LEU D 1526 -4.26 0.52 25.05
C LEU D 1526 -3.91 0.03 23.65
N ALA D 1527 -4.22 -1.24 23.40
CA ALA D 1527 -3.91 -1.87 22.13
C ALA D 1527 -5.12 -2.67 21.66
N GLU D 1528 -5.19 -2.85 20.35
CA GLU D 1528 -6.24 -3.68 19.75
C GLU D 1528 -5.67 -4.36 18.52
N ASN D 1529 -5.93 -5.66 18.41
CA ASN D 1529 -5.44 -6.48 17.30
C ASN D 1529 -6.15 -7.81 17.38
N ALA D 1530 -6.24 -8.48 16.23
CA ALA D 1530 -6.90 -9.78 16.19
C ALA D 1530 -6.01 -10.88 16.75
N LYS D 1531 -4.87 -11.12 16.10
CA LYS D 1531 -3.99 -12.20 16.50
C LYS D 1531 -3.05 -11.83 17.64
N LEU D 1532 -2.61 -10.57 17.72
CA LEU D 1532 -1.73 -10.16 18.80
C LEU D 1532 -2.41 -10.30 20.16
N SER D 1533 -3.68 -9.92 20.24
CA SER D 1533 -4.42 -10.10 21.48
C SER D 1533 -4.54 -11.58 21.84
N GLU D 1534 -4.77 -12.44 20.85
CA GLU D 1534 -4.80 -13.87 21.11
C GLU D 1534 -3.47 -14.37 21.64
N ILE D 1535 -2.37 -13.89 21.06
CA ILE D 1535 -1.04 -14.29 21.53
C ILE D 1535 -0.84 -13.83 22.97
N ILE D 1536 -1.24 -12.60 23.29
CA ILE D 1536 -1.11 -12.10 24.65
C ILE D 1536 -1.92 -12.94 25.62
N SER D 1537 -3.15 -13.30 25.24
CA SER D 1537 -3.99 -14.11 26.11
C SER D 1537 -3.39 -15.49 26.34
N LYS D 1538 -2.90 -16.13 25.28
CA LYS D 1538 -2.26 -17.43 25.45
C LYS D 1538 -1.03 -17.33 26.34
N PHE D 1539 -0.21 -16.29 26.13
CA PHE D 1539 0.99 -16.13 26.95
C PHE D 1539 0.65 -15.89 28.41
N VAL D 1540 -0.38 -15.07 28.68
CA VAL D 1540 -0.70 -14.74 30.05
C VAL D 1540 -1.28 -15.95 30.77
N ASN D 1541 -2.13 -16.73 30.10
CA ASN D 1541 -2.64 -17.93 30.76
C ASN D 1541 -1.54 -18.98 30.94
N PHE D 1542 -0.61 -19.08 29.97
CA PHE D 1542 0.52 -19.98 30.13
C PHE D 1542 1.37 -19.58 31.33
N GLN D 1543 1.64 -18.28 31.48
CA GLN D 1543 2.43 -17.81 32.60
C GLN D 1543 1.70 -18.01 33.92
N GLU D 1544 0.38 -17.83 33.93
CA GLU D 1544 -0.41 -18.16 35.10
C GLU D 1544 -0.25 -19.63 35.47
N SER D 1545 -0.26 -20.50 34.45
CA SER D 1545 0.00 -21.92 34.71
C SER D 1545 1.38 -22.14 35.29
N GLN D 1546 2.40 -21.44 34.76
CA GLN D 1546 3.75 -21.56 35.31
C GLN D 1546 3.92 -20.87 36.65
N GLY D 1547 2.94 -20.07 37.08
CA GLY D 1547 3.09 -19.32 38.31
C GLY D 1547 3.84 -18.03 38.19
N HIS D 1548 3.94 -17.48 36.97
CA HIS D 1548 4.62 -16.21 36.71
C HIS D 1548 6.08 -16.24 37.15
N ARG D 1549 6.74 -17.36 36.89
CA ARG D 1549 8.17 -17.52 37.10
C ARG D 1549 8.82 -17.96 35.80
N VAL D 1550 10.04 -17.46 35.55
CA VAL D 1550 10.76 -17.85 34.35
C VAL D 1550 11.00 -19.35 34.35
N THR D 1551 10.84 -19.97 33.19
CA THR D 1551 10.89 -21.41 33.04
C THR D 1551 12.31 -21.92 32.75
N ASN D 1552 13.33 -21.20 33.19
CA ASN D 1552 14.71 -21.62 33.02
C ASN D 1552 14.97 -22.98 33.64
N MET D 1602 14.35 -20.24 29.68
CA MET D 1602 13.78 -20.32 28.34
C MET D 1602 12.52 -21.16 28.43
N SER D 1603 11.54 -20.88 27.57
CA SER D 1603 10.23 -21.50 27.66
C SER D 1603 9.94 -22.34 26.42
N THR D 1604 9.35 -23.52 26.64
CA THR D 1604 8.78 -24.31 25.55
C THR D 1604 7.45 -23.76 25.07
N ASN D 1605 7.07 -22.57 25.57
CA ASN D 1605 5.80 -21.91 25.25
C ASN D 1605 5.59 -21.77 23.75
N VAL D 1606 4.32 -21.63 23.34
CA VAL D 1606 3.99 -21.50 21.93
C VAL D 1606 4.76 -20.34 21.30
N ASP D 1607 4.54 -19.12 21.81
CA ASP D 1607 5.22 -17.95 21.27
C ASP D 1607 5.19 -16.83 22.28
N VAL D 1608 6.25 -16.03 22.30
CA VAL D 1608 6.37 -14.91 23.23
C VAL D 1608 5.98 -13.62 22.53
N PRO D 1609 5.18 -12.76 23.15
CA PRO D 1609 4.81 -11.48 22.53
C PRO D 1609 5.90 -10.44 22.75
N LYS D 1610 6.53 -10.01 21.65
CA LYS D 1610 7.58 -9.01 21.75
C LYS D 1610 7.04 -7.67 22.23
N ALA D 1611 5.85 -7.29 21.78
CA ALA D 1611 5.29 -5.98 22.13
C ALA D 1611 5.08 -5.85 23.63
N LEU D 1612 4.85 -6.97 24.33
CA LEU D 1612 4.64 -6.91 25.77
C LEU D 1612 5.91 -6.44 26.48
N GLY D 1613 7.04 -7.09 26.19
CA GLY D 1613 8.30 -6.62 26.74
C GLY D 1613 8.65 -5.23 26.24
N ASP D 1614 8.27 -4.92 25.00
CA ASP D 1614 8.53 -3.58 24.47
C ASP D 1614 7.82 -2.51 25.29
N VAL D 1615 6.54 -2.70 25.59
CA VAL D 1615 5.81 -1.69 26.33
C VAL D 1615 6.29 -1.62 27.78
N LEU D 1616 6.60 -2.78 28.39
CA LEU D 1616 7.15 -2.74 29.74
C LEU D 1616 8.46 -1.96 29.78
N GLU D 1617 9.33 -2.19 28.80
CA GLU D 1617 10.60 -1.48 28.77
C GLU D 1617 10.40 0.00 28.44
N ALA D 1618 9.39 0.32 27.62
CA ALA D 1618 9.13 1.72 27.29
C ALA D 1618 8.60 2.50 28.48
N LEU D 1619 7.79 1.86 29.33
CA LEU D 1619 7.29 2.58 30.49
C LEU D 1619 8.41 2.92 31.47
N ILE D 1620 9.57 2.27 31.36
CA ILE D 1620 10.73 2.68 32.16
C ILE D 1620 11.21 4.06 31.73
N ALA D 1621 11.36 4.27 30.41
CA ALA D 1621 11.70 5.60 29.92
C ALA D 1621 10.61 6.60 30.25
N ALA D 1622 9.36 6.16 30.22
CA ALA D 1622 8.25 7.03 30.61
C ALA D 1622 8.40 7.47 32.07
N VAL D 1623 8.76 6.53 32.95
CA VAL D 1623 8.99 6.86 34.35
C VAL D 1623 10.12 7.86 34.49
N TYR D 1624 11.23 7.60 33.78
CA TYR D 1624 12.39 8.47 33.89
C TYR D 1624 12.07 9.89 33.43
N LEU D 1625 11.45 10.03 32.26
CA LEU D 1625 11.14 11.35 31.73
C LEU D 1625 10.19 12.11 32.63
N ASP D 1626 9.33 11.40 33.36
CA ASP D 1626 8.42 12.04 34.30
C ASP D 1626 9.13 12.63 35.51
N CYS D 1627 10.40 12.26 35.74
CA CYS D 1627 11.16 12.80 36.87
C CYS D 1627 12.54 13.31 36.49
N ARG D 1628 13.11 12.87 35.36
CA ARG D 1628 14.43 13.30 34.90
C ARG D 1628 15.51 13.00 35.93
N ASP D 1629 15.33 11.92 36.69
CA ASP D 1629 16.31 11.48 37.68
C ASP D 1629 16.65 10.02 37.43
N LEU D 1630 17.95 9.71 37.45
CA LEU D 1630 18.37 8.33 37.24
C LEU D 1630 18.14 7.48 38.49
N GLN D 1631 18.30 8.09 39.67
CA GLN D 1631 18.22 7.32 40.91
C GLN D 1631 16.83 6.73 41.12
N ARG D 1632 15.79 7.53 40.91
CA ARG D 1632 14.42 7.04 41.07
C ARG D 1632 14.11 5.95 40.06
N THR D 1633 14.54 6.13 38.81
CA THR D 1633 14.33 5.12 37.78
C THR D 1633 15.02 3.82 38.16
N TRP D 1634 16.24 3.91 38.69
CA TRP D 1634 16.93 2.70 39.12
C TRP D 1634 16.24 2.03 40.30
N GLU D 1635 15.69 2.83 41.23
CA GLU D 1635 14.93 2.23 42.32
C GLU D 1635 13.74 1.46 41.76
N VAL D 1636 13.05 2.02 40.78
CA VAL D 1636 11.91 1.32 40.17
C VAL D 1636 12.38 0.04 39.50
N ILE D 1637 13.47 0.11 38.74
CA ILE D 1637 13.96 -1.06 38.01
C ILE D 1637 14.36 -2.15 38.99
N PHE D 1638 15.04 -1.78 40.07
CA PHE D 1638 15.46 -2.77 41.06
C PHE D 1638 14.24 -3.38 41.75
N ASN D 1639 13.23 -2.56 42.07
CA ASN D 1639 12.02 -3.11 42.68
C ASN D 1639 11.31 -4.06 41.74
N LEU D 1640 11.40 -3.83 40.43
CA LEU D 1640 10.83 -4.77 39.47
C LEU D 1640 11.68 -6.02 39.27
N PHE D 1641 12.99 -5.93 39.48
CA PHE D 1641 13.89 -7.02 39.12
C PHE D 1641 14.48 -7.77 40.31
N GLU D 1642 14.07 -7.44 41.54
CA GLU D 1642 14.61 -8.14 42.71
C GLU D 1642 14.57 -9.66 42.60
N PRO D 1643 13.44 -10.31 42.27
CA PRO D 1643 13.50 -11.78 42.13
C PRO D 1643 14.40 -12.22 40.99
N GLU D 1644 14.36 -11.54 39.86
CA GLU D 1644 15.23 -11.89 38.74
C GLU D 1644 16.70 -11.70 39.09
N LEU D 1645 17.02 -10.58 39.76
CA LEU D 1645 18.41 -10.37 40.18
C LEU D 1645 18.87 -11.49 41.11
N GLN D 1646 18.09 -11.77 42.15
CA GLN D 1646 18.49 -12.78 43.13
C GLN D 1646 18.56 -14.16 42.50
N GLU D 1647 17.75 -14.43 41.47
CA GLU D 1647 17.79 -15.72 40.81
C GLU D 1647 19.00 -15.85 39.89
N PHE D 1648 19.14 -14.91 38.96
CA PHE D 1648 20.21 -15.00 37.96
C PHE D 1648 21.59 -14.84 38.61
N THR D 1649 21.70 -14.16 39.75
CA THR D 1649 23.01 -14.00 40.37
C THR D 1649 23.50 -15.31 40.99
N ARG D 1650 22.58 -16.15 41.47
CA ARG D 1650 22.96 -17.38 42.16
C ARG D 1650 23.12 -18.54 41.19
N LYS D 1651 22.05 -18.88 40.47
CA LYS D 1651 22.12 -19.93 39.47
C LYS D 1651 22.69 -19.37 38.16
N VAL D 1652 23.23 -20.26 37.34
CA VAL D 1652 23.76 -19.87 36.04
C VAL D 1652 22.59 -19.35 35.21
N PRO D 1653 22.64 -18.10 34.73
CA PRO D 1653 21.46 -17.48 34.14
C PRO D 1653 20.89 -18.24 32.95
N ILE D 1654 21.66 -18.35 31.87
CA ILE D 1654 21.29 -19.18 30.72
C ILE D 1654 22.48 -19.31 29.78
N ASN D 1655 22.67 -20.50 29.21
CA ASN D 1655 23.35 -20.64 27.94
C ASN D 1655 22.45 -21.30 26.91
N HIS D 1656 22.00 -22.54 27.18
CA HIS D 1656 21.00 -23.27 26.40
C HIS D 1656 21.42 -23.52 24.96
N ILE D 1657 20.79 -24.53 24.33
CA ILE D 1657 21.02 -24.89 22.94
C ILE D 1657 22.49 -25.24 22.70
N ARG D 1658 23.37 -24.25 22.90
CA ARG D 1658 24.80 -24.47 22.68
C ARG D 1658 25.36 -25.51 23.64
N GLN D 1659 24.98 -25.43 24.91
CA GLN D 1659 25.43 -26.41 25.89
C GLN D 1659 24.93 -27.81 25.57
N LEU D 1660 23.75 -27.93 24.94
CA LEU D 1660 23.31 -29.23 24.44
C LEU D 1660 24.24 -29.74 23.35
N VAL D 1661 24.64 -28.86 22.43
CA VAL D 1661 25.53 -29.25 21.34
C VAL D 1661 26.89 -29.67 21.88
N GLU D 1662 27.43 -28.90 22.83
CA GLU D 1662 28.75 -29.14 23.38
C GLU D 1662 28.73 -30.06 24.60
N HIS D 1663 27.59 -30.65 24.92
CA HIS D 1663 27.47 -31.45 26.14
C HIS D 1663 28.41 -32.65 26.08
N LYS D 1664 28.64 -33.23 27.26
CA LYS D 1664 29.62 -34.32 27.38
C LYS D 1664 29.22 -35.52 26.52
N HIS D 1665 27.95 -35.91 26.56
CA HIS D 1665 27.47 -37.03 25.76
C HIS D 1665 26.34 -36.66 24.80
N ALA D 1666 25.63 -35.57 25.04
CA ALA D 1666 24.56 -35.16 24.13
C ALA D 1666 25.16 -34.55 22.86
N LYS D 1667 24.86 -35.15 21.71
CA LYS D 1667 25.35 -34.70 20.42
C LYS D 1667 24.15 -34.54 19.50
N PRO D 1668 23.36 -33.49 19.67
CA PRO D 1668 22.13 -33.35 18.88
C PRO D 1668 22.42 -32.94 17.44
N VAL D 1669 21.67 -33.54 16.52
CA VAL D 1669 21.66 -33.15 15.12
C VAL D 1669 20.20 -33.02 14.71
N PHE D 1670 19.95 -32.18 13.70
CA PHE D 1670 18.59 -31.79 13.37
C PHE D 1670 18.39 -31.76 11.87
N SER D 1671 17.12 -31.78 11.46
CA SER D 1671 16.71 -31.58 10.09
C SER D 1671 16.15 -30.16 9.93
N SER D 1672 15.58 -29.88 8.76
CA SER D 1672 15.03 -28.54 8.49
C SER D 1672 13.57 -28.48 8.90
N PRO D 1673 13.19 -27.60 9.81
CA PRO D 1673 11.78 -27.50 10.21
C PRO D 1673 10.96 -26.74 9.17
N ILE D 1674 9.66 -27.01 9.17
CA ILE D 1674 8.72 -26.38 8.25
C ILE D 1674 7.53 -25.88 9.07
N VAL D 1675 7.14 -24.63 8.81
CA VAL D 1675 5.94 -24.07 9.45
C VAL D 1675 4.74 -24.32 8.56
N GLU D 1676 3.56 -24.34 9.17
CA GLU D 1676 2.32 -24.51 8.43
C GLU D 1676 1.18 -24.01 9.30
N GLY D 1677 0.48 -22.97 8.83
CA GLY D 1677 -0.57 -22.37 9.63
C GLY D 1677 -0.03 -21.71 10.89
N GLU D 1678 -0.31 -22.33 12.04
CA GLU D 1678 0.26 -21.89 13.31
C GLU D 1678 0.92 -23.06 14.03
N THR D 1679 1.39 -24.05 13.27
CA THR D 1679 2.04 -25.22 13.82
C THR D 1679 3.38 -25.42 13.12
N VAL D 1680 4.29 -26.11 13.82
CA VAL D 1680 5.65 -26.33 13.33
C VAL D 1680 6.23 -27.51 14.08
N MET D 1681 7.17 -28.20 13.43
CA MET D 1681 7.86 -29.32 14.05
C MET D 1681 9.24 -29.48 13.45
N VAL D 1682 10.10 -30.21 14.16
CA VAL D 1682 11.45 -30.52 13.71
C VAL D 1682 11.84 -31.87 14.29
N SER D 1683 12.54 -32.68 13.50
CA SER D 1683 12.98 -34.00 13.92
C SER D 1683 14.30 -33.86 14.68
N CYS D 1684 14.25 -34.03 16.00
CA CYS D 1684 15.44 -33.91 16.84
C CYS D 1684 16.08 -35.28 17.00
N GLN D 1685 17.35 -35.38 16.58
CA GLN D 1685 18.16 -36.57 16.76
C GLN D 1685 19.33 -36.23 17.68
N PHE D 1686 19.30 -36.76 18.90
CA PHE D 1686 20.30 -36.45 19.91
C PHE D 1686 20.69 -37.72 20.63
N THR D 1687 21.63 -37.58 21.57
CA THR D 1687 22.08 -38.67 22.40
C THR D 1687 21.87 -38.34 23.87
N CYS D 1688 21.63 -39.36 24.68
CA CYS D 1688 21.41 -39.18 26.11
C CYS D 1688 21.84 -40.43 26.85
N MET D 1689 22.51 -40.23 27.98
CA MET D 1689 23.01 -41.30 28.86
C MET D 1689 23.63 -42.45 28.09
N GLU D 1690 24.38 -42.11 27.03
CA GLU D 1690 25.09 -43.02 26.14
C GLU D 1690 24.15 -43.77 25.20
N LYS D 1691 22.88 -43.39 25.14
CA LYS D 1691 21.94 -43.92 24.17
C LYS D 1691 21.62 -42.84 23.14
N THR D 1692 20.70 -43.16 22.24
CA THR D 1692 20.22 -42.22 21.22
C THR D 1692 18.71 -42.16 21.29
N ILE D 1693 18.16 -40.95 21.43
CA ILE D 1693 16.73 -40.74 21.58
C ILE D 1693 16.29 -39.64 20.62
N LYS D 1694 15.05 -39.74 20.14
CA LYS D 1694 14.44 -38.73 19.30
C LYS D 1694 13.26 -38.11 20.03
N VAL D 1695 13.18 -36.78 20.04
CA VAL D 1695 12.17 -36.07 20.81
C VAL D 1695 11.54 -35.00 19.91
N TYR D 1696 10.33 -34.59 20.30
CA TYR D 1696 9.58 -33.57 19.57
C TYR D 1696 8.97 -32.59 20.57
N GLY D 1697 8.72 -31.37 20.10
CA GLY D 1697 8.21 -30.34 20.98
C GLY D 1697 7.32 -29.30 20.32
N PHE D 1698 6.26 -28.91 21.02
CA PHE D 1698 5.32 -27.93 20.50
C PHE D 1698 5.95 -26.54 20.41
N GLY D 1699 5.63 -25.82 19.35
CA GLY D 1699 6.19 -24.50 19.14
C GLY D 1699 5.43 -23.71 18.10
N SER D 1700 6.09 -22.67 17.58
CA SER D 1700 5.47 -21.76 16.62
C SER D 1700 6.20 -21.62 15.29
N ASN D 1701 7.53 -21.55 15.26
CA ASN D 1701 8.27 -21.34 14.03
C ASN D 1701 9.43 -22.32 13.96
N LYS D 1702 10.09 -22.33 12.79
CA LYS D 1702 11.16 -23.28 12.52
C LYS D 1702 12.23 -23.26 13.62
N ASP D 1703 12.88 -22.11 13.80
CA ASP D 1703 13.92 -21.99 14.81
C ASP D 1703 13.36 -22.16 16.21
N GLN D 1704 12.13 -21.71 16.46
CA GLN D 1704 11.54 -21.94 17.76
C GLN D 1704 11.04 -23.37 17.90
N ALA D 1705 10.78 -24.07 16.79
CA ALA D 1705 10.57 -25.51 16.88
C ALA D 1705 11.85 -26.22 17.31
N LYS D 1706 12.98 -25.81 16.75
CA LYS D 1706 14.27 -26.32 17.23
C LYS D 1706 14.48 -25.96 18.68
N LEU D 1707 14.01 -24.78 19.10
CA LEU D 1707 14.09 -24.38 20.49
C LEU D 1707 13.27 -25.29 21.39
N SER D 1708 12.06 -25.66 20.94
CA SER D 1708 11.24 -26.59 21.70
C SER D 1708 11.89 -27.96 21.80
N ALA D 1709 12.50 -28.43 20.69
CA ALA D 1709 13.25 -29.67 20.74
C ALA D 1709 14.40 -29.59 21.73
N ALA D 1710 15.10 -28.46 21.75
CA ALA D 1710 16.18 -28.27 22.72
C ALA D 1710 15.65 -28.25 24.14
N LYS D 1711 14.50 -27.63 24.37
CA LYS D 1711 13.90 -27.61 25.70
C LYS D 1711 13.56 -29.01 26.18
N HIS D 1712 12.96 -29.82 25.31
CA HIS D 1712 12.62 -31.19 25.73
C HIS D 1712 13.87 -32.05 25.87
N ALA D 1713 14.91 -31.80 25.06
CA ALA D 1713 16.18 -32.49 25.27
C ALA D 1713 16.76 -32.14 26.63
N LEU D 1714 16.71 -30.86 27.01
CA LEU D 1714 17.16 -30.45 28.33
C LEU D 1714 16.32 -31.10 29.43
N GLN D 1715 15.01 -31.21 29.22
CA GLN D 1715 14.16 -31.86 30.21
C GLN D 1715 14.53 -33.33 30.38
N GLN D 1716 14.76 -34.04 29.27
CA GLN D 1716 15.17 -35.43 29.36
C GLN D 1716 16.53 -35.56 30.05
N LEU D 1717 17.48 -34.68 29.73
CA LEU D 1717 18.79 -34.76 30.36
C LEU D 1717 18.71 -34.47 31.85
N SER D 1718 17.89 -33.49 32.25
CA SER D 1718 17.74 -33.18 33.66
C SER D 1718 17.06 -34.32 34.41
N LYS D 1719 16.02 -34.91 33.82
CA LYS D 1719 15.34 -36.03 34.47
C LYS D 1719 16.24 -37.23 34.60
N CYS D 1720 17.04 -37.53 33.57
CA CYS D 1720 18.02 -38.60 33.69
C CYS D 1720 19.06 -38.28 34.75
N ASP D 1721 19.49 -37.02 34.81
CA ASP D 1721 20.38 -36.59 35.90
C ASP D 1721 19.69 -36.74 37.24
N ALA D 1722 18.41 -36.39 37.32
CA ALA D 1722 17.64 -36.54 38.55
C ALA D 1722 17.33 -38.00 38.81
N GLU E 2 -67.65 24.59 -41.51
CA GLU E 2 -66.60 25.40 -42.12
C GLU E 2 -66.95 25.76 -43.56
N ASP E 3 -66.42 24.99 -44.50
CA ASP E 3 -66.62 25.24 -45.92
C ASP E 3 -66.22 23.98 -46.69
N VAL E 4 -66.18 24.09 -48.02
CA VAL E 4 -65.79 22.99 -48.88
C VAL E 4 -64.35 23.09 -49.35
N GLU E 5 -63.66 24.19 -49.03
CA GLU E 5 -62.27 24.43 -49.45
C GLU E 5 -61.27 23.50 -48.75
N ILE E 6 -61.72 22.53 -47.96
CA ILE E 6 -60.83 21.58 -47.31
C ILE E 6 -60.44 20.50 -48.31
N LYS E 7 -59.32 20.72 -49.02
CA LYS E 7 -58.89 19.88 -50.13
C LYS E 7 -57.78 18.95 -49.70
N PRO E 8 -57.88 17.66 -49.99
CA PRO E 8 -56.81 16.72 -49.62
C PRO E 8 -55.56 16.94 -50.48
N ARG E 9 -54.43 17.14 -49.81
CA ARG E 9 -53.16 17.30 -50.51
C ARG E 9 -52.83 16.05 -51.31
N GLY E 10 -51.82 16.19 -52.17
CA GLY E 10 -51.37 15.06 -52.98
C GLY E 10 -51.00 13.84 -52.14
N TYR E 11 -50.49 14.07 -50.94
CA TYR E 11 -50.21 12.95 -50.05
C TYR E 11 -51.46 12.48 -49.32
N GLN E 12 -52.22 13.43 -48.75
CA GLN E 12 -53.33 13.08 -47.88
C GLN E 12 -54.30 12.10 -48.55
N LEU E 13 -54.54 12.28 -49.84
CA LEU E 13 -55.48 11.41 -50.54
C LEU E 13 -55.00 9.97 -50.60
N ARG E 14 -53.73 9.75 -50.96
CA ARG E 14 -53.24 8.38 -51.02
C ARG E 14 -53.07 7.80 -49.62
N LEU E 15 -52.73 8.62 -48.63
CA LEU E 15 -52.67 8.11 -47.26
C LEU E 15 -54.04 7.64 -46.77
N VAL E 16 -55.10 8.41 -46.99
CA VAL E 16 -56.42 7.96 -46.55
C VAL E 16 -56.86 6.76 -47.37
N ASP E 17 -56.54 6.75 -48.67
CA ASP E 17 -56.89 5.59 -49.50
C ASP E 17 -56.21 4.32 -49.00
N HIS E 18 -54.93 4.42 -48.62
CA HIS E 18 -54.23 3.27 -48.05
C HIS E 18 -54.80 2.87 -46.71
N LEU E 19 -55.13 3.85 -45.86
CA LEU E 19 -55.66 3.54 -44.54
C LEU E 19 -57.01 2.85 -44.63
N THR E 20 -57.78 3.13 -45.70
CA THR E 20 -59.02 2.40 -45.91
C THR E 20 -58.77 0.91 -46.09
N LYS E 21 -57.62 0.54 -46.68
CA LYS E 21 -57.32 -0.87 -46.91
C LYS E 21 -57.11 -1.62 -45.60
N SER E 22 -56.26 -1.09 -44.73
CA SER E 22 -55.91 -1.79 -43.50
C SER E 22 -55.40 -0.77 -42.48
N ASN E 23 -55.13 -1.25 -41.28
CA ASN E 23 -54.62 -0.39 -40.22
C ASN E 23 -53.21 0.08 -40.53
N GLY E 24 -52.95 1.35 -40.28
CA GLY E 24 -51.63 1.91 -40.51
C GLY E 24 -51.43 3.17 -39.70
N ILE E 25 -50.17 3.59 -39.61
CA ILE E 25 -49.80 4.81 -38.90
C ILE E 25 -49.17 5.77 -39.90
N VAL E 26 -49.73 6.97 -39.97
CA VAL E 26 -49.21 8.00 -40.86
C VAL E 26 -48.25 8.88 -40.08
N TYR E 27 -47.06 9.09 -40.64
CA TYR E 27 -46.00 9.85 -39.97
C TYR E 27 -45.55 10.96 -40.91
N LEU E 28 -46.05 12.17 -40.69
CA LEU E 28 -45.72 13.32 -41.50
C LEU E 28 -45.27 14.47 -40.62
N PRO E 29 -44.41 15.35 -41.13
CA PRO E 29 -44.07 16.56 -40.37
C PRO E 29 -45.29 17.47 -40.21
N THR E 30 -45.25 18.29 -39.17
CA THR E 30 -46.37 19.16 -38.85
C THR E 30 -46.67 20.12 -40.00
N GLY E 31 -47.89 20.67 -39.98
CA GLY E 31 -48.35 21.55 -41.03
C GLY E 31 -48.97 20.85 -42.22
N SER E 32 -49.14 19.53 -42.18
CA SER E 32 -49.68 18.77 -43.29
C SER E 32 -51.19 18.55 -43.19
N GLY E 33 -51.85 19.16 -42.21
CA GLY E 33 -53.27 18.95 -42.02
C GLY E 33 -53.58 17.52 -41.63
N LYS E 34 -52.81 16.99 -40.67
CA LYS E 34 -52.95 15.58 -40.30
C LYS E 34 -54.32 15.31 -39.69
N THR E 35 -54.83 16.22 -38.87
CA THR E 35 -56.20 16.08 -38.39
C THR E 35 -57.19 16.09 -39.55
N PHE E 36 -56.88 16.81 -40.62
CA PHE E 36 -57.78 16.88 -41.77
C PHE E 36 -57.79 15.55 -42.54
N VAL E 37 -56.63 14.93 -42.70
CA VAL E 37 -56.62 13.61 -43.33
C VAL E 37 -57.28 12.58 -42.41
N ALA E 38 -57.19 12.78 -41.09
CA ALA E 38 -57.99 11.95 -40.19
C ALA E 38 -59.49 12.16 -40.42
N ILE E 39 -59.89 13.40 -40.69
CA ILE E 39 -61.27 13.68 -41.06
C ILE E 39 -61.66 12.91 -42.31
N LEU E 40 -60.76 12.86 -43.29
CA LEU E 40 -61.02 12.04 -44.48
C LEU E 40 -61.15 10.57 -44.12
N VAL E 41 -60.31 10.08 -43.21
CA VAL E 41 -60.42 8.68 -42.78
C VAL E 41 -61.79 8.41 -42.17
N LEU E 42 -62.27 9.34 -41.35
CA LEU E 42 -63.64 9.24 -40.83
C LEU E 42 -64.66 9.26 -41.96
N LYS E 43 -64.44 10.13 -42.95
CA LYS E 43 -65.39 10.27 -44.05
C LYS E 43 -65.53 8.97 -44.83
N ARG E 44 -64.41 8.30 -45.11
CA ARG E 44 -64.47 7.04 -45.84
C ARG E 44 -65.15 5.95 -45.03
N PHE E 45 -65.23 6.11 -43.71
CA PHE E 45 -65.84 5.13 -42.83
C PHE E 45 -67.03 5.69 -42.07
N SER E 46 -67.59 6.81 -42.53
CA SER E 46 -68.74 7.43 -41.91
C SER E 46 -70.07 6.82 -42.36
N GLN E 47 -70.04 5.62 -42.92
CA GLN E 47 -71.27 4.99 -43.38
C GLN E 47 -72.21 4.70 -42.22
N ASP E 48 -71.68 4.22 -41.11
CA ASP E 48 -72.47 3.80 -39.97
C ASP E 48 -72.62 4.90 -38.91
N PHE E 49 -72.10 6.09 -39.17
CA PHE E 49 -72.19 7.16 -38.18
C PHE E 49 -73.64 7.53 -37.86
N ASP E 50 -74.43 7.78 -38.91
CA ASP E 50 -75.81 8.21 -38.71
C ASP E 50 -76.64 7.12 -38.02
N LYS E 51 -76.46 5.87 -38.43
CA LYS E 51 -77.24 4.78 -37.87
C LYS E 51 -76.82 4.52 -36.42
N PRO E 52 -77.77 4.35 -35.51
CA PRO E 52 -77.42 3.98 -34.13
C PRO E 52 -76.88 2.55 -34.06
N ILE E 53 -76.28 2.24 -32.91
CA ILE E 53 -75.68 0.93 -32.72
C ILE E 53 -76.73 -0.17 -32.84
N GLU E 54 -77.90 0.02 -32.23
CA GLU E 54 -78.95 -0.99 -32.29
C GLU E 54 -79.45 -1.22 -33.71
N SER E 55 -79.26 -0.26 -34.61
CA SER E 55 -79.64 -0.39 -36.01
C SER E 55 -78.45 -0.79 -36.89
N GLY E 56 -77.39 -1.34 -36.30
CA GLY E 56 -76.22 -1.74 -37.05
C GLY E 56 -75.21 -0.64 -37.30
N GLY E 57 -75.46 0.58 -36.82
CA GLY E 57 -74.51 1.66 -37.01
C GLY E 57 -73.39 1.64 -36.00
N LYS E 58 -72.44 2.56 -36.19
CA LYS E 58 -71.25 2.65 -35.35
C LYS E 58 -70.91 4.13 -35.15
N ARG E 59 -69.79 4.37 -34.46
CA ARG E 59 -69.29 5.72 -34.21
C ARG E 59 -67.76 5.68 -34.35
N ALA E 60 -67.11 6.75 -33.88
CA ALA E 60 -65.67 6.86 -33.98
C ALA E 60 -65.11 7.45 -32.68
N LEU E 61 -63.84 7.15 -32.42
CA LEU E 61 -63.12 7.70 -31.28
C LEU E 61 -61.81 8.30 -31.78
N PHE E 62 -61.85 9.56 -32.19
CA PHE E 62 -60.62 10.31 -32.41
C PHE E 62 -60.08 10.73 -31.05
N MET E 63 -58.82 10.42 -30.80
CA MET E 63 -58.29 10.53 -29.45
C MET E 63 -57.54 11.85 -29.26
N CYS E 64 -57.32 12.18 -27.98
CA CYS E 64 -56.52 13.33 -27.58
C CYS E 64 -55.97 13.06 -26.19
N ASN E 65 -54.89 13.78 -25.84
CA ASN E 65 -54.30 13.66 -24.51
C ASN E 65 -54.42 14.92 -23.68
N THR E 66 -54.89 16.03 -24.25
CA THR E 66 -55.02 17.28 -23.53
C THR E 66 -56.44 17.79 -23.68
N VAL E 67 -56.95 18.40 -22.60
CA VAL E 67 -58.33 18.87 -22.59
C VAL E 67 -58.55 19.92 -23.67
N GLU E 68 -57.67 20.92 -23.73
CA GLU E 68 -57.84 21.96 -24.73
C GLU E 68 -57.43 21.50 -26.12
N LEU E 69 -56.49 20.56 -26.22
CA LEU E 69 -56.27 19.88 -27.50
C LEU E 69 -57.55 19.19 -27.97
N ALA E 70 -58.22 18.49 -27.06
CA ALA E 70 -59.47 17.82 -27.41
C ALA E 70 -60.52 18.82 -27.84
N ARG E 71 -60.62 19.94 -27.13
CA ARG E 71 -61.60 20.96 -27.49
C ARG E 71 -61.30 21.58 -28.85
N GLN E 72 -60.03 21.85 -29.14
CA GLN E 72 -59.66 22.42 -30.45
C GLN E 72 -59.97 21.44 -31.57
N GLN E 73 -59.63 20.15 -31.38
CA GLN E 73 -59.98 19.16 -32.39
C GLN E 73 -61.49 19.02 -32.52
N ALA E 74 -62.22 19.19 -31.41
CA ALA E 74 -63.68 19.16 -31.48
C ALA E 74 -64.22 20.29 -32.34
N MET E 75 -63.69 21.51 -32.17
CA MET E 75 -64.09 22.60 -33.05
C MET E 75 -63.73 22.31 -34.50
N ALA E 76 -62.53 21.76 -34.73
CA ALA E 76 -62.09 21.48 -36.09
C ALA E 76 -63.02 20.49 -36.78
N VAL E 77 -63.35 19.38 -36.09
CA VAL E 77 -64.25 18.39 -36.68
C VAL E 77 -65.67 18.93 -36.77
N ARG E 78 -66.09 19.78 -35.84
CA ARG E 78 -67.42 20.37 -35.89
C ARG E 78 -67.60 21.23 -37.12
N ARG E 79 -66.60 22.07 -37.42
CA ARG E 79 -66.70 22.92 -38.60
C ARG E 79 -66.48 22.13 -39.88
N CYS E 80 -65.52 21.20 -39.89
CA CYS E 80 -65.21 20.46 -41.12
C CYS E 80 -66.34 19.50 -41.50
N THR E 81 -66.90 18.79 -40.52
CA THR E 81 -67.87 17.74 -40.79
C THR E 81 -69.28 18.20 -40.47
N ASN E 82 -70.25 17.39 -40.88
CA ASN E 82 -71.66 17.62 -40.61
C ASN E 82 -72.22 16.64 -39.58
N PHE E 83 -71.38 15.92 -38.86
CA PHE E 83 -71.81 15.02 -37.81
C PHE E 83 -71.74 15.72 -36.47
N LYS E 84 -72.72 15.46 -35.61
CA LYS E 84 -72.74 16.05 -34.28
C LYS E 84 -71.56 15.53 -33.47
N VAL E 85 -70.75 16.45 -32.96
CA VAL E 85 -69.48 16.11 -32.33
C VAL E 85 -69.69 15.96 -30.83
N GLY E 86 -69.22 14.85 -30.28
CA GLY E 86 -69.30 14.60 -28.86
C GLY E 86 -68.04 15.02 -28.12
N PHE E 87 -68.16 16.01 -27.25
CA PHE E 87 -67.04 16.48 -26.45
C PHE E 87 -67.22 16.01 -25.02
N TYR E 88 -66.33 15.14 -24.56
CA TYR E 88 -66.41 14.57 -23.22
C TYR E 88 -65.02 14.56 -22.59
N VAL E 89 -64.87 15.31 -21.51
CA VAL E 89 -63.66 15.29 -20.70
C VAL E 89 -64.07 15.14 -19.24
N GLY E 90 -63.10 14.77 -18.41
CA GLY E 90 -63.41 14.47 -17.01
C GLY E 90 -64.00 15.66 -16.28
N GLU E 91 -63.43 16.84 -16.48
CA GLU E 91 -63.92 18.04 -15.79
C GLU E 91 -65.26 18.51 -16.35
N GLN E 92 -65.63 18.09 -17.56
CA GLN E 92 -66.90 18.50 -18.14
C GLN E 92 -68.10 17.95 -17.37
N GLY E 93 -67.91 16.89 -16.58
CA GLY E 93 -68.98 16.35 -15.79
C GLY E 93 -69.60 15.08 -16.36
N VAL E 94 -68.79 14.29 -17.07
CA VAL E 94 -69.27 13.09 -17.75
C VAL E 94 -69.46 11.95 -16.75
N ASP E 95 -69.16 12.20 -15.48
CA ASP E 95 -69.16 11.16 -14.46
C ASP E 95 -70.49 11.05 -13.72
N ASP E 96 -71.60 11.46 -14.34
CA ASP E 96 -72.91 11.38 -13.68
C ASP E 96 -73.98 10.88 -14.63
N TRP E 97 -73.63 9.92 -15.49
CA TRP E 97 -74.60 9.33 -16.40
C TRP E 97 -74.37 7.83 -16.51
N THR E 98 -75.46 7.07 -16.53
CA THR E 98 -75.41 5.62 -16.64
C THR E 98 -75.55 5.21 -18.10
N ARG E 99 -75.80 3.91 -18.34
CA ARG E 99 -75.85 3.39 -19.70
C ARG E 99 -76.91 4.08 -20.54
N GLY E 100 -78.12 4.25 -20.00
CA GLY E 100 -79.16 4.94 -20.74
C GLY E 100 -78.80 6.37 -21.04
N MET E 101 -78.31 7.09 -20.04
CA MET E 101 -77.79 8.45 -20.24
C MET E 101 -76.38 8.45 -20.82
N TRP E 102 -75.89 7.30 -21.29
CA TRP E 102 -74.82 7.23 -22.27
C TRP E 102 -75.28 6.69 -23.61
N SER E 103 -76.35 5.89 -23.62
CA SER E 103 -76.98 5.52 -24.89
C SER E 103 -77.53 6.75 -25.60
N ASP E 104 -78.04 7.72 -24.84
CA ASP E 104 -78.49 8.96 -25.47
C ASP E 104 -77.32 9.71 -26.10
N GLU E 105 -76.17 9.75 -25.42
CA GLU E 105 -74.98 10.37 -25.99
C GLU E 105 -74.54 9.64 -27.25
N ILE E 106 -74.61 8.31 -27.24
CA ILE E 106 -74.25 7.52 -28.41
C ILE E 106 -75.17 7.86 -29.58
N LYS E 107 -76.48 7.89 -29.33
CA LYS E 107 -77.43 8.11 -30.41
C LYS E 107 -77.49 9.55 -30.87
N LYS E 108 -77.02 10.50 -30.07
CA LYS E 108 -77.03 11.90 -30.47
C LYS E 108 -75.76 12.32 -31.20
N ASN E 109 -74.62 11.71 -30.88
CA ASN E 109 -73.34 12.07 -31.45
C ASN E 109 -72.89 10.99 -32.43
N GLN E 110 -72.47 11.42 -33.62
CA GLN E 110 -72.00 10.50 -34.65
C GLN E 110 -70.48 10.34 -34.62
N VAL E 111 -69.75 11.44 -34.47
CA VAL E 111 -68.31 11.42 -34.28
C VAL E 111 -68.02 11.85 -32.85
N LEU E 112 -67.19 11.09 -32.15
CA LEU E 112 -66.96 11.28 -30.72
C LEU E 112 -65.47 11.46 -30.45
N VAL E 113 -65.16 12.45 -29.61
CA VAL E 113 -63.80 12.73 -29.17
C VAL E 113 -63.80 12.94 -27.67
N GLY E 114 -62.61 12.88 -27.08
CA GLY E 114 -62.51 13.10 -25.65
C GLY E 114 -61.15 12.68 -25.13
N THR E 115 -61.01 12.79 -23.81
CA THR E 115 -59.79 12.37 -23.15
C THR E 115 -59.70 10.85 -23.09
N ALA E 116 -58.48 10.35 -22.88
CA ALA E 116 -58.24 8.92 -22.88
C ALA E 116 -58.94 8.22 -21.71
N GLN E 117 -58.87 8.82 -20.52
CA GLN E 117 -59.45 8.17 -19.34
C GLN E 117 -60.96 8.09 -19.44
N VAL E 118 -61.61 9.09 -20.01
CA VAL E 118 -63.07 9.07 -20.15
C VAL E 118 -63.50 7.91 -21.03
N PHE E 119 -62.87 7.77 -22.21
CA PHE E 119 -63.20 6.67 -23.10
C PHE E 119 -62.86 5.32 -22.50
N LEU E 120 -61.74 5.25 -21.76
CA LEU E 120 -61.38 4.00 -21.10
C LEU E 120 -62.43 3.59 -20.08
N ASP E 121 -62.90 4.55 -19.28
CA ASP E 121 -63.96 4.26 -18.31
C ASP E 121 -65.25 3.88 -19.01
N MET E 122 -65.55 4.49 -20.16
CA MET E 122 -66.71 4.08 -20.94
C MET E 122 -66.60 2.63 -21.38
N VAL E 123 -65.41 2.23 -21.85
CA VAL E 123 -65.19 0.86 -22.30
C VAL E 123 -65.32 -0.12 -21.14
N THR E 124 -64.72 0.21 -19.99
CA THR E 124 -64.73 -0.72 -18.86
C THR E 124 -66.14 -1.02 -18.38
N GLN E 125 -66.99 0.00 -18.28
CA GLN E 125 -68.36 -0.17 -17.81
C GLN E 125 -69.33 -0.50 -18.95
N THR E 126 -68.82 -0.98 -20.08
CA THR E 126 -69.61 -1.46 -21.21
C THR E 126 -70.59 -0.42 -21.74
N TYR E 127 -70.35 0.86 -21.49
CA TYR E 127 -71.19 1.89 -22.09
C TYR E 127 -71.03 1.94 -23.61
N VAL E 128 -69.93 1.40 -24.15
CA VAL E 128 -69.72 1.30 -25.59
C VAL E 128 -69.26 -0.11 -25.90
N ALA E 129 -69.40 -0.48 -27.17
CA ALA E 129 -68.95 -1.77 -27.67
C ALA E 129 -67.80 -1.56 -28.64
N LEU E 130 -66.80 -2.42 -28.55
CA LEU E 130 -65.62 -2.28 -29.40
C LEU E 130 -65.98 -2.39 -30.88
N SER E 131 -66.81 -3.38 -31.23
CA SER E 131 -67.24 -3.56 -32.61
C SER E 131 -68.22 -2.48 -33.06
N SER E 132 -68.73 -1.68 -32.13
CA SER E 132 -69.67 -0.61 -32.43
C SER E 132 -68.99 0.68 -32.89
N LEU E 133 -67.74 0.60 -33.33
CA LEU E 133 -66.99 1.79 -33.75
C LEU E 133 -66.60 1.64 -35.22
N SER E 134 -66.93 2.65 -36.02
CA SER E 134 -66.60 2.62 -37.44
C SER E 134 -65.08 2.63 -37.66
N VAL E 135 -64.38 3.51 -36.96
CA VAL E 135 -62.94 3.66 -37.11
C VAL E 135 -62.42 4.42 -35.91
N VAL E 136 -61.23 4.05 -35.45
CA VAL E 136 -60.60 4.65 -34.29
C VAL E 136 -59.31 5.32 -34.73
N ILE E 137 -59.15 6.59 -34.38
CA ILE E 137 -58.00 7.39 -34.79
C ILE E 137 -57.24 7.83 -33.55
N ILE E 138 -55.92 7.66 -33.58
CA ILE E 138 -55.05 8.00 -32.46
C ILE E 138 -54.08 9.08 -32.94
N ASP E 139 -54.08 10.21 -32.24
CA ASP E 139 -53.17 11.30 -32.57
C ASP E 139 -51.97 11.29 -31.63
N GLU E 140 -50.90 11.97 -32.06
CA GLU E 140 -49.66 12.13 -31.31
C GLU E 140 -49.28 10.83 -30.61
N CYS E 141 -49.34 9.73 -31.36
CA CYS E 141 -49.22 8.37 -30.84
C CYS E 141 -47.83 8.05 -30.31
N HIS E 142 -46.90 9.01 -30.24
CA HIS E 142 -45.59 8.77 -29.67
C HIS E 142 -45.63 8.61 -28.15
N HIS E 143 -46.76 8.90 -27.52
CA HIS E 143 -46.91 8.74 -26.08
C HIS E 143 -47.47 7.38 -25.69
N GLY E 144 -47.60 6.46 -26.63
CA GLY E 144 -48.14 5.14 -26.33
C GLY E 144 -47.10 4.20 -25.76
N THR E 145 -46.73 4.41 -24.50
CA THR E 145 -45.72 3.59 -23.86
C THR E 145 -46.04 3.43 -22.38
N GLY E 146 -45.52 2.36 -21.78
CA GLY E 146 -45.69 2.14 -20.36
C GLY E 146 -47.14 2.02 -19.97
N HIS E 147 -47.53 2.77 -18.95
CA HIS E 147 -48.90 2.76 -18.45
C HIS E 147 -49.75 3.88 -19.04
N HIS E 148 -49.27 4.55 -20.07
CA HIS E 148 -50.04 5.63 -20.69
C HIS E 148 -51.32 5.05 -21.28
N PRO E 149 -52.43 5.79 -21.21
CA PRO E 149 -53.73 5.19 -21.60
C PRO E 149 -53.85 4.82 -23.07
N PHE E 150 -52.86 5.12 -23.92
CA PHE E 150 -52.92 4.67 -25.30
C PHE E 150 -52.87 3.15 -25.40
N ARG E 151 -51.76 2.55 -24.97
CA ARG E 151 -51.68 1.10 -25.00
C ARG E 151 -52.57 0.47 -23.93
N GLU E 152 -52.94 1.20 -22.89
CA GLU E 152 -53.95 0.72 -21.96
C GLU E 152 -55.29 0.54 -22.67
N PHE E 153 -55.66 1.51 -23.51
CA PHE E 153 -56.86 1.37 -24.34
C PHE E 153 -56.72 0.22 -25.33
N MET E 154 -55.57 0.11 -25.99
CA MET E 154 -55.43 -0.87 -27.05
C MET E 154 -55.22 -2.29 -26.53
N ARG E 155 -54.88 -2.46 -25.26
CA ARG E 155 -54.86 -3.79 -24.67
C ARG E 155 -56.26 -4.38 -24.54
N LEU E 156 -57.30 -3.54 -24.55
CA LEU E 156 -58.66 -4.04 -24.57
C LEU E 156 -58.94 -4.85 -25.83
N PHE E 157 -58.24 -4.53 -26.92
CA PHE E 157 -58.55 -5.15 -28.21
C PHE E 157 -58.27 -6.64 -28.18
N THR E 158 -57.18 -7.06 -27.53
CA THR E 158 -56.86 -8.48 -27.46
C THR E 158 -57.84 -9.24 -26.57
N ILE E 159 -58.11 -8.72 -25.38
CA ILE E 159 -58.98 -9.44 -24.45
C ILE E 159 -60.42 -9.47 -24.96
N ALA E 160 -60.88 -8.39 -25.58
CA ALA E 160 -62.22 -8.35 -26.17
C ALA E 160 -62.20 -9.12 -27.49
N ASN E 161 -63.30 -9.00 -28.24
CA ASN E 161 -63.39 -9.70 -29.52
C ASN E 161 -62.29 -9.23 -30.47
N GLN E 162 -61.55 -10.18 -31.02
CA GLN E 162 -60.45 -9.88 -31.94
C GLN E 162 -60.90 -9.76 -33.38
N THR E 163 -62.13 -10.14 -33.70
CA THR E 163 -62.70 -10.01 -35.03
C THR E 163 -63.67 -8.84 -35.05
N LYS E 164 -64.16 -8.54 -36.26
CA LYS E 164 -65.08 -7.43 -36.55
C LYS E 164 -64.70 -6.17 -35.77
N LEU E 165 -63.39 -5.94 -35.64
CA LEU E 165 -62.63 -4.96 -34.87
C LEU E 165 -62.55 -3.63 -35.63
N PRO E 166 -62.77 -2.52 -34.94
CA PRO E 166 -62.70 -1.22 -35.61
C PRO E 166 -61.30 -0.91 -36.12
N ARG E 167 -61.26 -0.16 -37.22
CA ARG E 167 -59.98 0.25 -37.79
C ARG E 167 -59.22 1.13 -36.82
N VAL E 168 -57.91 0.90 -36.72
CA VAL E 168 -57.03 1.71 -35.88
C VAL E 168 -56.02 2.40 -36.79
N VAL E 169 -55.74 3.67 -36.46
CA VAL E 169 -54.78 4.46 -37.22
C VAL E 169 -54.05 5.38 -36.25
N GLY E 170 -52.73 5.44 -36.40
CA GLY E 170 -51.88 6.26 -35.56
C GLY E 170 -51.50 7.54 -36.29
N LEU E 171 -51.62 8.66 -35.57
CA LEU E 171 -51.29 9.97 -36.11
C LEU E 171 -50.23 10.62 -35.22
N THR E 172 -49.18 11.15 -35.84
CA THR E 172 -48.12 11.78 -35.07
C THR E 172 -47.23 12.60 -36.00
N GLY E 173 -46.39 13.42 -35.39
CA GLY E 173 -45.35 14.14 -36.10
C GLY E 173 -43.98 13.69 -35.64
N VAL E 174 -43.94 13.01 -34.50
CA VAL E 174 -42.73 12.43 -33.95
C VAL E 174 -43.06 11.03 -33.45
N LEU E 175 -42.03 10.19 -33.35
CA LEU E 175 -42.22 8.79 -32.99
C LEU E 175 -41.62 8.41 -31.65
N ILE E 176 -40.54 9.03 -31.22
CA ILE E 176 -39.80 8.63 -30.02
C ILE E 176 -39.96 9.73 -28.97
N LYS E 177 -40.36 9.33 -27.77
CA LYS E 177 -40.45 10.21 -26.62
C LYS E 177 -39.35 9.83 -25.63
N GLY E 178 -38.38 10.71 -25.47
CA GLY E 178 -37.27 10.48 -24.55
C GLY E 178 -35.93 10.46 -25.27
N ASN E 179 -34.89 10.19 -24.48
CA ASN E 179 -33.52 10.16 -24.97
C ASN E 179 -33.09 8.79 -25.47
N GLU E 180 -34.05 7.91 -25.77
CA GLU E 180 -33.76 6.56 -26.26
C GLU E 180 -33.89 6.46 -27.77
N ILE E 181 -33.47 7.50 -28.49
CA ILE E 181 -33.64 7.57 -29.93
C ILE E 181 -32.75 6.57 -30.65
N THR E 182 -31.84 5.94 -29.91
CA THR E 182 -30.89 5.01 -30.52
C THR E 182 -31.61 3.80 -31.09
N ASN E 183 -31.13 3.31 -32.23
CA ASN E 183 -31.69 2.15 -32.91
C ASN E 183 -33.19 2.35 -33.19
N VAL E 184 -33.44 3.33 -34.05
CA VAL E 184 -34.81 3.76 -34.34
C VAL E 184 -35.67 2.60 -34.84
N ALA E 185 -35.07 1.65 -35.56
CA ALA E 185 -35.85 0.54 -36.10
C ALA E 185 -36.51 -0.27 -34.99
N THR E 186 -35.73 -0.67 -33.99
CA THR E 186 -36.30 -1.52 -32.94
C THR E 186 -37.31 -0.77 -32.09
N LYS E 187 -37.11 0.53 -31.88
CA LYS E 187 -38.09 1.31 -31.12
C LYS E 187 -39.38 1.53 -31.91
N LEU E 188 -39.26 1.69 -33.23
CA LEU E 188 -40.45 1.72 -34.07
C LEU E 188 -41.14 0.36 -34.14
N LYS E 189 -40.41 -0.72 -33.85
CA LYS E 189 -41.02 -2.05 -33.87
C LYS E 189 -42.13 -2.20 -32.83
N GLU E 190 -41.88 -1.77 -31.58
CA GLU E 190 -42.96 -1.92 -30.60
C GLU E 190 -44.08 -0.93 -30.85
N LEU E 191 -43.78 0.21 -31.49
CA LEU E 191 -44.85 1.09 -31.94
C LEU E 191 -45.73 0.40 -32.97
N GLU E 192 -45.11 -0.29 -33.92
CA GLU E 192 -45.88 -1.05 -34.92
C GLU E 192 -46.73 -2.13 -34.27
N ILE E 193 -46.11 -2.95 -33.41
CA ILE E 193 -46.80 -4.13 -32.90
C ILE E 193 -47.79 -3.78 -31.79
N THR E 194 -47.60 -2.65 -31.10
CA THR E 194 -48.56 -2.24 -30.08
C THR E 194 -49.85 -1.73 -30.71
N TYR E 195 -49.75 -1.08 -31.86
CA TYR E 195 -50.90 -0.49 -32.53
C TYR E 195 -51.42 -1.33 -33.69
N ARG E 196 -50.98 -2.57 -33.80
CA ARG E 196 -51.41 -3.54 -34.82
C ARG E 196 -51.56 -2.90 -36.20
N GLY E 197 -50.63 -2.01 -36.55
CA GLY E 197 -50.66 -1.33 -37.82
C GLY E 197 -49.25 -1.15 -38.34
N ASN E 198 -49.15 -0.58 -39.53
CA ASN E 198 -47.86 -0.36 -40.19
C ASN E 198 -47.67 1.12 -40.48
N ILE E 199 -46.54 1.66 -40.03
CA ILE E 199 -46.23 3.06 -40.25
C ILE E 199 -46.05 3.33 -41.73
N ILE E 200 -46.62 4.45 -42.20
CA ILE E 200 -46.51 4.87 -43.59
C ILE E 200 -46.09 6.32 -43.64
N THR E 201 -45.33 6.68 -44.67
CA THR E 201 -44.75 8.01 -44.79
C THR E 201 -44.59 8.34 -46.27
N VAL E 202 -44.47 9.63 -46.57
CA VAL E 202 -44.24 10.05 -47.96
C VAL E 202 -42.97 9.40 -48.49
N SER E 203 -43.01 8.97 -49.75
CA SER E 203 -41.94 8.13 -50.27
C SER E 203 -41.18 8.73 -51.44
N ASP E 204 -41.88 9.18 -52.49
CA ASP E 204 -41.23 9.62 -53.73
C ASP E 204 -41.13 11.14 -53.74
N THR E 205 -39.97 11.65 -54.14
CA THR E 205 -39.64 13.07 -53.97
C THR E 205 -40.63 13.97 -54.71
N LYS E 206 -40.82 13.72 -56.01
CA LYS E 206 -41.49 14.72 -56.85
C LYS E 206 -42.94 14.94 -56.45
N GLU E 207 -43.74 13.86 -56.35
CA GLU E 207 -45.16 14.01 -56.03
C GLU E 207 -45.39 14.25 -54.54
N MET E 208 -44.59 13.62 -53.68
CA MET E 208 -44.84 13.69 -52.24
C MET E 208 -44.06 14.82 -51.55
N GLU E 209 -42.73 14.78 -51.66
CA GLU E 209 -41.88 15.71 -50.92
C GLU E 209 -42.09 17.15 -51.40
N ASN E 210 -42.18 17.34 -52.71
CA ASN E 210 -42.37 18.68 -53.25
C ASN E 210 -43.68 19.29 -52.77
N VAL E 211 -44.74 18.50 -52.73
CA VAL E 211 -46.03 18.99 -52.25
C VAL E 211 -45.94 19.32 -50.76
N MET E 212 -45.34 18.42 -49.97
CA MET E 212 -45.34 18.61 -48.53
C MET E 212 -44.36 19.67 -48.06
N LEU E 213 -43.38 20.06 -48.88
CA LEU E 213 -42.37 21.02 -48.45
C LEU E 213 -42.90 22.43 -48.27
N TYR E 214 -44.20 22.67 -48.44
CA TYR E 214 -44.75 23.98 -48.12
C TYR E 214 -44.62 24.28 -46.63
N ALA E 215 -44.58 23.24 -45.79
CA ALA E 215 -44.24 23.39 -44.38
C ALA E 215 -42.71 23.38 -44.27
N THR E 216 -42.13 24.56 -44.50
CA THR E 216 -40.69 24.67 -44.65
C THR E 216 -39.98 24.43 -43.32
N LYS E 217 -38.70 24.06 -43.42
CA LYS E 217 -37.88 23.81 -42.26
C LYS E 217 -37.50 25.13 -41.58
N PRO E 218 -37.12 25.09 -40.30
CA PRO E 218 -36.63 26.29 -39.64
C PRO E 218 -35.14 26.50 -39.87
N THR E 219 -34.77 27.74 -40.12
CA THR E 219 -33.36 28.10 -40.26
C THR E 219 -32.73 28.18 -38.89
N GLU E 220 -31.74 27.34 -38.63
CA GLU E 220 -31.19 27.14 -37.30
C GLU E 220 -29.91 27.95 -37.12
N VAL E 221 -29.83 28.68 -36.01
CA VAL E 221 -28.63 29.42 -35.61
C VAL E 221 -28.39 29.16 -34.13
N MET E 222 -27.15 29.44 -33.71
CA MET E 222 -26.77 29.27 -32.31
C MET E 222 -25.99 30.51 -31.87
N VAL E 223 -26.17 30.89 -30.61
CA VAL E 223 -25.52 32.07 -30.04
C VAL E 223 -24.89 31.65 -28.72
N SER E 224 -23.56 31.58 -28.69
CA SER E 224 -22.82 31.21 -27.50
C SER E 224 -22.50 32.45 -26.68
N PHE E 225 -22.41 32.26 -25.36
CA PHE E 225 -22.22 33.36 -24.43
C PHE E 225 -21.03 33.06 -23.52
N PRO E 226 -20.36 34.11 -23.01
CA PRO E 226 -19.28 33.89 -22.05
C PRO E 226 -19.80 33.24 -20.78
N HIS E 227 -18.95 32.43 -20.17
CA HIS E 227 -19.32 31.69 -18.97
C HIS E 227 -19.04 32.51 -17.72
N GLN E 228 -20.02 32.56 -16.81
CA GLN E 228 -19.91 33.28 -15.56
C GLN E 228 -19.49 32.31 -14.44
N GLU E 229 -18.74 32.84 -13.47
CA GLU E 229 -18.20 32.01 -12.40
C GLU E 229 -18.35 32.61 -11.01
N GLN E 230 -18.94 33.80 -10.88
CA GLN E 230 -18.99 34.46 -9.57
C GLN E 230 -20.19 35.38 -9.52
N VAL E 231 -20.66 35.64 -8.30
CA VAL E 231 -21.77 36.57 -8.03
C VAL E 231 -21.40 37.42 -6.83
N LEU E 232 -22.27 38.38 -6.50
CA LEU E 232 -22.02 39.28 -5.40
C LEU E 232 -22.22 38.59 -4.05
N THR E 233 -21.77 39.26 -2.98
CA THR E 233 -21.95 38.75 -1.64
C THR E 233 -23.39 38.90 -1.14
N VAL E 234 -24.18 39.76 -1.77
CA VAL E 234 -25.60 39.82 -1.45
C VAL E 234 -26.24 38.45 -1.64
N THR E 235 -25.75 37.68 -2.62
CA THR E 235 -26.20 36.31 -2.77
C THR E 235 -25.85 35.48 -1.53
N ARG E 236 -24.68 35.72 -0.94
CA ARG E 236 -24.32 35.02 0.29
C ARG E 236 -25.25 35.41 1.43
N LEU E 237 -25.61 36.70 1.53
CA LEU E 237 -26.57 37.11 2.54
C LEU E 237 -27.92 36.42 2.35
N ILE E 238 -28.39 36.36 1.10
CA ILE E 238 -29.65 35.70 0.79
C ILE E 238 -29.58 34.24 1.18
N SER E 239 -28.47 33.57 0.83
CA SER E 239 -28.31 32.16 1.15
C SER E 239 -28.31 31.93 2.65
N ALA E 240 -27.62 32.80 3.41
CA ALA E 240 -27.59 32.65 4.87
C ALA E 240 -28.98 32.82 5.47
N GLU E 241 -29.71 33.84 5.01
CA GLU E 241 -31.06 34.07 5.53
C GLU E 241 -31.98 32.90 5.20
N ILE E 242 -31.91 32.40 3.98
CA ILE E 242 -32.76 31.28 3.59
C ILE E 242 -32.34 30.01 4.33
N GLU E 243 -31.05 29.86 4.61
CA GLU E 243 -30.58 28.69 5.35
C GLU E 243 -31.10 28.71 6.78
N LYS E 244 -31.01 29.87 7.45
CA LYS E 244 -31.55 29.93 8.80
C LYS E 244 -33.07 29.77 8.80
N PHE E 245 -33.74 30.25 7.76
CA PHE E 245 -35.18 29.99 7.64
C PHE E 245 -35.46 28.51 7.47
N TYR E 246 -34.64 27.81 6.69
CA TYR E 246 -34.80 26.36 6.51
C TYR E 246 -34.60 25.64 7.84
N VAL E 247 -33.60 26.07 8.61
CA VAL E 247 -33.40 25.50 9.94
C VAL E 247 -34.63 25.75 10.81
N SER E 248 -35.17 26.97 10.77
CA SER E 248 -36.34 27.32 11.55
C SER E 248 -37.59 26.56 11.10
N LEU E 249 -37.61 26.07 9.86
CA LEU E 249 -38.77 25.33 9.35
C LEU E 249 -39.31 24.33 10.37
N ASP E 250 -38.47 23.37 10.76
CA ASP E 250 -38.88 22.41 11.77
C ASP E 250 -39.00 23.05 13.15
N LEU E 251 -38.34 24.18 13.37
CA LEU E 251 -38.52 24.90 14.64
C LEU E 251 -39.94 25.43 14.76
N MET E 252 -40.51 25.94 13.67
CA MET E 252 -41.95 26.21 13.66
C MET E 252 -42.70 24.89 13.58
N ASN E 253 -43.70 24.74 14.45
CA ASN E 253 -44.47 23.50 14.56
C ASN E 253 -45.90 23.80 14.12
N ILE E 254 -46.15 23.67 12.82
CA ILE E 254 -47.49 23.83 12.26
C ILE E 254 -48.32 22.62 12.65
N GLY E 255 -49.63 22.69 12.42
CA GLY E 255 -50.50 21.56 12.68
C GLY E 255 -50.03 20.30 11.96
N VAL E 256 -50.60 19.17 12.38
CA VAL E 256 -50.17 17.88 11.86
C VAL E 256 -50.41 17.81 10.37
N GLN E 257 -49.39 17.36 9.64
CA GLN E 257 -49.44 17.21 8.19
C GLN E 257 -49.37 15.74 7.80
N PRO E 258 -49.97 15.37 6.67
CA PRO E 258 -49.88 13.96 6.23
C PRO E 258 -48.43 13.54 6.00
N ILE E 259 -48.13 12.32 6.39
CA ILE E 259 -46.80 11.75 6.17
C ILE E 259 -46.74 11.15 4.77
N ARG E 260 -45.83 11.65 3.96
CA ARG E 260 -45.62 11.14 2.61
C ARG E 260 -44.19 10.64 2.51
N ARG E 261 -44.00 9.53 1.81
CA ARG E 261 -42.71 8.86 1.74
C ARG E 261 -42.30 8.71 0.28
N SER E 262 -41.13 8.09 0.07
CA SER E 262 -40.61 7.92 -1.28
C SER E 262 -41.53 7.03 -2.10
N LYS E 263 -41.42 7.17 -3.43
CA LYS E 263 -42.30 6.44 -4.34
C LYS E 263 -42.18 4.93 -4.17
N SER E 264 -41.08 4.44 -3.61
CA SER E 264 -40.95 3.03 -3.28
C SER E 264 -41.43 2.71 -1.88
N LEU E 265 -41.96 3.71 -1.16
CA LEU E 265 -42.51 3.51 0.18
C LEU E 265 -41.49 2.91 1.14
N GLN E 266 -40.24 3.34 1.02
CA GLN E 266 -39.18 2.89 1.92
C GLN E 266 -38.29 4.01 2.45
N CYS E 267 -38.35 5.21 1.89
CA CYS E 267 -37.60 6.36 2.38
C CYS E 267 -38.56 7.48 2.73
N LEU E 268 -38.32 8.12 3.88
CA LEU E 268 -39.25 9.10 4.42
C LEU E 268 -39.05 10.47 3.76
N ARG E 269 -40.06 11.33 3.93
CA ARG E 269 -40.05 12.67 3.38
C ARG E 269 -40.67 13.63 4.39
N ASP E 270 -40.29 14.90 4.29
CA ASP E 270 -40.80 15.96 5.15
C ASP E 270 -42.28 16.22 4.88
N PRO E 271 -42.96 16.91 5.81
CA PRO E 271 -44.39 17.20 5.61
C PRO E 271 -44.67 17.95 4.31
N SER E 272 -45.95 17.97 3.93
CA SER E 272 -46.35 18.41 2.60
C SER E 272 -46.10 19.90 2.38
N LYS E 273 -46.77 20.76 3.18
CA LYS E 273 -46.67 22.20 2.93
C LYS E 273 -45.27 22.73 3.24
N LYS E 274 -44.60 22.15 4.24
CA LYS E 274 -43.20 22.47 4.46
C LYS E 274 -42.37 22.17 3.23
N SER E 275 -42.60 21.00 2.62
CA SER E 275 -41.90 20.65 1.39
C SER E 275 -42.23 21.66 0.29
N PHE E 276 -43.49 22.09 0.21
CA PHE E 276 -43.89 23.03 -0.83
C PHE E 276 -43.16 24.37 -0.69
N VAL E 277 -43.10 24.90 0.54
CA VAL E 277 -42.42 26.18 0.72
C VAL E 277 -40.92 26.02 0.48
N LYS E 278 -40.33 24.88 0.86
CA LYS E 278 -38.93 24.65 0.56
C LYS E 278 -38.68 24.60 -0.94
N GLN E 279 -39.58 23.95 -1.69
CA GLN E 279 -39.45 23.94 -3.14
C GLN E 279 -39.54 25.34 -3.71
N LEU E 280 -40.46 26.15 -3.19
CA LEU E 280 -40.58 27.53 -3.67
C LEU E 280 -39.28 28.29 -3.45
N PHE E 281 -38.70 28.18 -2.25
CA PHE E 281 -37.49 28.94 -1.95
C PHE E 281 -36.28 28.40 -2.71
N ASN E 282 -36.20 27.07 -2.90
CA ASN E 282 -35.10 26.52 -3.69
C ASN E 282 -35.21 26.94 -5.15
N ASP E 283 -36.43 26.97 -5.70
CA ASP E 283 -36.63 27.44 -7.06
C ASP E 283 -36.24 28.90 -7.19
N PHE E 284 -36.62 29.72 -6.20
CA PHE E 284 -36.24 31.12 -6.23
C PHE E 284 -34.73 31.29 -6.15
N LEU E 285 -34.07 30.49 -5.31
CA LEU E 285 -32.61 30.55 -5.22
C LEU E 285 -31.96 30.17 -6.54
N TYR E 286 -32.47 29.12 -7.19
CA TYR E 286 -31.92 28.73 -8.49
C TYR E 286 -32.12 29.84 -9.51
N GLN E 287 -33.33 30.44 -9.53
CA GLN E 287 -33.59 31.55 -10.43
C GLN E 287 -32.61 32.69 -10.20
N MET E 288 -32.40 33.06 -8.94
CA MET E 288 -31.44 34.12 -8.63
C MET E 288 -30.05 33.77 -9.14
N LYS E 289 -29.49 32.65 -8.66
CA LYS E 289 -28.11 32.33 -8.96
C LYS E 289 -27.89 32.08 -10.44
N GLU E 290 -28.96 31.73 -11.17
CA GLU E 290 -28.81 31.33 -12.55
C GLU E 290 -29.23 32.41 -13.55
N TYR E 291 -29.95 33.45 -13.11
CA TYR E 291 -30.37 34.51 -14.02
C TYR E 291 -30.16 35.91 -13.45
N GLY E 292 -29.33 36.05 -12.42
CA GLY E 292 -28.89 37.38 -12.02
C GLY E 292 -29.74 38.03 -10.96
N ILE E 293 -29.27 39.20 -10.52
CA ILE E 293 -29.92 39.98 -9.47
C ILE E 293 -31.18 40.67 -9.97
N TYR E 294 -31.14 41.24 -11.18
CA TYR E 294 -32.31 41.95 -11.68
C TYR E 294 -33.49 41.01 -11.85
N ALA E 295 -33.25 39.83 -12.45
CA ALA E 295 -34.31 38.85 -12.56
C ALA E 295 -34.77 38.34 -11.20
N ALA E 296 -33.83 38.22 -10.25
CA ALA E 296 -34.19 37.85 -8.89
C ALA E 296 -35.12 38.85 -8.26
N SER E 297 -35.00 40.13 -8.64
CA SER E 297 -35.92 41.14 -8.13
C SER E 297 -37.36 40.83 -8.54
N ILE E 298 -37.59 40.60 -9.84
CA ILE E 298 -38.93 40.24 -10.30
C ILE E 298 -39.39 38.93 -9.68
N ALA E 299 -38.47 37.98 -9.49
CA ALA E 299 -38.83 36.71 -8.88
C ALA E 299 -39.32 36.91 -7.44
N ILE E 300 -38.62 37.72 -6.67
CA ILE E 300 -39.01 37.96 -5.28
C ILE E 300 -40.29 38.78 -5.23
N ILE E 301 -40.53 39.65 -6.22
CA ILE E 301 -41.81 40.31 -6.32
C ILE E 301 -42.93 39.30 -6.56
N SER E 302 -42.69 38.35 -7.47
CA SER E 302 -43.69 37.34 -7.78
C SER E 302 -43.99 36.47 -6.57
N LEU E 303 -42.97 36.12 -5.78
CA LEU E 303 -43.19 35.28 -4.62
C LEU E 303 -44.22 35.87 -3.65
N ILE E 304 -44.33 37.20 -3.64
CA ILE E 304 -45.19 37.88 -2.66
C ILE E 304 -46.64 37.49 -2.87
N VAL E 305 -47.11 37.51 -4.12
CA VAL E 305 -48.52 37.24 -4.39
C VAL E 305 -48.87 35.79 -4.05
N GLU E 306 -48.00 34.84 -4.43
CA GLU E 306 -48.25 33.45 -4.09
C GLU E 306 -48.27 33.24 -2.58
N PHE E 307 -47.32 33.85 -1.86
CA PHE E 307 -47.32 33.70 -0.41
C PHE E 307 -48.58 34.28 0.22
N ASP E 308 -48.99 35.47 -0.25
CA ASP E 308 -50.19 36.11 0.30
C ASP E 308 -51.42 35.27 0.03
N ILE E 309 -51.60 34.79 -1.20
CA ILE E 309 -52.79 34.01 -1.51
C ILE E 309 -52.77 32.68 -0.77
N LYS E 310 -51.59 32.09 -0.57
CA LYS E 310 -51.50 30.89 0.25
C LYS E 310 -51.95 31.16 1.67
N ARG E 311 -51.56 32.32 2.22
CA ARG E 311 -52.05 32.70 3.54
C ARG E 311 -53.55 32.95 3.54
N ARG E 312 -54.11 33.39 2.40
CA ARG E 312 -55.54 33.64 2.33
C ARG E 312 -56.33 32.34 2.43
N GLN E 313 -55.93 31.32 1.67
CA GLN E 313 -56.57 30.01 1.74
C GLN E 313 -56.01 29.16 2.87
N ALA E 314 -55.06 29.69 3.64
CA ALA E 314 -54.57 28.99 4.82
C ALA E 314 -55.69 28.81 5.83
N GLU E 315 -55.68 27.67 6.52
CA GLU E 315 -56.79 27.29 7.38
C GLU E 315 -56.67 27.84 8.79
N THR E 316 -55.55 27.59 9.47
CA THR E 316 -55.41 27.95 10.88
C THR E 316 -54.15 28.80 11.07
N LEU E 317 -54.01 29.30 12.30
CA LEU E 317 -52.95 30.27 12.59
C LEU E 317 -51.57 29.65 12.47
N SER E 318 -51.45 28.33 12.59
CA SER E 318 -50.14 27.69 12.52
C SER E 318 -49.48 27.91 11.17
N VAL E 319 -50.25 27.79 10.09
CA VAL E 319 -49.71 28.07 8.76
C VAL E 319 -49.80 29.56 8.42
N LYS E 320 -50.71 30.29 9.06
CA LYS E 320 -50.75 31.75 8.88
C LYS E 320 -49.45 32.39 9.33
N LEU E 321 -48.93 31.99 10.49
CA LEU E 321 -47.67 32.53 10.98
C LEU E 321 -46.51 32.10 10.08
N MET E 322 -46.55 30.88 9.55
CA MET E 322 -45.50 30.44 8.64
C MET E 322 -45.47 31.32 7.38
N HIS E 323 -46.64 31.57 6.79
CA HIS E 323 -46.71 32.42 5.60
C HIS E 323 -46.33 33.86 5.93
N ARG E 324 -46.70 34.34 7.11
CA ARG E 324 -46.30 35.68 7.52
C ARG E 324 -44.78 35.80 7.65
N THR E 325 -44.15 34.80 8.27
CA THR E 325 -42.69 34.81 8.39
C THR E 325 -42.03 34.72 7.02
N ALA E 326 -42.58 33.87 6.14
CA ALA E 326 -42.05 33.77 4.78
C ALA E 326 -42.17 35.10 4.05
N LEU E 327 -43.30 35.79 4.21
CA LEU E 327 -43.48 37.08 3.55
C LEU E 327 -42.54 38.13 4.13
N THR E 328 -42.31 38.12 5.44
CA THR E 328 -41.36 39.05 6.03
C THR E 328 -39.95 38.80 5.49
N LEU E 329 -39.55 37.53 5.41
CA LEU E 329 -38.24 37.21 4.84
C LEU E 329 -38.16 37.64 3.37
N CYS E 330 -39.23 37.40 2.62
CA CYS E 330 -39.26 37.78 1.22
C CYS E 330 -39.16 39.29 1.05
N GLU E 331 -39.85 40.04 1.90
CA GLU E 331 -39.81 41.49 1.80
C GLU E 331 -38.45 42.04 2.21
N LYS E 332 -37.82 41.45 3.23
CA LYS E 332 -36.47 41.84 3.59
C LYS E 332 -35.50 41.56 2.45
N ILE E 333 -35.65 40.40 1.80
CA ILE E 333 -34.84 40.08 0.64
C ILE E 333 -35.07 41.09 -0.47
N ARG E 334 -36.33 41.42 -0.74
CA ARG E 334 -36.64 42.38 -1.79
C ARG E 334 -36.02 43.74 -1.50
N HIS E 335 -36.08 44.17 -0.24
CA HIS E 335 -35.50 45.45 0.13
C HIS E 335 -33.98 45.43 -0.03
N LEU E 336 -33.33 44.35 0.39
CA LEU E 336 -31.88 44.25 0.21
C LEU E 336 -31.51 44.28 -1.26
N LEU E 337 -32.27 43.56 -2.09
CA LEU E 337 -31.99 43.53 -3.52
C LEU E 337 -32.23 44.88 -4.17
N VAL E 338 -33.23 45.63 -3.71
CA VAL E 338 -33.44 46.94 -4.33
C VAL E 338 -32.41 47.94 -3.84
N GLN E 339 -31.88 47.76 -2.62
CA GLN E 339 -30.70 48.54 -2.24
C GLN E 339 -29.52 48.23 -3.16
N LYS E 340 -29.32 46.95 -3.47
CA LYS E 340 -28.27 46.59 -4.43
C LYS E 340 -28.54 47.22 -5.79
N LEU E 341 -29.80 47.24 -6.23
CA LEU E 341 -30.16 47.86 -7.49
C LEU E 341 -29.82 49.35 -7.49
N GLN E 342 -30.24 50.06 -6.45
CA GLN E 342 -30.08 51.51 -6.37
C GLN E 342 -28.66 51.93 -6.04
N ASP E 343 -27.81 51.02 -5.59
CA ASP E 343 -26.41 51.37 -5.32
C ASP E 343 -25.75 51.96 -6.55
N MET E 344 -26.06 51.44 -7.73
CA MET E 344 -25.54 51.96 -8.99
C MET E 344 -26.61 52.59 -9.87
N THR E 345 -27.60 53.24 -9.29
CA THR E 345 -28.53 54.06 -10.05
C THR E 345 -28.10 55.52 -10.14
N TYR E 346 -26.86 55.81 -9.73
CA TYR E 346 -26.31 57.16 -9.82
C TYR E 346 -25.10 57.23 -10.75
N ASP E 347 -24.64 56.10 -11.28
CA ASP E 347 -23.54 56.13 -12.23
C ASP E 347 -23.93 56.88 -13.49
N ASP E 348 -25.11 56.59 -14.03
CA ASP E 348 -25.66 57.32 -15.16
C ASP E 348 -27.08 57.77 -14.82
N ASP E 349 -27.39 59.02 -15.18
CA ASP E 349 -28.66 59.64 -14.81
C ASP E 349 -29.75 59.46 -15.86
N ASP E 350 -29.42 58.92 -17.03
CA ASP E 350 -30.41 58.71 -18.08
C ASP E 350 -31.20 57.45 -17.77
N ASP E 351 -32.34 57.64 -17.09
CA ASP E 351 -33.07 56.52 -16.49
C ASP E 351 -33.40 55.44 -17.51
N ASN E 352 -33.60 55.84 -18.78
CA ASN E 352 -33.70 54.86 -19.85
C ASN E 352 -32.45 53.98 -19.91
N VAL E 353 -31.31 54.60 -20.26
CA VAL E 353 -30.07 53.84 -20.34
C VAL E 353 -29.56 53.48 -18.96
N ASN E 354 -29.95 54.23 -17.92
CA ASN E 354 -29.57 53.86 -16.56
C ASN E 354 -30.17 52.52 -16.18
N THR E 355 -31.46 52.33 -16.42
CA THR E 355 -32.08 51.03 -16.14
C THR E 355 -31.56 49.97 -17.08
N GLU E 356 -31.33 50.32 -18.35
CA GLU E 356 -30.69 49.37 -19.26
C GLU E 356 -29.39 48.84 -18.68
N GLU E 357 -28.53 49.74 -18.21
CA GLU E 357 -27.28 49.33 -17.59
C GLU E 357 -27.50 48.62 -16.26
N VAL E 358 -28.64 48.90 -15.60
CA VAL E 358 -28.98 48.15 -14.39
C VAL E 358 -29.16 46.67 -14.70
N ILE E 359 -29.96 46.36 -15.72
CA ILE E 359 -30.06 44.96 -16.16
C ILE E 359 -28.71 44.45 -16.65
N MET E 360 -27.94 45.30 -17.34
CA MET E 360 -26.64 44.86 -17.84
C MET E 360 -25.72 44.43 -16.69
N ASN E 361 -25.70 45.21 -15.61
CA ASN E 361 -24.84 44.91 -14.47
C ASN E 361 -25.37 43.75 -13.65
N PHE E 362 -26.69 43.62 -13.54
CA PHE E 362 -27.31 42.80 -12.51
C PHE E 362 -27.90 41.50 -13.03
N SER E 363 -27.46 41.02 -14.19
CA SER E 363 -27.93 39.76 -14.72
C SER E 363 -26.76 38.94 -15.26
N THR E 364 -26.98 37.63 -15.34
CA THR E 364 -25.95 36.72 -15.83
C THR E 364 -25.64 37.03 -17.30
N PRO E 365 -24.39 36.86 -17.74
CA PRO E 365 -24.01 37.33 -19.08
C PRO E 365 -24.84 36.76 -20.22
N LYS E 366 -25.32 35.52 -20.09
CA LYS E 366 -26.13 34.94 -21.16
C LYS E 366 -27.41 35.74 -21.38
N VAL E 367 -27.96 36.32 -20.31
CA VAL E 367 -29.17 37.14 -20.47
C VAL E 367 -28.86 38.43 -21.23
N GLN E 368 -27.71 39.05 -20.95
CA GLN E 368 -27.33 40.23 -21.72
C GLN E 368 -27.12 39.88 -23.18
N ARG E 369 -26.45 38.74 -23.44
CA ARG E 369 -26.31 38.24 -24.80
C ARG E 369 -27.67 38.07 -25.47
N PHE E 370 -28.62 37.46 -24.75
CA PHE E 370 -29.96 37.24 -25.28
C PHE E 370 -30.68 38.54 -25.58
N LEU E 371 -30.59 39.51 -24.67
CA LEU E 371 -31.28 40.77 -24.85
C LEU E 371 -30.74 41.52 -26.06
N MET E 372 -29.42 41.64 -26.18
CA MET E 372 -28.89 42.36 -27.33
C MET E 372 -29.05 41.57 -28.62
N SER E 373 -29.10 40.24 -28.54
CA SER E 373 -29.42 39.45 -29.72
C SER E 373 -30.84 39.73 -30.20
N LEU E 374 -31.79 39.83 -29.27
CA LEU E 374 -33.14 40.22 -29.65
C LEU E 374 -33.15 41.63 -30.23
N LYS E 375 -32.42 42.56 -29.60
CA LYS E 375 -32.37 43.93 -30.10
C LYS E 375 -31.89 43.98 -31.54
N VAL E 376 -30.80 43.27 -31.85
CA VAL E 376 -30.28 43.30 -33.21
C VAL E 376 -31.20 42.52 -34.16
N SER E 377 -31.86 41.47 -33.68
CA SER E 377 -32.76 40.71 -34.53
C SER E 377 -33.97 41.53 -34.94
N PHE E 378 -34.49 42.35 -34.04
CA PHE E 378 -35.64 43.19 -34.36
C PHE E 378 -35.19 44.52 -34.97
N ALA E 379 -34.41 45.30 -34.23
CA ALA E 379 -33.92 46.60 -34.69
C ALA E 379 -35.08 47.48 -35.18
N ASP E 380 -36.13 47.52 -34.37
CA ASP E 380 -37.32 48.34 -34.63
C ASP E 380 -37.99 47.94 -35.95
N LYS E 381 -38.43 46.68 -36.01
CA LYS E 381 -39.28 46.23 -37.10
C LYS E 381 -40.73 46.63 -36.83
N ASP E 382 -41.62 46.22 -37.73
CA ASP E 382 -42.99 46.49 -37.31
C ASP E 382 -43.52 45.33 -36.48
N PRO E 383 -44.28 45.63 -35.42
CA PRO E 383 -44.77 44.55 -34.55
C PRO E 383 -45.72 43.58 -35.24
N LYS E 384 -46.35 43.97 -36.34
CA LYS E 384 -47.32 43.11 -37.00
C LYS E 384 -46.67 41.97 -37.76
N ASP E 385 -45.39 42.10 -38.10
CA ASP E 385 -44.64 41.03 -38.74
C ASP E 385 -43.76 40.27 -37.76
N ILE E 386 -43.95 40.49 -36.46
CA ILE E 386 -43.15 39.85 -35.42
C ILE E 386 -43.96 38.72 -34.81
N CYS E 387 -43.39 37.51 -34.81
CA CYS E 387 -44.04 36.35 -34.23
C CYS E 387 -42.94 35.39 -33.80
N CYS E 388 -42.63 35.36 -32.51
CA CYS E 388 -41.48 34.65 -31.99
C CYS E 388 -41.87 33.80 -30.79
N LEU E 389 -41.05 32.78 -30.52
CA LEU E 389 -41.26 31.83 -29.44
C LEU E 389 -40.01 31.76 -28.58
N VAL E 390 -40.22 31.67 -27.26
CA VAL E 390 -39.13 31.55 -26.30
C VAL E 390 -39.43 30.37 -25.39
N PHE E 391 -38.42 29.54 -25.12
CA PHE E 391 -38.60 28.31 -24.37
C PHE E 391 -37.59 28.23 -23.24
N VAL E 392 -38.06 27.91 -22.04
CA VAL E 392 -37.22 27.73 -20.87
C VAL E 392 -37.62 26.42 -20.17
N GLU E 393 -36.96 26.13 -19.06
CA GLU E 393 -37.17 24.88 -18.34
C GLU E 393 -38.09 25.04 -17.13
N ARG E 394 -37.73 25.91 -16.19
CA ARG E 394 -38.51 26.05 -14.97
C ARG E 394 -39.80 26.81 -15.24
N ARG E 395 -40.84 26.48 -14.46
CA ARG E 395 -42.12 27.16 -14.61
C ARG E 395 -42.03 28.63 -14.22
N TYR E 396 -41.40 28.93 -13.09
CA TYR E 396 -41.26 30.32 -12.66
C TYR E 396 -40.33 31.11 -13.55
N THR E 397 -39.51 30.44 -14.36
CA THR E 397 -38.61 31.16 -15.26
C THR E 397 -39.40 31.93 -16.32
N CYS E 398 -40.49 31.36 -16.81
CA CYS E 398 -41.32 32.08 -17.77
C CYS E 398 -41.81 33.41 -17.19
N LYS E 399 -42.37 33.37 -15.98
CA LYS E 399 -42.89 34.58 -15.35
C LYS E 399 -41.76 35.56 -15.05
N CYS E 400 -40.63 35.07 -14.55
CA CYS E 400 -39.52 35.95 -14.21
C CYS E 400 -38.95 36.64 -15.45
N ILE E 401 -38.78 35.89 -16.53
CA ILE E 401 -38.26 36.46 -17.76
C ILE E 401 -39.26 37.44 -18.36
N TYR E 402 -40.56 37.13 -18.26
CA TYR E 402 -41.57 38.07 -18.72
C TYR E 402 -41.53 39.38 -17.94
N GLY E 403 -41.40 39.29 -16.62
CA GLY E 403 -41.32 40.49 -15.81
C GLY E 403 -40.10 41.33 -16.11
N LEU E 404 -38.94 40.68 -16.24
CA LEU E 404 -37.72 41.40 -16.60
C LEU E 404 -37.84 42.01 -17.99
N LEU E 405 -38.41 41.26 -18.94
CA LEU E 405 -38.48 41.71 -20.32
C LEU E 405 -39.41 42.91 -20.45
N LEU E 406 -40.49 42.95 -19.68
CA LEU E 406 -41.36 44.12 -19.71
C LEU E 406 -40.57 45.38 -19.38
N ASN E 407 -39.83 45.36 -18.27
CA ASN E 407 -39.05 46.53 -17.88
C ASN E 407 -38.00 46.86 -18.94
N TYR E 408 -37.35 45.83 -19.49
CA TYR E 408 -36.35 46.09 -20.53
C TYR E 408 -36.98 46.71 -21.77
N ILE E 409 -38.23 46.34 -22.08
CA ILE E 409 -38.97 46.98 -23.17
C ILE E 409 -39.21 48.45 -22.86
N GLN E 410 -39.69 48.75 -21.65
CA GLN E 410 -39.83 50.16 -21.28
C GLN E 410 -38.49 50.86 -21.23
N SER E 411 -37.43 50.14 -20.88
CA SER E 411 -36.09 50.72 -20.74
C SER E 411 -35.27 50.66 -22.03
N THR E 412 -35.89 50.49 -23.20
CA THR E 412 -35.13 50.49 -24.45
C THR E 412 -35.91 51.21 -25.55
N PRO E 413 -35.40 52.33 -26.05
CA PRO E 413 -36.12 53.05 -27.13
C PRO E 413 -36.26 52.24 -28.40
N GLU E 414 -35.27 51.42 -28.75
CA GLU E 414 -35.38 50.59 -29.94
C GLU E 414 -36.42 49.49 -29.79
N LEU E 415 -36.82 49.19 -28.56
CA LEU E 415 -37.83 48.15 -28.30
C LEU E 415 -38.97 48.69 -27.45
N ARG E 416 -39.20 50.00 -27.44
CA ARG E 416 -40.13 50.59 -26.49
C ARG E 416 -41.57 50.10 -26.72
N ASN E 417 -42.04 50.17 -27.95
CA ASN E 417 -43.42 49.82 -28.29
C ASN E 417 -43.47 48.89 -29.48
N VAL E 418 -42.65 47.85 -29.47
CA VAL E 418 -42.60 46.89 -30.57
C VAL E 418 -42.76 45.45 -30.09
N LEU E 419 -42.68 45.19 -28.79
CA LEU E 419 -42.74 43.84 -28.26
C LEU E 419 -43.89 43.72 -27.26
N THR E 420 -44.62 42.61 -27.35
CA THR E 420 -45.73 42.30 -26.45
C THR E 420 -45.52 40.90 -25.90
N PRO E 421 -44.73 40.77 -24.84
CA PRO E 421 -44.37 39.45 -24.33
C PRO E 421 -45.55 38.75 -23.67
N GLN E 422 -45.39 37.45 -23.46
CA GLN E 422 -46.41 36.64 -22.82
C GLN E 422 -45.77 35.38 -22.26
N PHE E 423 -46.37 34.84 -21.21
CA PHE E 423 -45.86 33.65 -20.55
C PHE E 423 -47.03 32.78 -20.10
N MET E 424 -46.82 31.46 -20.15
CA MET E 424 -47.79 30.50 -19.61
C MET E 424 -47.12 29.13 -19.56
N VAL E 425 -47.63 28.28 -18.67
CA VAL E 425 -47.09 26.95 -18.45
C VAL E 425 -48.23 25.94 -18.36
N GLY E 426 -47.89 24.70 -18.04
CA GLY E 426 -48.86 23.61 -17.99
C GLY E 426 -49.92 23.74 -16.90
N ARG E 427 -50.57 22.61 -16.57
CA ARG E 427 -51.74 22.67 -15.69
C ARG E 427 -51.37 23.18 -14.30
N ASN E 428 -50.13 22.99 -13.87
CA ASN E 428 -49.70 23.47 -12.56
C ASN E 428 -49.60 24.98 -12.66
N ASN E 429 -50.77 25.62 -12.65
CA ASN E 429 -50.89 27.02 -12.98
C ASN E 429 -50.46 27.90 -11.81
N ILE E 430 -50.01 29.10 -12.16
CA ILE E 430 -49.66 30.13 -11.19
C ILE E 430 -50.38 31.41 -11.59
N SER E 431 -50.65 32.26 -10.61
CA SER E 431 -51.38 33.49 -10.88
C SER E 431 -50.57 34.38 -11.81
N PRO E 432 -51.17 34.89 -12.90
CA PRO E 432 -50.40 35.70 -13.86
C PRO E 432 -50.12 37.12 -13.38
N ASP E 433 -50.45 37.46 -12.13
CA ASP E 433 -50.19 38.78 -11.59
C ASP E 433 -49.06 38.71 -10.57
N PHE E 434 -48.73 39.86 -9.97
CA PHE E 434 -47.57 39.98 -9.11
C PHE E 434 -47.86 40.47 -7.71
N GLU E 435 -48.95 41.19 -7.48
CA GLU E 435 -49.16 41.89 -6.22
C GLU E 435 -50.08 41.12 -5.27
N SER E 436 -51.30 40.84 -5.68
CA SER E 436 -52.29 40.23 -4.78
C SER E 436 -53.24 39.37 -5.60
N VAL E 437 -54.31 38.91 -4.96
CA VAL E 437 -55.25 38.00 -5.59
C VAL E 437 -56.26 38.80 -6.40
N LEU E 438 -56.63 38.26 -7.57
CA LEU E 438 -57.65 38.83 -8.44
C LEU E 438 -57.29 40.26 -8.86
N GLU E 439 -56.17 40.38 -9.58
CA GLU E 439 -55.78 41.68 -10.12
C GLU E 439 -56.75 42.15 -11.20
N ARG E 440 -57.22 41.23 -12.04
CA ARG E 440 -58.15 41.58 -13.10
C ARG E 440 -58.96 40.34 -13.47
N LYS E 441 -60.07 40.59 -14.16
CA LYS E 441 -60.89 39.52 -14.73
C LYS E 441 -60.61 39.44 -16.23
N TRP E 442 -60.19 38.28 -16.69
CA TRP E 442 -59.82 38.10 -18.09
C TRP E 442 -60.63 36.94 -18.67
N GLN E 443 -61.00 37.09 -19.94
CA GLN E 443 -61.91 36.15 -20.59
C GLN E 443 -61.27 35.31 -21.67
N LYS E 444 -60.05 35.63 -22.10
CA LYS E 444 -59.31 34.82 -23.06
C LYS E 444 -58.13 34.16 -22.38
N SER E 445 -57.32 33.48 -23.19
CA SER E 445 -56.08 32.88 -22.71
C SER E 445 -54.88 33.65 -23.26
N ALA E 446 -53.72 33.41 -22.65
CA ALA E 446 -52.50 34.05 -23.11
C ALA E 446 -52.19 33.67 -24.55
N ILE E 447 -52.25 32.38 -24.87
CA ILE E 447 -52.07 31.94 -26.24
C ILE E 447 -53.20 32.43 -27.14
N GLN E 448 -54.39 32.65 -26.58
CA GLN E 448 -55.45 33.27 -27.36
C GLN E 448 -55.09 34.71 -27.72
N GLN E 449 -54.51 35.46 -26.79
CA GLN E 449 -54.03 36.80 -27.10
C GLN E 449 -52.93 36.75 -28.16
N PHE E 450 -52.04 35.75 -28.06
CA PHE E 450 -51.02 35.58 -29.10
C PHE E 450 -51.67 35.31 -30.45
N ARG E 451 -52.74 34.51 -30.47
CA ARG E 451 -53.42 34.19 -31.72
C ARG E 451 -54.02 35.44 -32.37
N ASP E 452 -54.62 36.32 -31.56
CA ASP E 452 -55.22 37.54 -32.07
C ASP E 452 -54.18 38.57 -32.50
N GLY E 453 -52.90 38.33 -32.25
CA GLY E 453 -51.87 39.31 -32.48
C GLY E 453 -51.66 40.28 -31.33
N ASN E 454 -52.41 40.14 -30.24
CA ASN E 454 -52.18 40.98 -29.07
C ASN E 454 -50.79 40.73 -28.48
N ALA E 455 -50.33 39.48 -28.52
CA ALA E 455 -49.00 39.12 -28.06
C ALA E 455 -48.18 38.63 -29.24
N ASN E 456 -47.02 39.24 -29.45
CA ASN E 456 -46.10 38.82 -30.50
C ASN E 456 -44.88 38.10 -29.95
N LEU E 457 -44.83 37.87 -28.65
CA LEU E 457 -43.72 37.17 -28.00
C LEU E 457 -44.29 36.15 -27.03
N MET E 458 -43.83 34.90 -27.14
CA MET E 458 -44.37 33.81 -26.35
C MET E 458 -43.23 33.16 -25.57
N ILE E 459 -43.42 33.00 -24.26
CA ILE E 459 -42.47 32.32 -23.40
C ILE E 459 -43.22 31.18 -22.71
N CYS E 460 -42.71 29.96 -22.86
CA CYS E 460 -43.44 28.80 -22.36
C CYS E 460 -42.50 27.65 -22.07
N SER E 461 -42.97 26.77 -21.19
CA SER E 461 -42.31 25.50 -20.88
C SER E 461 -42.69 24.45 -21.91
N SER E 462 -42.47 23.18 -21.59
CA SER E 462 -42.73 22.07 -22.50
C SER E 462 -44.22 21.91 -22.87
N VAL E 463 -45.11 22.82 -22.45
CA VAL E 463 -46.53 22.67 -22.75
C VAL E 463 -46.82 22.90 -24.23
N LEU E 464 -46.16 23.88 -24.86
CA LEU E 464 -46.59 24.38 -26.16
C LEU E 464 -45.86 23.79 -27.36
N GLU E 465 -44.91 22.87 -27.15
CA GLU E 465 -44.25 22.25 -28.28
C GLU E 465 -45.20 21.35 -29.07
N GLU E 466 -46.12 20.68 -28.38
CA GLU E 466 -46.99 19.69 -28.99
C GLU E 466 -48.45 20.10 -28.88
N GLY E 467 -49.23 19.68 -29.86
CA GLY E 467 -50.68 19.86 -29.81
C GLY E 467 -51.27 21.22 -30.14
N ILE E 468 -50.79 22.28 -29.50
CA ILE E 468 -51.35 23.61 -29.69
C ILE E 468 -50.99 24.09 -31.08
N ASP E 469 -51.98 24.11 -31.99
CA ASP E 469 -51.75 24.61 -33.33
C ASP E 469 -51.60 26.12 -33.29
N VAL E 470 -50.45 26.61 -33.77
CA VAL E 470 -50.11 28.02 -33.73
C VAL E 470 -49.75 28.46 -35.15
N GLN E 471 -49.97 29.75 -35.42
CA GLN E 471 -49.53 30.32 -36.68
C GLN E 471 -48.03 30.08 -36.85
N ALA E 472 -47.63 29.72 -38.08
CA ALA E 472 -46.26 29.31 -38.33
C ALA E 472 -45.28 30.44 -38.06
N CYS E 473 -44.53 30.31 -36.97
CA CYS E 473 -43.61 31.36 -36.54
C CYS E 473 -42.37 31.38 -37.43
N ASN E 474 -41.81 32.58 -37.61
CA ASN E 474 -40.55 32.75 -38.31
C ASN E 474 -39.38 33.01 -37.36
N HIS E 475 -39.63 32.98 -36.05
CA HIS E 475 -38.58 33.17 -35.06
C HIS E 475 -38.82 32.23 -33.89
N VAL E 476 -37.79 31.49 -33.52
CA VAL E 476 -37.84 30.59 -32.35
C VAL E 476 -36.54 30.74 -31.58
N PHE E 477 -36.64 30.90 -30.26
CA PHE E 477 -35.47 31.07 -29.41
C PHE E 477 -35.52 30.02 -28.30
N ILE E 478 -34.53 29.14 -28.28
CA ILE E 478 -34.42 28.10 -27.28
C ILE E 478 -33.41 28.59 -26.24
N LEU E 479 -33.91 29.23 -25.18
CA LEU E 479 -33.03 29.84 -24.19
C LEU E 479 -32.27 28.78 -23.40
N ASP E 480 -32.99 27.94 -22.67
CA ASP E 480 -32.35 26.82 -22.00
C ASP E 480 -31.85 25.81 -23.02
N PRO E 481 -30.80 25.06 -22.71
CA PRO E 481 -30.24 24.12 -23.69
C PRO E 481 -31.21 22.99 -23.99
N VAL E 482 -30.90 22.25 -25.05
CA VAL E 482 -31.80 21.19 -25.51
C VAL E 482 -31.93 20.14 -24.43
N LYS E 483 -33.18 19.80 -24.10
CA LYS E 483 -33.48 18.83 -23.05
C LYS E 483 -33.55 17.41 -23.61
N THR E 484 -34.33 17.21 -24.66
CA THR E 484 -34.47 15.90 -25.28
C THR E 484 -34.61 16.07 -26.79
N PHE E 485 -34.51 14.95 -27.51
CA PHE E 485 -34.72 14.96 -28.95
C PHE E 485 -36.13 15.41 -29.31
N ASN E 486 -37.12 14.91 -28.57
CA ASN E 486 -38.52 15.16 -28.91
C ASN E 486 -38.86 16.65 -28.84
N MET E 487 -38.45 17.31 -27.76
CA MET E 487 -38.77 18.72 -27.61
C MET E 487 -38.11 19.56 -28.69
N TYR E 488 -36.86 19.24 -29.04
CA TYR E 488 -36.25 19.86 -30.21
C TYR E 488 -37.11 19.66 -31.45
N VAL E 489 -37.60 18.44 -31.67
CA VAL E 489 -38.38 18.16 -32.86
C VAL E 489 -39.63 19.03 -32.91
N GLN E 490 -40.40 19.06 -31.82
CA GLN E 490 -41.63 19.84 -31.85
C GLN E 490 -41.33 21.34 -31.94
N SER E 491 -40.31 21.82 -31.21
CA SER E 491 -39.99 23.24 -31.22
C SER E 491 -39.57 23.70 -32.62
N LYS E 492 -38.73 22.91 -33.29
CA LYS E 492 -38.36 23.25 -34.66
C LYS E 492 -39.54 23.09 -35.61
N GLY E 493 -40.48 22.19 -35.29
CA GLY E 493 -41.70 22.10 -36.07
C GLY E 493 -42.57 23.34 -35.96
N ARG E 494 -42.56 23.98 -34.79
CA ARG E 494 -43.36 25.19 -34.60
C ARG E 494 -42.94 26.29 -35.58
N ALA E 495 -41.63 26.46 -35.78
CA ALA E 495 -41.11 27.39 -36.76
C ALA E 495 -41.30 26.78 -38.15
N ARG E 496 -42.53 26.86 -38.64
CA ARG E 496 -42.92 26.16 -39.86
C ARG E 496 -42.91 27.03 -41.11
N THR E 497 -43.06 28.34 -40.97
CA THR E 497 -43.10 29.21 -42.13
C THR E 497 -41.70 29.39 -42.72
N THR E 498 -41.62 30.14 -43.82
CA THR E 498 -40.36 30.41 -44.47
C THR E 498 -39.50 31.31 -43.58
N GLU E 499 -38.19 31.32 -43.88
CA GLU E 499 -37.18 32.09 -43.14
C GLU E 499 -37.34 31.96 -41.62
N ALA E 500 -37.83 30.81 -41.18
CA ALA E 500 -38.06 30.57 -39.76
C ALA E 500 -36.73 30.54 -39.01
N LYS E 501 -36.48 31.56 -38.21
CA LYS E 501 -35.21 31.72 -37.53
C LYS E 501 -35.24 30.92 -36.23
N PHE E 502 -34.53 29.80 -36.21
CA PHE E 502 -34.41 28.96 -35.02
C PHE E 502 -33.11 29.33 -34.32
N VAL E 503 -33.20 29.78 -33.07
CA VAL E 503 -32.06 30.29 -32.33
C VAL E 503 -31.87 29.44 -31.08
N LEU E 504 -30.62 29.05 -30.82
CA LEU E 504 -30.27 28.25 -29.68
C LEU E 504 -29.10 28.90 -28.94
N PHE E 505 -29.02 28.65 -27.63
CA PHE E 505 -27.99 29.22 -26.79
C PHE E 505 -27.36 28.12 -25.94
N THR E 506 -26.04 28.21 -25.77
CA THR E 506 -25.30 27.24 -24.98
C THR E 506 -24.04 27.89 -24.43
N ALA E 507 -23.49 27.29 -23.38
CA ALA E 507 -22.27 27.78 -22.76
C ALA E 507 -21.05 27.42 -23.62
N ASP E 508 -19.91 27.99 -23.25
CA ASP E 508 -18.70 27.82 -24.06
C ASP E 508 -18.15 26.40 -23.97
N LYS E 509 -18.11 25.82 -22.77
CA LYS E 509 -17.50 24.51 -22.61
C LYS E 509 -18.46 23.37 -22.94
N GLU E 510 -19.73 23.64 -23.16
CA GLU E 510 -20.67 22.65 -23.68
C GLU E 510 -21.07 22.92 -25.12
N ARG E 511 -20.41 23.88 -25.78
CA ARG E 511 -20.78 24.21 -27.16
C ARG E 511 -20.55 23.02 -28.08
N GLU E 512 -19.36 22.41 -28.00
CA GLU E 512 -19.08 21.23 -28.81
C GLU E 512 -19.99 20.07 -28.42
N LYS E 513 -20.28 19.92 -27.13
CA LYS E 513 -21.21 18.89 -26.69
C LYS E 513 -22.61 19.11 -27.27
N THR E 514 -23.07 20.36 -27.28
CA THR E 514 -24.37 20.65 -27.88
C THR E 514 -24.36 20.36 -29.37
N ILE E 515 -23.27 20.71 -30.06
CA ILE E 515 -23.18 20.46 -31.49
C ILE E 515 -23.22 18.95 -31.78
N GLN E 516 -22.46 18.17 -31.01
CA GLN E 516 -22.47 16.73 -31.26
C GLN E 516 -23.82 16.13 -30.89
N GLN E 517 -24.46 16.63 -29.83
CA GLN E 517 -25.79 16.17 -29.46
C GLN E 517 -26.79 16.38 -30.59
N ILE E 518 -26.86 17.61 -31.12
CA ILE E 518 -27.75 17.86 -32.23
C ILE E 518 -27.31 17.05 -33.45
N TYR E 519 -26.03 16.68 -33.52
CA TYR E 519 -25.59 15.81 -34.61
C TYR E 519 -26.26 14.44 -34.53
N GLN E 520 -26.21 13.77 -33.37
CA GLN E 520 -26.88 12.46 -33.38
C GLN E 520 -28.39 12.64 -33.47
N TYR E 521 -28.92 13.78 -33.02
CA TYR E 521 -30.34 14.05 -33.26
C TYR E 521 -30.66 14.06 -34.75
N ARG E 522 -29.87 14.80 -35.53
CA ARG E 522 -30.10 14.88 -36.97
C ARG E 522 -29.92 13.53 -37.63
N LYS E 523 -28.88 12.78 -37.22
CA LYS E 523 -28.65 11.46 -37.82
C LYS E 523 -29.76 10.49 -37.45
N ALA E 524 -30.31 10.59 -36.24
CA ALA E 524 -31.45 9.76 -35.87
C ALA E 524 -32.67 10.10 -36.72
N HIS E 525 -32.92 11.39 -36.95
CA HIS E 525 -34.04 11.77 -37.81
C HIS E 525 -33.86 11.23 -39.22
N ASN E 526 -32.65 11.36 -39.77
CA ASN E 526 -32.39 10.86 -41.11
C ASN E 526 -32.45 9.33 -41.15
N ASP E 527 -32.03 8.66 -40.08
CA ASP E 527 -32.17 7.21 -40.01
C ASP E 527 -33.62 6.80 -40.03
N ILE E 528 -34.48 7.52 -39.29
CA ILE E 528 -35.91 7.26 -39.35
C ILE E 528 -36.43 7.43 -40.77
N ALA E 529 -36.04 8.52 -41.43
CA ALA E 529 -36.52 8.77 -42.78
C ALA E 529 -36.09 7.66 -43.74
N GLU E 530 -34.81 7.30 -43.72
CA GLU E 530 -34.33 6.29 -44.65
C GLU E 530 -34.89 4.92 -44.34
N TYR E 531 -35.13 4.62 -43.06
CA TYR E 531 -35.74 3.34 -42.70
C TYR E 531 -37.17 3.27 -43.22
N LEU E 532 -37.96 4.33 -42.99
CA LEU E 532 -39.31 4.38 -43.54
C LEU E 532 -39.31 4.22 -45.05
N LYS E 533 -38.35 4.85 -45.73
CA LYS E 533 -38.26 4.67 -47.18
C LYS E 533 -37.77 3.27 -47.57
N ASP E 534 -37.09 2.56 -46.67
CA ASP E 534 -36.51 1.25 -46.99
C ASP E 534 -36.91 0.16 -45.99
N ARG E 535 -38.01 0.33 -45.27
CA ARG E 535 -38.40 -0.66 -44.27
C ARG E 535 -38.98 -1.90 -44.94
N VAL E 536 -39.18 -2.93 -44.12
CA VAL E 536 -39.92 -4.11 -44.56
C VAL E 536 -41.41 -3.78 -44.59
N LEU E 537 -42.03 -3.97 -45.75
CA LEU E 537 -43.40 -3.52 -45.96
C LEU E 537 -44.39 -4.57 -45.50
N GLU E 538 -45.31 -4.17 -44.63
CA GLU E 538 -46.40 -5.03 -44.17
C GLU E 538 -47.69 -4.24 -44.20
N LYS E 539 -48.82 -4.98 -44.24
CA LYS E 539 -50.11 -4.31 -44.38
C LYS E 539 -50.64 -3.83 -43.03
N THR E 540 -50.90 -4.76 -42.11
CA THR E 540 -51.51 -4.41 -40.83
C THR E 540 -50.92 -5.21 -39.67
N GLU E 541 -49.70 -5.73 -39.84
CA GLU E 541 -49.03 -6.56 -38.83
C GLU E 541 -49.89 -7.76 -38.47
N PRO E 542 -50.04 -8.73 -39.38
CA PRO E 542 -50.87 -9.90 -39.09
C PRO E 542 -50.21 -10.94 -38.19
N GLU E 543 -49.03 -10.63 -37.63
CA GLU E 543 -48.30 -11.56 -36.78
C GLU E 543 -48.84 -11.49 -35.35
N LEU E 544 -49.98 -12.16 -35.14
CA LEU E 544 -50.61 -12.15 -33.82
C LEU E 544 -49.73 -12.81 -32.77
N TYR E 545 -48.87 -13.74 -33.17
CA TYR E 545 -48.04 -14.45 -32.19
C TYR E 545 -47.09 -13.48 -31.47
N GLU E 546 -46.40 -12.61 -32.21
CA GLU E 546 -45.53 -11.65 -31.55
C GLU E 546 -46.30 -10.55 -30.85
N ILE E 547 -47.53 -10.26 -31.29
CA ILE E 547 -48.36 -9.29 -30.57
C ILE E 547 -48.71 -9.82 -29.19
N LYS E 548 -49.14 -11.08 -29.11
CA LYS E 548 -49.44 -11.65 -27.81
C LYS E 548 -48.18 -11.92 -27.00
N GLY E 549 -47.03 -12.09 -27.68
CA GLY E 549 -45.77 -12.14 -26.95
C GLY E 549 -45.41 -10.80 -26.33
N HIS E 550 -45.69 -9.71 -27.04
CA HIS E 550 -45.49 -8.37 -26.49
C HIS E 550 -46.45 -8.06 -25.35
N PHE E 551 -47.69 -8.53 -25.44
CA PHE E 551 -48.70 -8.21 -24.43
C PHE E 551 -48.82 -9.23 -23.31
N GLN E 552 -48.11 -10.36 -23.38
CA GLN E 552 -48.24 -11.36 -22.32
C GLN E 552 -47.52 -10.92 -21.04
N ASP E 553 -46.53 -10.03 -21.16
CA ASP E 553 -45.87 -9.50 -19.98
C ASP E 553 -46.86 -8.81 -19.04
N ASP E 554 -47.92 -8.23 -19.61
CA ASP E 554 -48.96 -7.63 -18.80
C ASP E 554 -49.66 -8.70 -17.98
N ILE E 555 -49.90 -8.41 -16.71
CA ILE E 555 -50.81 -9.22 -15.90
C ILE E 555 -52.21 -8.98 -16.46
N ASP E 556 -52.78 -10.01 -17.08
CA ASP E 556 -53.94 -9.81 -17.93
C ASP E 556 -55.12 -9.25 -17.13
N PRO E 557 -55.90 -8.35 -17.70
CA PRO E 557 -56.99 -7.71 -16.94
C PRO E 557 -58.08 -8.71 -16.58
N PHE E 558 -58.51 -8.65 -15.32
CA PHE E 558 -59.64 -9.43 -14.86
C PHE E 558 -60.92 -8.89 -15.47
N THR E 559 -61.79 -9.80 -15.90
CA THR E 559 -63.11 -9.45 -16.43
C THR E 559 -64.18 -10.07 -15.56
N ASN E 560 -65.13 -9.26 -15.13
CA ASN E 560 -66.25 -9.73 -14.31
C ASN E 560 -67.43 -10.09 -15.21
N GLU E 561 -68.59 -10.30 -14.60
CA GLU E 561 -69.77 -10.71 -15.33
C GLU E 561 -70.24 -9.60 -16.28
N ASN E 562 -71.14 -9.97 -17.18
CA ASN E 562 -71.74 -9.05 -18.14
C ASN E 562 -70.70 -8.42 -19.06
N GLY E 563 -69.64 -9.15 -19.37
CA GLY E 563 -68.65 -8.72 -20.34
C GLY E 563 -67.73 -7.60 -19.91
N ALA E 564 -67.99 -6.95 -18.78
CA ALA E 564 -67.13 -5.87 -18.32
C ALA E 564 -65.77 -6.41 -17.88
N VAL E 565 -64.77 -5.54 -17.89
CA VAL E 565 -63.39 -5.93 -17.62
C VAL E 565 -62.76 -4.90 -16.70
N LEU E 566 -61.82 -5.34 -15.88
CA LEU E 566 -61.11 -4.50 -14.93
C LEU E 566 -59.63 -4.49 -15.32
N LEU E 567 -59.15 -3.34 -15.80
CA LEU E 567 -57.79 -3.25 -16.29
C LEU E 567 -56.81 -3.27 -15.13
N PRO E 568 -55.68 -3.98 -15.24
CA PRO E 568 -54.78 -4.08 -14.08
C PRO E 568 -54.20 -2.75 -13.63
N ASN E 569 -53.87 -1.86 -14.58
CA ASN E 569 -53.17 -0.63 -14.21
C ASN E 569 -54.10 0.47 -13.74
N ASN E 570 -55.42 0.33 -13.96
CA ASN E 570 -56.40 1.23 -13.39
C ASN E 570 -56.84 0.81 -11.99
N ALA E 571 -56.24 -0.27 -11.48
CA ALA E 571 -56.75 -0.89 -10.26
C ALA E 571 -56.65 0.04 -9.06
N LEU E 572 -55.47 0.63 -8.84
CA LEU E 572 -55.31 1.46 -7.66
C LEU E 572 -56.05 2.78 -7.80
N ALA E 573 -56.19 3.27 -9.03
CA ALA E 573 -57.00 4.46 -9.27
C ALA E 573 -58.46 4.22 -8.88
N ILE E 574 -59.01 3.08 -9.31
CA ILE E 574 -60.38 2.75 -8.92
C ILE E 574 -60.45 2.48 -7.42
N LEU E 575 -59.40 1.90 -6.86
CA LEU E 575 -59.35 1.66 -5.41
C LEU E 575 -59.48 2.96 -4.65
N HIS E 576 -58.68 3.96 -4.99
CA HIS E 576 -58.76 5.25 -4.32
C HIS E 576 -60.07 5.97 -4.63
N ARG E 577 -60.59 5.79 -5.85
CA ARG E 577 -61.88 6.37 -6.19
C ARG E 577 -62.98 5.86 -5.28
N TYR E 578 -63.01 4.54 -5.05
CA TYR E 578 -63.99 4.01 -4.10
C TYR E 578 -63.66 4.40 -2.67
N CYS E 579 -62.37 4.51 -2.33
CA CYS E 579 -61.99 4.91 -0.98
C CYS E 579 -62.57 6.28 -0.66
N GLN E 580 -62.53 7.20 -1.63
CA GLN E 580 -63.12 8.52 -1.43
C GLN E 580 -64.62 8.44 -1.14
N THR E 581 -65.28 7.36 -1.52
CA THR E 581 -66.72 7.24 -1.28
C THR E 581 -67.04 7.00 0.20
N ILE E 582 -66.15 6.32 0.92
CA ILE E 582 -66.40 6.09 2.35
C ILE E 582 -66.41 7.44 3.08
N PRO E 583 -67.41 7.70 3.92
CA PRO E 583 -67.44 8.97 4.66
C PRO E 583 -66.22 9.13 5.56
N THR E 584 -65.75 10.37 5.66
CA THR E 584 -64.60 10.69 6.50
C THR E 584 -64.79 12.08 7.10
N ASP E 585 -64.16 12.29 8.24
CA ASP E 585 -64.21 13.59 8.91
C ASP E 585 -63.07 14.47 8.39
N ALA E 586 -62.84 15.59 9.08
CA ALA E 586 -61.86 16.57 8.60
C ALA E 586 -60.44 16.01 8.62
N PHE E 587 -60.07 15.30 9.69
CA PHE E 587 -58.70 14.82 9.82
C PHE E 587 -58.52 13.42 9.25
N GLY E 588 -59.49 12.53 9.46
CA GLY E 588 -59.40 11.17 8.96
C GLY E 588 -59.30 11.09 7.46
N PHE E 589 -58.39 10.27 6.96
CA PHE E 589 -58.16 10.14 5.53
C PHE E 589 -58.75 8.84 5.01
N VAL E 590 -59.16 8.87 3.74
CA VAL E 590 -59.61 7.67 3.05
C VAL E 590 -58.50 7.03 2.23
N ILE E 591 -57.30 7.59 2.26
CA ILE E 591 -56.18 7.07 1.47
C ILE E 591 -55.78 5.70 2.04
N PRO E 592 -55.63 4.68 1.19
CA PRO E 592 -55.16 3.39 1.70
C PRO E 592 -53.77 3.49 2.28
N TRP E 593 -53.54 2.73 3.35
CA TRP E 593 -52.25 2.68 4.02
C TRP E 593 -51.54 1.39 3.61
N PHE E 594 -50.42 1.54 2.90
CA PHE E 594 -49.63 0.42 2.42
C PHE E 594 -48.40 0.28 3.30
N HIS E 595 -48.21 -0.91 3.87
CA HIS E 595 -47.05 -1.19 4.72
C HIS E 595 -46.19 -2.23 4.01
N VAL E 596 -44.93 -1.87 3.75
CA VAL E 596 -44.01 -2.80 3.11
C VAL E 596 -43.63 -3.89 4.11
N LEU E 597 -43.65 -5.14 3.66
CA LEU E 597 -43.37 -6.29 4.52
C LEU E 597 -41.93 -6.73 4.31
N GLN E 598 -41.13 -6.68 5.38
CA GLN E 598 -39.73 -7.02 5.31
C GLN E 598 -39.55 -8.53 5.13
N GLU E 599 -38.29 -8.94 5.03
CA GLU E 599 -37.97 -10.30 4.56
C GLU E 599 -38.47 -11.37 5.51
N ASP E 600 -38.37 -11.16 6.83
CA ASP E 600 -38.74 -12.21 7.76
C ASP E 600 -40.24 -12.49 7.74
N GLU E 601 -41.06 -11.43 7.75
CA GLU E 601 -42.50 -11.62 7.66
C GLU E 601 -42.89 -12.24 6.32
N ARG E 602 -42.13 -11.95 5.26
CA ARG E 602 -42.43 -12.48 3.94
C ARG E 602 -42.49 -14.00 3.95
N ASP E 603 -41.37 -14.66 4.29
CA ASP E 603 -41.40 -16.11 4.38
C ASP E 603 -42.08 -16.62 5.64
N ARG E 604 -42.38 -15.74 6.61
CA ARG E 604 -43.24 -16.14 7.71
C ARG E 604 -44.66 -16.43 7.22
N ILE E 605 -45.17 -15.63 6.30
CA ILE E 605 -46.53 -15.79 5.78
C ILE E 605 -46.54 -16.47 4.42
N PHE E 606 -45.53 -16.22 3.59
CA PHE E 606 -45.47 -16.75 2.24
C PHE E 606 -44.34 -17.78 2.14
N GLY E 607 -44.15 -18.28 0.92
CA GLY E 607 -43.18 -19.34 0.67
C GLY E 607 -41.79 -18.79 0.41
N VAL E 608 -40.92 -19.68 -0.08
CA VAL E 608 -39.54 -19.32 -0.39
C VAL E 608 -39.46 -18.30 -1.51
N SER E 609 -40.50 -18.21 -2.36
CA SER E 609 -40.51 -17.21 -3.41
C SER E 609 -40.43 -15.79 -2.86
N ALA E 610 -40.80 -15.59 -1.60
CA ALA E 610 -40.75 -14.29 -0.96
C ALA E 610 -39.37 -13.93 -0.43
N LYS E 611 -38.32 -14.63 -0.87
CA LYS E 611 -36.96 -14.28 -0.44
C LYS E 611 -36.49 -13.00 -1.13
N GLY E 612 -36.39 -13.03 -2.45
CA GLY E 612 -35.92 -11.88 -3.20
C GLY E 612 -37.04 -11.08 -3.84
N LYS E 613 -38.27 -11.59 -3.75
CA LYS E 613 -39.43 -10.93 -4.33
C LYS E 613 -40.22 -10.26 -3.21
N HIS E 614 -40.40 -8.95 -3.31
CA HIS E 614 -40.97 -8.17 -2.23
C HIS E 614 -42.47 -8.46 -2.06
N VAL E 615 -42.97 -8.22 -0.85
CA VAL E 615 -44.38 -8.35 -0.53
C VAL E 615 -44.81 -7.09 0.22
N ILE E 616 -45.98 -6.57 -0.14
CA ILE E 616 -46.54 -5.38 0.50
C ILE E 616 -47.91 -5.74 1.04
N SER E 617 -48.41 -4.89 1.94
CA SER E 617 -49.70 -5.09 2.58
C SER E 617 -50.60 -3.90 2.29
N ILE E 618 -51.90 -4.15 2.34
CA ILE E 618 -52.92 -3.12 2.16
C ILE E 618 -53.72 -3.06 3.46
N ASN E 619 -53.82 -1.87 4.03
CA ASN E 619 -54.49 -1.69 5.31
C ASN E 619 -55.51 -0.57 5.21
N MET E 620 -56.68 -0.78 5.80
CA MET E 620 -57.80 0.12 5.73
C MET E 620 -58.10 0.68 7.12
N PRO E 621 -58.66 1.88 7.20
CA PRO E 621 -59.21 2.36 8.46
C PRO E 621 -60.50 1.64 8.81
N VAL E 622 -60.86 1.70 10.10
CA VAL E 622 -62.10 1.08 10.54
C VAL E 622 -63.30 1.77 9.91
N ASN E 623 -63.20 3.09 9.64
CA ASN E 623 -64.27 3.80 8.95
C ASN E 623 -64.54 3.19 7.58
N CYS E 624 -63.49 2.79 6.88
CA CYS E 624 -63.67 2.10 5.61
C CYS E 624 -64.34 0.75 5.84
N MET E 625 -65.00 0.23 4.80
CA MET E 625 -65.74 -1.02 4.94
C MET E 625 -64.84 -2.16 5.40
N LEU E 626 -63.63 -2.25 4.87
CA LEU E 626 -62.70 -3.30 5.28
C LEU E 626 -62.04 -2.88 6.60
N ARG E 627 -62.13 -3.74 7.61
CA ARG E 627 -61.34 -3.61 8.81
C ARG E 627 -60.21 -4.64 8.87
N ASP E 628 -59.98 -5.38 7.79
CA ASP E 628 -58.92 -6.36 7.71
C ASP E 628 -57.87 -5.93 6.71
N THR E 629 -56.74 -6.62 6.72
CA THR E 629 -55.64 -6.30 5.81
C THR E 629 -55.74 -7.11 4.52
N ILE E 630 -55.07 -6.62 3.49
CA ILE E 630 -54.96 -7.29 2.20
C ILE E 630 -53.48 -7.42 1.86
N TYR E 631 -53.07 -8.61 1.42
CA TYR E 631 -51.69 -8.90 1.10
C TYR E 631 -51.50 -9.00 -0.41
N SER E 632 -50.24 -8.94 -0.82
CA SER E 632 -49.87 -8.88 -2.23
C SER E 632 -49.18 -10.16 -2.68
N ASP E 633 -49.07 -10.31 -3.98
CA ASP E 633 -48.31 -11.40 -4.56
C ASP E 633 -46.82 -11.15 -4.38
N PRO E 634 -46.04 -12.14 -3.96
CA PRO E 634 -44.59 -11.96 -3.86
C PRO E 634 -43.99 -11.70 -5.22
N MET E 635 -43.44 -10.49 -5.39
CA MET E 635 -42.94 -10.08 -6.69
C MET E 635 -41.94 -8.94 -6.46
N ASP E 636 -40.98 -8.81 -7.40
CA ASP E 636 -39.72 -8.14 -7.10
C ASP E 636 -39.86 -6.63 -6.87
N ASN E 637 -40.31 -5.88 -7.86
CA ASN E 637 -40.29 -4.42 -7.79
C ASN E 637 -41.56 -3.89 -7.15
N VAL E 638 -41.41 -2.86 -6.31
CA VAL E 638 -42.56 -2.30 -5.60
C VAL E 638 -43.47 -1.56 -6.57
N LYS E 639 -42.93 -1.03 -7.67
CA LYS E 639 -43.72 -0.22 -8.59
C LYS E 639 -44.90 -1.02 -9.16
N THR E 640 -44.65 -2.24 -9.61
CA THR E 640 -45.70 -3.13 -10.07
C THR E 640 -46.30 -3.98 -8.96
N ALA E 641 -45.60 -4.10 -7.82
CA ALA E 641 -46.20 -4.75 -6.66
C ALA E 641 -47.42 -3.97 -6.18
N LYS E 642 -47.34 -2.64 -6.17
CA LYS E 642 -48.48 -1.82 -5.81
C LYS E 642 -49.67 -2.11 -6.72
N ILE E 643 -49.42 -2.17 -8.02
CA ILE E 643 -50.54 -2.32 -8.96
C ILE E 643 -51.14 -3.71 -8.85
N SER E 644 -50.30 -4.75 -8.66
CA SER E 644 -50.85 -6.09 -8.50
C SER E 644 -51.62 -6.23 -7.18
N ALA E 645 -51.10 -5.63 -6.10
CA ALA E 645 -51.79 -5.68 -4.82
C ALA E 645 -53.14 -4.99 -4.91
N ALA E 646 -53.18 -3.79 -5.49
CA ALA E 646 -54.45 -3.10 -5.66
C ALA E 646 -55.38 -3.85 -6.62
N PHE E 647 -54.80 -4.55 -7.60
CA PHE E 647 -55.62 -5.37 -8.50
C PHE E 647 -56.35 -6.45 -7.74
N LYS E 648 -55.63 -7.20 -6.90
CA LYS E 648 -56.28 -8.22 -6.08
C LYS E 648 -57.27 -7.59 -5.11
N ALA E 649 -56.93 -6.44 -4.54
CA ALA E 649 -57.82 -5.78 -3.59
C ALA E 649 -59.15 -5.40 -4.24
N CYS E 650 -59.10 -4.79 -5.43
CA CYS E 650 -60.34 -4.38 -6.08
C CYS E 650 -61.09 -5.58 -6.63
N LYS E 651 -60.37 -6.62 -7.06
CA LYS E 651 -61.03 -7.86 -7.45
C LYS E 651 -61.85 -8.43 -6.30
N VAL E 652 -61.29 -8.42 -5.08
CA VAL E 652 -62.04 -8.87 -3.92
C VAL E 652 -63.20 -7.92 -3.63
N LEU E 653 -62.94 -6.61 -3.68
CA LEU E 653 -63.94 -5.62 -3.27
C LEU E 653 -65.14 -5.60 -4.20
N TYR E 654 -64.97 -5.99 -5.46
CA TYR E 654 -66.12 -6.03 -6.36
C TYR E 654 -67.17 -7.01 -5.86
N SER E 655 -66.74 -8.16 -5.35
CA SER E 655 -67.67 -9.16 -4.82
C SER E 655 -68.36 -8.69 -3.54
N LEU E 656 -67.82 -7.68 -2.86
CA LEU E 656 -68.38 -7.19 -1.61
C LEU E 656 -69.65 -6.37 -1.81
N GLY E 657 -70.19 -6.30 -3.01
CA GLY E 657 -71.38 -5.51 -3.27
C GLY E 657 -71.17 -4.01 -3.13
N GLU E 658 -70.05 -3.50 -3.62
CA GLU E 658 -69.72 -2.08 -3.55
C GLU E 658 -69.67 -1.44 -4.93
N LEU E 659 -68.85 -1.98 -5.83
CA LEU E 659 -68.77 -1.46 -7.18
C LEU E 659 -69.94 -1.95 -8.03
N ASN E 660 -70.40 -1.09 -8.92
CA ASN E 660 -71.34 -1.51 -9.95
C ASN E 660 -70.56 -2.17 -11.07
N GLU E 661 -71.21 -2.44 -12.20
CA GLU E 661 -70.52 -3.02 -13.33
C GLU E 661 -69.68 -1.98 -14.05
MG MG G . -1.23 -9.64 -32.43
PB ADP H . -3.05 -10.01 -34.06
O1B ADP H . -4.26 -9.64 -34.87
O2B ADP H . -3.32 -10.23 -32.59
O3B ADP H . -1.84 -9.14 -34.34
PA ADP H . -1.09 -11.92 -34.63
O1A ADP H . -0.36 -11.06 -35.63
O2A ADP H . -0.58 -12.05 -33.22
O3A ADP H . -2.64 -11.46 -34.61
O5' ADP H . -1.17 -13.40 -35.28
C5' ADP H . -1.07 -13.51 -36.69
C4' ADP H . 0.15 -14.33 -37.08
O4' ADP H . 0.23 -14.42 -38.50
C3' ADP H . 1.42 -13.66 -36.58
O3' ADP H . 2.11 -14.51 -35.67
C2' ADP H . 2.27 -13.43 -37.82
O2' ADP H . 3.58 -14.01 -37.63
C1' ADP H . 1.55 -14.13 -38.96
N9 ADP H . 1.49 -13.23 -40.13
C8 ADP H . 0.40 -12.60 -40.62
N7 ADP H . 0.71 -11.85 -41.71
C5 ADP H . 2.03 -12.00 -41.94
C6 ADP H . 3.01 -11.49 -42.92
N6 ADP H . 2.64 -10.65 -43.92
N1 ADP H . 4.29 -11.89 -42.79
C2 ADP H . 4.68 -12.72 -41.82
N3 ADP H . 3.85 -13.23 -40.89
C4 ADP H . 2.54 -12.91 -40.90
MG MG I . -52.38 19.62 -36.75
PB ADP J . -51.08 19.37 -39.02
O1B ADP J . -52.54 19.06 -38.75
O2B ADP J . -50.26 19.65 -37.78
O3B ADP J . -50.43 18.46 -40.03
PA ADP J . -51.50 22.13 -38.95
O1A ADP J . -52.50 21.79 -37.88
O2A ADP J . -50.20 22.80 -38.57
O3A ADP J . -51.15 20.79 -39.77
O5' ADP J . -52.23 23.01 -40.08
C5' ADP J . -52.58 24.37 -39.83
C4' ADP J . -53.77 24.72 -40.72
O4' ADP J . -53.50 24.39 -42.08
C3' ADP J . -55.01 23.94 -40.31
O3' ADP J . -55.96 24.80 -39.66
C2' ADP J . -55.61 23.42 -41.61
O2' ADP J . -56.94 23.90 -41.77
C1' ADP J . -54.72 23.96 -42.71
N9 ADP J . -54.48 22.93 -43.75
C8 ADP J . -53.41 22.11 -43.83
N7 ADP J . -53.52 21.28 -44.90
C5 ADP J . -54.70 21.56 -45.51
C6 ADP J . -55.43 21.06 -46.69
N6 ADP J . -54.95 20.07 -47.47
N1 ADP J . -56.63 21.64 -46.99
C2 ADP J . -57.13 22.62 -46.23
N3 ADP J . -56.51 23.12 -45.14
C4 ADP J . -55.32 22.65 -44.75
#